data_9GH5
#
_entry.id   9GH5
#
_cell.length_a   1.00
_cell.length_b   1.00
_cell.length_c   1.00
_cell.angle_alpha   90.00
_cell.angle_beta   90.00
_cell.angle_gamma   90.00
#
_symmetry.space_group_name_H-M   'P 1'
#
loop_
_entity.id
_entity.type
_entity.pdbx_description
1 polymer 'Cell surface protein'
2 polymer 'Carcinoembryonic antigen-related cell adhesion molecule 1'
3 non-polymer 2-acetamido-2-deoxy-beta-D-glucopyranose
4 water water
#
loop_
_entity_poly.entity_id
_entity_poly.type
_entity_poly.pdbx_seq_one_letter_code
_entity_poly.pdbx_strand_id
1 'polypeptide(L)'
;MKKTAIAIAVALAGFATVAQASAAPVIKAGTATDSTEAGVDNVANGVKSSAFGYDNKAIEKESSAFGTGNRATGEFSSAF
GFHNIASKIHSSAFGSNNAADGVNSSAFGFKNTVSGFNSSAFGSQYQVTGNFSGAFGMGEFNGQYQYKNEGNNSYMIGNK
NKIASGSDDNFILGNNVHIGGGINNSVALGNNSTVSASNTVSVGSSTLKRKIVNVGDGAISANSSDAVTGRQLYSGNGID
TAAWQNKLNVTRKNDYKDANDIDVNKWKAKLGVGSGGGGGAPVDAYTKSEADNKFANKTDLNDYTKKDDYKDANGIDVDK
WKAKLGTGAGTADIENLRNEVNEKIDDVKDEVRTVGSLSAALAGLHPMQYDPKAPVQVMAALGHYRDKQSVAVGASYYFN
DRFMMSTGIALSGEKRTKTMANVGFTLKLGKGSGVTYDETPQYVVQNEVKRLTVENQELKERVRNLEEKLNMLLKNKRSS
AWSHPQFEK
;
A,B,C
2 'polypeptide(L)'
;QLTTESMPFNVAEGKEVLLLVHNLPQQLFGYSWYKGERVDGNRQIVGYAIGTQQATPGPANSGRETIYPNASLLIQNVTQ
NDTGFYTLQVIKSDLVNEEATGQFHVYPELPKPSISSNNSNPVEDKDAVAFTCEPETQDTTYLWWINNQSLPVSPRLQLS
NGNRTLTLLSVTRNDTGPYECEIQNPVSANRSDPVTLNVTYGPDTPTISPSDTYYRPGANLSLSCYAASNPPAQYSWLIN
GTFQQSTQELFIPNITVNNSGSYTCHANNSVTGCNRTTVKTIIVTELSPVVAKPQIKASKTTVTGDKDSVNLTCSTNDTG
ISIRWFFKNQSLPSSERMKLSQGNTTLSINPVKREDAGTYWCEVFNPISKNQSDPIMLNVNYNALPQENGLSPGHHHHHH
;
D,E,F
#
# COMPACT_ATOMS: atom_id res chain seq x y z
N ALA A 24 43.38 2.60 5.29
CA ALA A 24 42.84 3.09 4.03
C ALA A 24 41.96 2.05 3.36
N PRO A 25 40.90 2.49 2.67
CA PRO A 25 40.03 1.55 1.96
C PRO A 25 40.80 0.77 0.92
N VAL A 26 40.40 -0.47 0.71
CA VAL A 26 41.08 -1.37 -0.21
C VAL A 26 40.04 -2.21 -0.95
N ILE A 27 40.42 -2.67 -2.14
CA ILE A 27 39.64 -3.64 -2.91
C ILE A 27 40.41 -4.96 -2.91
N LYS A 28 39.74 -6.03 -2.52
CA LYS A 28 40.42 -7.31 -2.37
C LYS A 28 39.39 -8.43 -2.43
N ALA A 29 39.90 -9.64 -2.67
CA ALA A 29 39.05 -10.82 -2.70
C ALA A 29 38.66 -11.24 -1.28
N GLY A 30 37.48 -11.83 -1.17
CA GLY A 30 37.03 -12.37 0.09
C GLY A 30 37.65 -13.72 0.39
N THR A 31 36.96 -14.54 1.17
CA THR A 31 37.43 -15.87 1.51
C THR A 31 36.86 -16.96 0.59
N ALA A 32 36.10 -16.58 -0.43
CA ALA A 32 35.50 -17.53 -1.36
C ALA A 32 35.77 -17.08 -2.78
N THR A 33 35.51 -17.98 -3.72
CA THR A 33 35.72 -17.68 -5.13
C THR A 33 34.82 -16.55 -5.59
N ASP A 34 35.40 -15.58 -6.30
CA ASP A 34 34.66 -14.44 -6.84
C ASP A 34 33.94 -13.66 -5.76
N SER A 35 34.57 -13.54 -4.60
CA SER A 35 34.03 -12.75 -3.50
C SER A 35 34.81 -11.45 -3.39
N THR A 36 34.09 -10.34 -3.25
CA THR A 36 34.67 -9.00 -3.31
C THR A 36 34.46 -8.28 -1.98
N GLU A 37 35.50 -7.60 -1.51
CA GLU A 37 35.42 -6.72 -0.35
C GLU A 37 35.91 -5.34 -0.78
N ALA A 38 35.02 -4.35 -0.73
CA ALA A 38 35.34 -2.99 -1.12
C ALA A 38 35.05 -2.07 0.06
N GLY A 39 36.08 -1.35 0.49
CA GLY A 39 35.93 -0.45 1.63
C GLY A 39 36.86 -0.79 2.77
N VAL A 40 36.43 -0.54 3.99
CA VAL A 40 37.24 -0.77 5.20
C VAL A 40 36.48 -1.71 6.12
N ASP A 41 37.17 -2.76 6.56
CA ASP A 41 36.65 -3.72 7.55
C ASP A 41 35.42 -4.45 7.01
N ASN A 42 35.57 -5.02 5.82
CA ASN A 42 34.51 -5.80 5.20
C ASN A 42 34.85 -7.28 5.23
N VAL A 43 33.81 -8.11 5.23
CA VAL A 43 33.96 -9.56 5.22
C VAL A 43 33.00 -10.13 4.18
N ALA A 44 33.55 -10.93 3.27
CA ALA A 44 32.76 -11.64 2.27
C ALA A 44 33.17 -13.10 2.28
N ASN A 45 32.23 -13.99 2.60
CA ASN A 45 32.53 -15.40 2.76
C ASN A 45 31.82 -16.31 1.78
N GLY A 46 30.71 -15.87 1.19
CA GLY A 46 30.01 -16.69 0.22
C GLY A 46 30.63 -16.62 -1.16
N VAL A 47 30.36 -17.66 -1.96
CA VAL A 47 30.81 -17.67 -3.35
C VAL A 47 30.00 -16.65 -4.13
N LYS A 48 30.69 -15.87 -4.95
CA LYS A 48 30.08 -14.80 -5.74
C LYS A 48 29.36 -13.78 -4.85
N SER A 49 29.87 -13.56 -3.65
CA SER A 49 29.32 -12.59 -2.73
C SER A 49 30.15 -11.31 -2.77
N SER A 50 29.59 -10.24 -2.20
CA SER A 50 30.26 -8.96 -2.20
C SER A 50 29.80 -8.11 -1.02
N ALA A 51 30.74 -7.41 -0.40
CA ALA A 51 30.46 -6.50 0.70
C ALA A 51 31.11 -5.16 0.37
N PHE A 52 30.29 -4.14 0.12
CA PHE A 52 30.76 -2.83 -0.28
C PHE A 52 30.35 -1.81 0.77
N GLY A 53 31.32 -1.05 1.28
CA GLY A 53 31.03 -0.04 2.28
C GLY A 53 31.90 -0.16 3.50
N TYR A 54 31.31 -0.01 4.68
CA TYR A 54 32.04 -0.11 5.95
C TYR A 54 31.36 -1.14 6.84
N ASP A 55 32.15 -2.09 7.34
CA ASP A 55 31.69 -3.09 8.31
C ASP A 55 30.54 -3.92 7.76
N ASN A 56 30.65 -4.36 6.51
CA ASN A 56 29.63 -5.17 5.87
C ASN A 56 30.06 -6.63 5.85
N LYS A 57 29.09 -7.52 6.07
CA LYS A 57 29.33 -8.96 6.05
C LYS A 57 28.38 -9.63 5.07
N ALA A 58 28.93 -10.37 4.12
CA ALA A 58 28.15 -11.19 3.20
C ALA A 58 28.69 -12.61 3.31
N ILE A 59 27.92 -13.50 3.95
CA ILE A 59 28.43 -14.79 4.37
C ILE A 59 27.86 -15.96 3.57
N GLU A 60 26.88 -15.72 2.70
CA GLU A 60 26.27 -16.78 1.93
C GLU A 60 26.49 -16.58 0.44
N LYS A 61 26.18 -17.62 -0.32
CA LYS A 61 26.40 -17.62 -1.76
C LYS A 61 25.54 -16.55 -2.43
N GLU A 62 26.18 -15.76 -3.30
CA GLU A 62 25.51 -14.71 -4.07
C GLU A 62 24.72 -13.77 -3.16
N SER A 63 25.32 -13.41 -2.03
CA SER A 63 24.72 -12.47 -1.10
C SER A 63 25.51 -11.17 -1.14
N SER A 64 24.79 -10.05 -1.11
CA SER A 64 25.40 -8.73 -1.22
C SER A 64 24.99 -7.87 -0.05
N ALA A 65 25.97 -7.15 0.51
CA ALA A 65 25.73 -6.21 1.61
C ALA A 65 26.39 -4.90 1.23
N PHE A 66 25.58 -3.91 0.87
CA PHE A 66 26.07 -2.61 0.43
C PHE A 66 25.60 -1.54 1.40
N GLY A 67 26.53 -0.72 1.89
CA GLY A 67 26.19 0.32 2.82
C GLY A 67 27.07 0.35 4.04
N THR A 68 26.48 0.56 5.22
CA THR A 68 27.22 0.66 6.47
C THR A 68 26.66 -0.37 7.46
N GLY A 69 27.51 -1.29 7.87
CA GLY A 69 27.15 -2.25 8.90
C GLY A 69 26.02 -3.19 8.54
N ASN A 70 25.95 -3.62 7.29
CA ASN A 70 24.91 -4.53 6.85
C ASN A 70 25.34 -5.98 7.02
N ARG A 71 24.36 -6.86 7.15
CA ARG A 71 24.60 -8.29 7.30
C ARG A 71 23.68 -9.05 6.34
N ALA A 72 24.28 -9.89 5.50
CA ALA A 72 23.54 -10.74 4.57
C ALA A 72 23.96 -12.18 4.86
N THR A 73 23.13 -12.89 5.64
CA THR A 73 23.45 -14.23 6.10
C THR A 73 22.62 -15.30 5.42
N GLY A 74 21.95 -14.97 4.33
CA GLY A 74 21.17 -15.93 3.59
C GLY A 74 21.56 -15.93 2.12
N GLU A 75 21.35 -17.07 1.47
CA GLU A 75 21.64 -17.18 0.06
C GLU A 75 20.78 -16.19 -0.72
N PHE A 76 21.37 -15.62 -1.78
CA PHE A 76 20.67 -14.73 -2.71
C PHE A 76 19.99 -13.57 -1.96
N SER A 77 20.50 -13.23 -0.78
CA SER A 77 19.92 -12.18 0.03
C SER A 77 20.74 -10.91 -0.08
N SER A 78 20.06 -9.77 0.00
CA SER A 78 20.70 -8.48 -0.16
C SER A 78 20.26 -7.55 0.97
N ALA A 79 21.22 -6.85 1.55
CA ALA A 79 20.95 -5.86 2.59
C ALA A 79 21.62 -4.56 2.16
N PHE A 80 20.82 -3.57 1.79
CA PHE A 80 21.30 -2.30 1.27
C PHE A 80 20.86 -1.18 2.20
N GLY A 81 21.80 -0.37 2.67
CA GLY A 81 21.47 0.74 3.51
C GLY A 81 22.32 0.86 4.77
N PHE A 82 21.68 0.90 5.93
CA PHE A 82 22.37 1.12 7.20
C PHE A 82 21.89 0.08 8.20
N HIS A 83 22.81 -0.76 8.66
CA HIS A 83 22.55 -1.75 9.72
C HIS A 83 21.37 -2.65 9.36
N ASN A 84 21.38 -3.16 8.14
CA ASN A 84 20.32 -4.03 7.65
C ASN A 84 20.74 -5.49 7.80
N ILE A 85 19.74 -6.35 7.98
CA ILE A 85 19.97 -7.79 8.16
C ILE A 85 19.02 -8.56 7.26
N ALA A 86 19.58 -9.43 6.43
CA ALA A 86 18.82 -10.35 5.61
C ALA A 86 19.30 -11.76 5.92
N SER A 87 18.37 -12.69 6.16
CA SER A 87 18.73 -13.98 6.72
C SER A 87 18.21 -15.20 5.98
N LYS A 88 17.46 -15.04 4.88
CA LYS A 88 16.87 -16.22 4.25
C LYS A 88 17.15 -16.30 2.76
N ILE A 89 16.50 -17.25 2.08
CA ILE A 89 16.92 -17.65 0.74
C ILE A 89 16.67 -16.55 -0.29
N HIS A 90 15.72 -15.66 -0.04
CA HIS A 90 15.54 -14.47 -0.88
C HIS A 90 15.01 -13.38 0.05
N SER A 91 15.91 -12.57 0.59
CA SER A 91 15.55 -11.56 1.57
C SER A 91 16.11 -10.21 1.14
N SER A 92 15.28 -9.18 1.27
CA SER A 92 15.66 -7.82 0.94
C SER A 92 15.40 -6.93 2.14
N ALA A 93 16.45 -6.26 2.61
CA ALA A 93 16.35 -5.30 3.71
C ALA A 93 16.96 -4.00 3.21
N PHE A 94 16.12 -3.11 2.70
CA PHE A 94 16.56 -1.85 2.10
C PHE A 94 16.09 -0.71 2.97
N GLY A 95 17.02 0.09 3.47
CA GLY A 95 16.68 1.20 4.34
C GLY A 95 17.58 1.30 5.55
N SER A 96 16.99 1.49 6.73
CA SER A 96 17.73 1.64 7.97
C SER A 96 17.23 0.64 8.99
N ASN A 97 18.13 -0.20 9.49
CA ASN A 97 17.85 -1.13 10.60
C ASN A 97 16.68 -2.06 10.28
N ASN A 98 16.57 -2.47 9.03
CA ASN A 98 15.56 -3.45 8.64
C ASN A 98 16.10 -4.86 8.81
N ALA A 99 15.24 -5.75 9.30
CA ALA A 99 15.59 -7.15 9.49
C ALA A 99 14.57 -8.01 8.76
N ALA A 100 14.97 -8.58 7.62
CA ALA A 100 14.10 -9.43 6.82
C ALA A 100 14.53 -10.87 7.05
N ASP A 101 13.87 -11.54 8.00
CA ASP A 101 14.15 -12.92 8.33
C ASP A 101 12.93 -13.76 7.93
N GLY A 102 12.88 -14.12 6.65
CA GLY A 102 11.77 -14.88 6.11
C GLY A 102 12.00 -15.18 4.65
N VAL A 103 11.54 -16.35 4.19
CA VAL A 103 11.76 -16.74 2.81
C VAL A 103 10.95 -15.83 1.90
N ASN A 104 11.62 -15.27 0.89
CA ASN A 104 10.98 -14.36 -0.08
C ASN A 104 10.30 -13.19 0.64
N SER A 105 10.95 -12.68 1.68
CA SER A 105 10.41 -11.60 2.48
C SER A 105 11.19 -10.32 2.24
N SER A 106 10.49 -9.19 2.26
CA SER A 106 11.08 -7.88 1.98
C SER A 106 10.74 -6.93 3.11
N ALA A 107 11.76 -6.23 3.61
CA ALA A 107 11.60 -5.20 4.63
C ALA A 107 12.20 -3.91 4.11
N PHE A 108 11.34 -2.94 3.80
CA PHE A 108 11.77 -1.67 3.21
C PHE A 108 11.31 -0.54 4.11
N GLY A 109 12.20 0.42 4.36
CA GLY A 109 11.90 1.57 5.19
C GLY A 109 12.86 1.68 6.37
N PHE A 110 12.32 2.02 7.53
CA PHE A 110 13.09 2.22 8.74
C PHE A 110 12.64 1.25 9.81
N LYS A 111 13.58 0.43 10.31
CA LYS A 111 13.35 -0.51 11.39
C LYS A 111 12.07 -1.32 11.17
N ASN A 112 12.10 -2.11 10.11
CA ASN A 112 11.02 -3.03 9.80
C ASN A 112 11.54 -4.46 9.95
N THR A 113 10.78 -5.29 10.65
CA THR A 113 11.15 -6.69 10.87
C THR A 113 10.07 -7.56 10.25
N VAL A 114 10.46 -8.40 9.30
CA VAL A 114 9.55 -9.35 8.66
C VAL A 114 10.04 -10.75 8.98
N SER A 115 9.20 -11.51 9.69
CA SER A 115 9.56 -12.84 10.14
C SER A 115 8.72 -13.93 9.46
N GLY A 116 7.88 -13.57 8.50
CA GLY A 116 6.97 -14.50 7.88
C GLY A 116 7.46 -14.98 6.52
N PHE A 117 6.63 -15.83 5.91
CA PHE A 117 6.93 -16.43 4.61
C PHE A 117 6.25 -15.63 3.51
N ASN A 118 7.03 -15.12 2.57
CA ASN A 118 6.53 -14.31 1.45
C ASN A 118 5.81 -13.06 1.93
N SER A 119 6.22 -12.51 3.07
CA SER A 119 5.57 -11.32 3.63
C SER A 119 6.44 -10.10 3.39
N SER A 120 5.79 -8.93 3.37
CA SER A 120 6.44 -7.68 3.05
C SER A 120 6.05 -6.62 4.09
N ALA A 121 6.88 -5.59 4.20
CA ALA A 121 6.59 -4.49 5.09
C ALA A 121 7.27 -3.24 4.58
N PHE A 122 6.52 -2.14 4.49
CA PHE A 122 7.05 -0.85 4.08
C PHE A 122 6.57 0.21 5.06
N GLY A 123 7.50 1.05 5.51
CA GLY A 123 7.15 2.06 6.49
C GLY A 123 8.18 2.17 7.59
N SER A 124 7.74 2.45 8.82
CA SER A 124 8.65 2.62 9.94
C SER A 124 8.14 1.86 11.16
N GLN A 125 9.05 1.09 11.78
CA GLN A 125 8.79 0.48 13.08
C GLN A 125 7.59 -0.45 13.05
N TYR A 126 7.56 -1.35 12.08
CA TYR A 126 6.49 -2.33 11.93
C TYR A 126 7.07 -3.73 11.86
N GLN A 127 6.36 -4.68 12.46
CA GLN A 127 6.75 -6.09 12.45
C GLN A 127 5.64 -6.93 11.86
N VAL A 128 6.02 -7.88 11.01
CA VAL A 128 5.08 -8.77 10.33
C VAL A 128 5.55 -10.19 10.58
N THR A 129 4.94 -10.89 11.53
CA THR A 129 5.27 -12.28 11.80
C THR A 129 4.34 -13.26 11.11
N GLY A 130 3.29 -12.78 10.44
CA GLY A 130 2.38 -13.66 9.75
C GLY A 130 2.92 -14.12 8.41
N ASN A 131 2.23 -15.11 7.85
CA ASN A 131 2.61 -15.69 6.57
C ASN A 131 1.76 -15.07 5.47
N PHE A 132 2.42 -14.67 4.37
CA PHE A 132 1.76 -14.00 3.25
C PHE A 132 1.01 -12.76 3.71
N SER A 133 1.60 -12.02 4.64
CA SER A 133 1.01 -10.83 5.22
C SER A 133 1.81 -9.60 4.82
N GLY A 134 1.30 -8.43 5.19
CA GLY A 134 1.97 -7.19 4.84
C GLY A 134 1.51 -6.05 5.73
N ALA A 135 2.35 -5.02 5.79
CA ALA A 135 2.06 -3.83 6.57
C ALA A 135 2.64 -2.62 5.86
N PHE A 136 1.86 -1.54 5.80
CA PHE A 136 2.29 -0.30 5.15
C PHE A 136 1.84 0.85 6.05
N GLY A 137 2.79 1.40 6.79
CA GLY A 137 2.49 2.47 7.73
C GLY A 137 3.57 2.58 8.78
N MET A 138 3.19 3.13 9.94
CA MET A 138 4.10 3.33 11.05
C MET A 138 3.56 2.63 12.29
N GLY A 139 4.43 1.89 12.95
CA GLY A 139 4.10 1.28 14.23
C GLY A 139 4.79 1.97 15.37
N GLU A 140 5.39 1.20 16.28
CA GLU A 140 6.12 1.77 17.40
C GLU A 140 7.13 0.77 17.91
N PHE A 141 8.33 1.25 18.25
CA PHE A 141 9.41 0.42 18.74
C PHE A 141 10.13 1.17 19.85
N ASN A 142 9.72 0.93 21.10
CA ASN A 142 10.44 1.53 22.22
C ASN A 142 11.67 0.71 22.57
N GLY A 143 11.49 -0.54 22.96
CA GLY A 143 12.56 -1.51 23.04
C GLY A 143 12.16 -2.81 22.37
N GLN A 144 10.86 -2.94 22.14
CA GLN A 144 10.28 -4.06 21.42
C GLN A 144 9.18 -3.53 20.51
N TYR A 145 8.86 -4.31 19.47
CA TYR A 145 7.78 -3.93 18.57
C TYR A 145 6.45 -4.02 19.30
N GLN A 146 5.78 -2.88 19.46
CA GLN A 146 4.52 -2.83 20.18
C GLN A 146 3.33 -3.16 19.29
N TYR A 147 3.43 -2.91 17.99
CA TYR A 147 2.35 -3.18 17.05
C TYR A 147 2.89 -4.09 15.96
N LYS A 148 2.31 -5.29 15.85
CA LYS A 148 2.80 -6.28 14.89
C LYS A 148 1.62 -6.95 14.20
N ASN A 149 1.89 -7.45 13.00
CA ASN A 149 0.92 -8.22 12.23
C ASN A 149 1.28 -9.70 12.40
N GLU A 150 0.45 -10.42 13.17
CA GLU A 150 0.68 -11.83 13.43
C GLU A 150 -0.31 -12.73 12.71
N GLY A 151 -1.15 -12.17 11.85
CA GLY A 151 -2.13 -12.94 11.12
C GLY A 151 -1.65 -13.34 9.74
N ASN A 152 -2.17 -14.45 9.24
CA ASN A 152 -1.83 -14.95 7.92
C ASN A 152 -2.77 -14.34 6.88
N ASN A 153 -2.22 -14.04 5.71
CA ASN A 153 -3.00 -13.48 4.60
C ASN A 153 -3.73 -12.21 5.02
N SER A 154 -3.05 -11.36 5.80
CA SER A 154 -3.65 -10.15 6.33
C SER A 154 -2.77 -8.96 6.02
N TYR A 155 -3.40 -7.80 5.81
CA TYR A 155 -2.69 -6.59 5.43
C TYR A 155 -3.22 -5.41 6.22
N MET A 156 -2.30 -4.56 6.68
CA MET A 156 -2.64 -3.37 7.44
C MET A 156 -2.02 -2.15 6.77
N ILE A 157 -2.85 -1.13 6.52
CA ILE A 157 -2.38 0.14 6.02
C ILE A 157 -2.86 1.21 7.00
N GLY A 158 -1.92 1.86 7.68
CA GLY A 158 -2.25 2.84 8.67
C GLY A 158 -1.20 2.88 9.76
N ASN A 159 -1.54 3.58 10.84
CA ASN A 159 -0.62 3.82 11.95
C ASN A 159 -1.06 3.04 13.18
N LYS A 160 -0.11 2.36 13.82
CA LYS A 160 -0.32 1.71 15.11
C LYS A 160 -1.49 0.72 15.05
N ASN A 161 -1.34 -0.28 14.19
CA ASN A 161 -2.36 -1.30 13.98
C ASN A 161 -1.85 -2.64 14.49
N LYS A 162 -2.77 -3.42 15.05
CA LYS A 162 -2.43 -4.72 15.64
C LYS A 162 -3.37 -5.79 15.12
N ILE A 163 -2.80 -6.95 14.80
CA ILE A 163 -3.57 -8.14 14.45
C ILE A 163 -3.03 -9.29 15.29
N ALA A 164 -3.89 -9.87 16.13
CA ALA A 164 -3.47 -10.93 17.02
C ALA A 164 -3.23 -12.23 16.25
N SER A 165 -2.42 -13.10 16.85
CA SER A 165 -2.15 -14.39 16.25
C SER A 165 -3.40 -15.25 16.21
N GLY A 166 -3.60 -15.96 15.10
CA GLY A 166 -4.78 -16.76 14.89
C GLY A 166 -5.92 -16.04 14.19
N SER A 167 -5.81 -14.74 13.98
CA SER A 167 -6.79 -13.96 13.25
C SER A 167 -6.25 -13.73 11.83
N ASP A 168 -6.85 -14.41 10.85
CA ASP A 168 -6.33 -14.45 9.50
C ASP A 168 -7.34 -13.83 8.52
N ASP A 169 -6.83 -13.49 7.34
CA ASP A 169 -7.63 -12.90 6.26
C ASP A 169 -8.34 -11.64 6.73
N ASN A 170 -7.59 -10.77 7.42
CA ASN A 170 -8.11 -9.51 7.91
C ASN A 170 -7.41 -8.36 7.19
N PHE A 171 -8.16 -7.31 6.91
CA PHE A 171 -7.62 -6.14 6.24
C PHE A 171 -7.98 -4.88 7.01
N ILE A 172 -7.00 -4.00 7.17
CA ILE A 172 -7.16 -2.79 7.97
C ILE A 172 -6.77 -1.59 7.11
N LEU A 173 -7.64 -0.59 7.06
CA LEU A 173 -7.36 0.69 6.43
C LEU A 173 -7.73 1.77 7.45
N GLY A 174 -6.80 2.05 8.36
CA GLY A 174 -7.08 2.99 9.42
C GLY A 174 -5.97 2.98 10.45
N ASN A 175 -6.16 3.76 11.49
CA ASN A 175 -5.20 3.89 12.58
C ASN A 175 -5.81 3.37 13.88
N ASN A 176 -4.93 2.90 14.76
CA ASN A 176 -5.31 2.46 16.11
C ASN A 176 -6.38 1.37 16.06
N VAL A 177 -6.25 0.46 15.10
CA VAL A 177 -7.18 -0.65 14.95
C VAL A 177 -6.51 -1.90 15.48
N HIS A 178 -7.04 -2.46 16.57
CA HIS A 178 -6.51 -3.67 17.18
C HIS A 178 -7.52 -4.80 16.96
N ILE A 179 -7.05 -5.90 16.39
CA ILE A 179 -7.89 -7.06 16.13
C ILE A 179 -7.47 -8.16 17.09
N GLY A 180 -8.42 -8.69 17.85
CA GLY A 180 -8.15 -9.72 18.83
C GLY A 180 -8.09 -11.09 18.19
N GLY A 181 -8.07 -12.11 19.04
CA GLY A 181 -8.01 -13.48 18.57
C GLY A 181 -9.34 -13.99 18.07
N GLY A 182 -9.27 -14.92 17.13
CA GLY A 182 -10.47 -15.53 16.58
C GLY A 182 -11.36 -14.58 15.81
N ILE A 183 -10.78 -13.74 14.96
CA ILE A 183 -11.53 -12.80 14.13
C ILE A 183 -10.98 -12.94 12.72
N ASN A 184 -11.69 -13.67 11.86
CA ASN A 184 -11.27 -13.91 10.49
C ASN A 184 -12.22 -13.22 9.52
N ASN A 185 -11.70 -12.96 8.31
CA ASN A 185 -12.49 -12.42 7.20
C ASN A 185 -13.16 -11.10 7.59
N SER A 186 -12.37 -10.15 8.06
CA SER A 186 -12.88 -8.88 8.53
C SER A 186 -12.13 -7.73 7.89
N VAL A 187 -12.83 -6.61 7.69
CA VAL A 187 -12.25 -5.40 7.13
C VAL A 187 -12.55 -4.24 8.07
N ALA A 188 -11.53 -3.46 8.38
CA ALA A 188 -11.68 -2.27 9.22
C ALA A 188 -11.29 -1.05 8.42
N LEU A 189 -12.16 -0.04 8.41
CA LEU A 189 -11.96 1.17 7.63
C LEU A 189 -12.02 2.38 8.55
N GLY A 190 -11.05 3.28 8.41
CA GLY A 190 -11.10 4.57 9.05
C GLY A 190 -10.30 4.63 10.34
N ASN A 191 -10.09 5.86 10.80
CA ASN A 191 -9.39 6.11 12.05
C ASN A 191 -10.17 5.54 13.23
N ASN A 192 -9.44 4.87 14.14
CA ASN A 192 -10.00 4.38 15.40
C ASN A 192 -11.17 3.44 15.19
N SER A 193 -11.13 2.63 14.12
CA SER A 193 -12.18 1.65 13.90
C SER A 193 -12.02 0.47 14.84
N THR A 194 -13.08 -0.32 14.96
CA THR A 194 -13.10 -1.44 15.89
C THR A 194 -13.75 -2.64 15.23
N VAL A 195 -13.08 -3.80 15.31
CA VAL A 195 -13.60 -5.07 14.80
C VAL A 195 -13.88 -5.97 15.99
N SER A 196 -15.09 -6.53 16.05
CA SER A 196 -15.49 -7.37 17.16
C SER A 196 -16.03 -8.73 16.74
N ALA A 197 -16.09 -9.04 15.45
CA ALA A 197 -16.63 -10.30 15.01
C ALA A 197 -16.04 -10.65 13.65
N SER A 198 -16.30 -11.87 13.20
CA SER A 198 -15.83 -12.35 11.92
C SER A 198 -16.85 -12.08 10.83
N ASN A 199 -16.37 -12.08 9.58
CA ASN A 199 -17.20 -11.87 8.40
C ASN A 199 -18.00 -10.56 8.49
N THR A 200 -17.32 -9.50 8.93
CA THR A 200 -17.95 -8.18 9.04
C THR A 200 -17.01 -7.14 8.47
N VAL A 201 -17.60 -6.04 8.01
CA VAL A 201 -16.86 -4.85 7.59
C VAL A 201 -17.21 -3.75 8.57
N SER A 202 -16.20 -3.23 9.28
CA SER A 202 -16.41 -2.26 10.33
C SER A 202 -16.02 -0.87 9.82
N VAL A 203 -16.89 0.10 10.04
CA VAL A 203 -16.72 1.47 9.58
C VAL A 203 -16.38 2.40 10.73
N GLY A 204 -16.64 1.99 11.96
CA GLY A 204 -16.31 2.81 13.11
C GLY A 204 -16.29 1.95 14.36
N SER A 205 -16.28 2.64 15.50
CA SER A 205 -16.31 1.99 16.80
C SER A 205 -17.65 2.27 17.48
N SER A 206 -17.79 1.77 18.71
CA SER A 206 -19.02 2.01 19.46
C SER A 206 -19.20 3.47 19.84
N THR A 207 -18.12 4.24 19.87
CA THR A 207 -18.16 5.65 20.21
C THR A 207 -18.32 6.55 18.99
N LEU A 208 -17.55 6.28 17.93
CA LEU A 208 -17.62 7.05 16.70
C LEU A 208 -18.16 6.15 15.59
N LYS A 209 -19.32 6.51 15.05
CA LYS A 209 -19.95 5.77 13.98
C LYS A 209 -20.02 6.65 12.74
N ARG A 210 -19.50 6.15 11.63
CA ARG A 210 -19.43 6.92 10.39
C ARG A 210 -20.67 6.68 9.54
N LYS A 211 -21.01 7.68 8.73
CA LYS A 211 -22.04 7.54 7.73
C LYS A 211 -21.42 7.08 6.41
N ILE A 212 -22.22 6.39 5.61
CA ILE A 212 -21.81 5.97 4.27
C ILE A 212 -22.64 6.81 3.30
N VAL A 213 -21.95 7.70 2.57
CA VAL A 213 -22.61 8.66 1.72
C VAL A 213 -22.41 8.26 0.26
N ASN A 214 -23.19 8.87 -0.63
CA ASN A 214 -23.07 8.67 -2.08
C ASN A 214 -23.23 7.20 -2.45
N VAL A 215 -24.24 6.56 -1.86
CA VAL A 215 -24.53 5.15 -2.14
C VAL A 215 -25.60 5.09 -3.23
N GLY A 216 -25.36 4.26 -4.23
CA GLY A 216 -26.36 4.06 -5.26
C GLY A 216 -27.58 3.34 -4.74
N ASP A 217 -28.69 3.49 -5.46
CA ASP A 217 -29.95 2.89 -5.04
C ASP A 217 -29.82 1.37 -5.00
N GLY A 218 -30.47 0.76 -4.01
CA GLY A 218 -30.44 -0.67 -3.88
C GLY A 218 -31.27 -1.40 -4.92
N ALA A 219 -31.62 -2.64 -4.64
CA ALA A 219 -32.32 -3.51 -5.57
C ALA A 219 -33.46 -4.23 -4.87
N ILE A 220 -34.32 -3.47 -4.18
CA ILE A 220 -35.35 -4.02 -3.30
C ILE A 220 -36.09 -5.16 -4.01
N SER A 221 -36.03 -6.34 -3.43
CA SER A 221 -36.55 -7.56 -4.04
C SER A 221 -36.50 -8.67 -2.99
N ALA A 222 -36.87 -9.88 -3.40
CA ALA A 222 -36.97 -10.99 -2.46
C ALA A 222 -35.61 -11.48 -2.00
N ASN A 223 -34.63 -11.48 -2.90
CA ASN A 223 -33.34 -12.11 -2.63
C ASN A 223 -32.15 -11.18 -2.75
N SER A 224 -32.36 -9.91 -3.09
CA SER A 224 -31.23 -9.01 -3.32
C SER A 224 -30.49 -8.73 -2.02
N SER A 225 -29.16 -8.71 -2.11
CA SER A 225 -28.30 -8.34 -0.99
C SER A 225 -27.59 -7.06 -1.40
N ASP A 226 -28.24 -5.93 -1.14
CA ASP A 226 -27.69 -4.63 -1.48
C ASP A 226 -27.70 -3.72 -0.26
N ALA A 227 -27.47 -2.43 -0.45
CA ALA A 227 -27.55 -1.45 0.63
C ALA A 227 -28.59 -0.41 0.25
N VAL A 228 -29.75 -0.44 0.92
CA VAL A 228 -30.77 0.54 0.62
C VAL A 228 -30.33 1.91 1.12
N THR A 229 -30.87 2.95 0.49
CA THR A 229 -30.45 4.32 0.76
C THR A 229 -31.55 5.07 1.50
N GLY A 230 -31.27 6.33 1.81
CA GLY A 230 -32.24 7.14 2.52
C GLY A 230 -33.51 7.37 1.70
N ARG A 231 -33.36 7.64 0.41
CA ARG A 231 -34.54 7.87 -0.43
C ARG A 231 -35.36 6.59 -0.59
N GLN A 232 -34.70 5.44 -0.68
CA GLN A 232 -35.41 4.18 -0.83
C GLN A 232 -36.29 3.89 0.37
N LEU A 233 -35.74 4.07 1.58
CA LEU A 233 -36.54 3.87 2.79
C LEU A 233 -37.56 4.98 2.97
N TYR A 234 -37.26 6.18 2.47
CA TYR A 234 -38.20 7.29 2.57
C TYR A 234 -39.45 7.03 1.74
N SER A 235 -39.27 6.67 0.46
CA SER A 235 -40.39 6.43 -0.43
C SER A 235 -40.95 5.03 -0.29
N GLY A 236 -40.09 4.04 -0.07
CA GLY A 236 -40.56 2.67 0.09
C GLY A 236 -40.98 2.00 -1.19
N ASN A 237 -40.46 2.45 -2.34
CA ASN A 237 -40.82 1.84 -3.61
C ASN A 237 -40.29 0.41 -3.69
N GLY A 238 -41.12 -0.49 -4.20
CA GLY A 238 -40.72 -1.87 -4.40
C GLY A 238 -40.86 -2.78 -3.20
N ILE A 239 -41.40 -2.29 -2.08
CA ILE A 239 -41.59 -3.16 -0.92
C ILE A 239 -42.67 -4.19 -1.23
N ASP A 240 -42.66 -5.26 -0.44
CA ASP A 240 -43.69 -6.29 -0.54
C ASP A 240 -44.98 -5.73 0.06
N THR A 241 -45.85 -5.21 -0.80
CA THR A 241 -47.09 -4.59 -0.33
C THR A 241 -48.03 -5.59 0.33
N ALA A 242 -47.82 -6.89 0.13
CA ALA A 242 -48.63 -7.92 0.77
C ALA A 242 -48.05 -8.42 2.08
N ALA A 243 -46.73 -8.62 2.13
CA ALA A 243 -46.11 -9.05 3.38
C ALA A 243 -46.20 -7.97 4.44
N TRP A 244 -45.93 -6.71 4.06
CA TRP A 244 -46.02 -5.61 5.01
C TRP A 244 -47.42 -5.41 5.54
N GLN A 245 -48.44 -5.75 4.75
CA GLN A 245 -49.82 -5.62 5.16
C GLN A 245 -50.26 -6.74 6.11
N ASN A 246 -49.42 -7.73 6.34
CA ASN A 246 -49.67 -8.75 7.35
C ASN A 246 -48.87 -8.51 8.62
N LYS A 247 -47.63 -8.06 8.51
CA LYS A 247 -46.87 -7.66 9.69
C LYS A 247 -47.53 -6.50 10.40
N LEU A 248 -47.96 -5.49 9.64
CA LEU A 248 -48.81 -4.42 10.14
C LEU A 248 -50.24 -4.77 9.75
N ASN A 249 -51.11 -4.96 10.74
CA ASN A 249 -52.50 -5.35 10.45
C ASN A 249 -53.21 -4.12 9.90
N VAL A 250 -53.03 -3.87 8.62
CA VAL A 250 -53.67 -2.73 7.98
C VAL A 250 -55.06 -3.15 7.53
N THR A 251 -55.91 -2.15 7.33
CA THR A 251 -57.26 -2.34 6.78
C THR A 251 -57.28 -1.64 5.43
N ARG A 252 -57.21 -2.43 4.36
CA ARG A 252 -57.16 -1.86 3.02
C ARG A 252 -58.43 -1.06 2.75
N LYS A 253 -58.26 0.09 2.10
CA LYS A 253 -59.38 0.98 1.82
C LYS A 253 -60.44 0.31 0.96
N ASN A 254 -60.06 -0.67 0.14
CA ASN A 254 -61.05 -1.42 -0.64
C ASN A 254 -62.01 -2.18 0.25
N ASP A 255 -61.49 -2.92 1.23
CA ASP A 255 -62.33 -3.63 2.19
C ASP A 255 -63.08 -2.67 3.11
N TYR A 256 -62.43 -1.58 3.53
CA TYR A 256 -63.09 -0.60 4.38
C TYR A 256 -64.29 0.00 3.67
N LYS A 257 -64.13 0.34 2.39
CA LYS A 257 -65.20 0.91 1.58
C LYS A 257 -66.23 -0.12 1.16
N ASP A 258 -65.96 -1.42 1.35
CA ASP A 258 -66.87 -2.46 0.88
C ASP A 258 -67.23 -3.45 2.00
N ALA A 259 -66.86 -3.14 3.25
CA ALA A 259 -67.26 -3.92 4.42
C ALA A 259 -66.79 -5.38 4.34
N ASN A 260 -65.69 -5.63 3.63
CA ASN A 260 -65.10 -6.95 3.65
C ASN A 260 -64.46 -7.23 5.00
N ASP A 261 -64.60 -8.48 5.47
CA ASP A 261 -63.96 -8.95 6.69
C ASP A 261 -64.42 -8.11 7.90
N ILE A 262 -65.72 -8.21 8.18
CA ILE A 262 -66.32 -7.61 9.36
C ILE A 262 -67.21 -8.63 10.04
N ASP A 263 -67.48 -8.37 11.32
CA ASP A 263 -68.51 -9.09 12.05
C ASP A 263 -69.83 -8.34 11.93
N VAL A 264 -70.90 -9.10 11.66
CA VAL A 264 -72.21 -8.50 11.50
C VAL A 264 -73.11 -8.71 12.71
N ASN A 265 -72.83 -9.71 13.54
CA ASN A 265 -73.68 -9.97 14.70
C ASN A 265 -73.44 -8.99 15.83
N LYS A 266 -72.32 -8.28 15.83
CA LYS A 266 -71.97 -7.42 16.97
C LYS A 266 -71.67 -6.00 16.53
N TRP A 267 -71.35 -5.80 15.24
CA TRP A 267 -71.38 -4.45 14.70
C TRP A 267 -72.79 -3.89 14.73
N LYS A 268 -73.79 -4.75 14.49
CA LYS A 268 -75.18 -4.36 14.67
C LYS A 268 -75.53 -4.04 16.12
N ALA A 269 -74.72 -4.48 17.07
CA ALA A 269 -75.01 -4.20 18.48
C ALA A 269 -74.65 -2.76 18.83
N LYS A 270 -73.39 -2.37 18.61
CA LYS A 270 -72.97 -1.01 18.91
C LYS A 270 -73.69 0.00 18.02
N LEU A 271 -73.91 -0.34 16.76
CA LEU A 271 -74.52 0.56 15.81
C LEU A 271 -76.03 0.40 15.71
N GLY A 272 -76.63 -0.48 16.52
CA GLY A 272 -78.07 -0.67 16.50
C GLY A 272 -78.56 -1.35 15.24
N ALA B 24 41.14 -11.74 -9.12
CA ALA B 24 40.96 -10.84 -7.99
C ALA B 24 40.13 -9.63 -8.39
N PRO B 25 39.33 -9.10 -7.47
CA PRO B 25 38.54 -7.90 -7.75
C PRO B 25 39.44 -6.73 -8.11
N VAL B 26 38.94 -5.87 -8.99
CA VAL B 26 39.70 -4.72 -9.47
C VAL B 26 38.77 -3.54 -9.65
N ILE B 27 39.33 -2.34 -9.56
CA ILE B 27 38.64 -1.10 -9.89
C ILE B 27 39.24 -0.56 -11.17
N LYS B 28 38.39 -0.24 -12.14
CA LYS B 28 38.87 0.17 -13.45
C LYS B 28 37.77 0.92 -14.18
N ALA B 29 38.17 1.67 -15.20
CA ALA B 29 37.23 2.40 -16.04
C ALA B 29 36.51 1.46 -16.98
N GLY B 30 35.25 1.80 -17.28
CA GLY B 30 34.48 1.04 -18.23
C GLY B 30 34.86 1.37 -19.66
N THR B 31 33.92 1.23 -20.59
CA THR B 31 34.15 1.53 -21.99
C THR B 31 33.69 2.93 -22.37
N ALA B 32 33.22 3.72 -21.43
CA ALA B 32 32.74 5.07 -21.69
C ALA B 32 33.37 6.03 -20.68
N THR B 33 33.22 7.32 -20.96
CA THR B 33 33.78 8.35 -20.09
C THR B 33 33.13 8.30 -18.71
N ASP B 34 33.96 8.34 -17.67
CA ASP B 34 33.50 8.34 -16.28
C ASP B 34 32.64 7.13 -15.96
N SER B 35 33.01 5.98 -16.53
CA SER B 35 32.33 4.73 -16.26
C SER B 35 33.20 3.87 -15.36
N THR B 36 32.59 3.30 -14.32
CA THR B 36 33.32 2.59 -13.27
C THR B 36 32.90 1.13 -13.22
N GLU B 37 33.89 0.24 -13.08
CA GLU B 37 33.66 -1.17 -12.85
C GLU B 37 34.37 -1.56 -11.55
N ALA B 38 33.60 -2.01 -10.56
CA ALA B 38 34.14 -2.40 -9.27
C ALA B 38 33.71 -3.83 -8.98
N GLY B 39 34.67 -4.69 -8.63
CA GLY B 39 34.41 -6.08 -8.41
C GLY B 39 35.08 -6.95 -9.46
N VAL B 40 34.45 -8.08 -9.75
CA VAL B 40 34.96 -9.04 -10.72
C VAL B 40 33.89 -9.28 -11.77
N ASP B 41 34.30 -9.31 -13.04
CA ASP B 41 33.44 -9.63 -14.18
C ASP B 41 32.29 -8.62 -14.30
N ASN B 42 32.65 -7.34 -14.34
CA ASN B 42 31.68 -6.28 -14.48
C ASN B 42 31.82 -5.61 -15.85
N VAL B 43 30.72 -5.04 -16.33
CA VAL B 43 30.69 -4.34 -17.61
C VAL B 43 29.94 -3.03 -17.41
N ALA B 44 30.57 -1.92 -17.78
CA ALA B 44 29.94 -0.59 -17.73
C ALA B 44 30.19 0.08 -19.07
N ASN B 45 29.11 0.36 -19.80
CA ASN B 45 29.21 0.89 -21.16
C ASN B 45 28.63 2.28 -21.34
N GLY B 46 27.78 2.75 -20.42
CA GLY B 46 27.22 4.08 -20.55
C GLY B 46 28.11 5.14 -19.95
N VAL B 47 27.91 6.38 -20.43
CA VAL B 47 28.64 7.51 -19.88
C VAL B 47 28.14 7.80 -18.48
N LYS B 48 29.08 8.01 -17.55
CA LYS B 48 28.77 8.24 -16.14
C LYS B 48 27.99 7.08 -15.54
N SER B 49 28.23 5.87 -16.01
CA SER B 49 27.60 4.67 -15.49
C SER B 49 28.56 3.94 -14.55
N SER B 50 28.02 2.98 -13.81
CA SER B 50 28.82 2.24 -12.85
C SER B 50 28.19 0.88 -12.59
N ALA B 51 29.04 -0.13 -12.43
CA ALA B 51 28.62 -1.49 -12.12
C ALA B 51 29.48 -1.99 -10.97
N PHE B 52 28.87 -2.15 -9.79
CA PHE B 52 29.57 -2.54 -8.58
C PHE B 52 29.05 -3.89 -8.11
N GLY B 53 29.96 -4.83 -7.90
CA GLY B 53 29.57 -6.16 -7.45
C GLY B 53 30.12 -7.27 -8.31
N TYR B 54 29.29 -8.27 -8.60
CA TYR B 54 29.70 -9.40 -9.42
C TYR B 54 28.73 -9.57 -10.58
N ASP B 55 29.28 -9.63 -11.80
CA ASP B 55 28.50 -9.90 -13.01
C ASP B 55 27.41 -8.85 -13.23
N ASN B 56 27.75 -7.59 -13.00
CA ASN B 56 26.82 -6.48 -13.19
C ASN B 56 27.09 -5.80 -14.52
N LYS B 57 26.01 -5.42 -15.22
CA LYS B 57 26.10 -4.73 -16.49
C LYS B 57 25.31 -3.44 -16.41
N ALA B 58 25.98 -2.31 -16.68
CA ALA B 58 25.33 -1.00 -16.80
C ALA B 58 25.67 -0.46 -18.17
N ILE B 59 24.69 -0.48 -19.08
CA ILE B 59 24.95 -0.26 -20.50
C ILE B 59 24.47 1.09 -21.01
N GLU B 60 23.69 1.82 -20.22
CA GLU B 60 23.13 3.09 -20.67
C GLU B 60 23.69 4.24 -19.86
N LYS B 61 23.44 5.45 -20.34
CA LYS B 61 23.97 6.66 -19.73
C LYS B 61 23.42 6.83 -18.32
N GLU B 62 24.31 7.10 -17.36
CA GLU B 62 23.95 7.35 -15.97
C GLU B 62 23.10 6.20 -15.41
N SER B 63 23.48 4.98 -15.73
CA SER B 63 22.81 3.79 -15.23
C SER B 63 23.69 3.10 -14.20
N SER B 64 23.07 2.57 -13.15
CA SER B 64 23.78 1.96 -12.04
C SER B 64 23.28 0.54 -11.83
N ALA B 65 24.22 -0.38 -11.60
CA ALA B 65 23.89 -1.78 -11.31
C ALA B 65 24.77 -2.21 -10.13
N PHE B 66 24.18 -2.25 -8.95
CA PHE B 66 24.89 -2.58 -7.72
C PHE B 66 24.34 -3.88 -7.15
N GLY B 67 25.22 -4.85 -6.91
CA GLY B 67 24.79 -6.11 -6.36
C GLY B 67 25.39 -7.31 -7.08
N THR B 68 24.55 -8.31 -7.39
CA THR B 68 25.01 -9.53 -8.03
C THR B 68 24.15 -9.80 -9.26
N GLY B 69 24.78 -9.79 -10.43
CA GLY B 69 24.09 -10.16 -11.66
C GLY B 69 22.97 -9.23 -12.07
N ASN B 70 23.13 -7.93 -11.86
CA ASN B 70 22.11 -6.96 -12.23
C ASN B 70 22.35 -6.45 -13.64
N ARG B 71 21.28 -5.97 -14.27
CA ARG B 71 21.33 -5.40 -15.60
C ARG B 71 20.56 -4.10 -15.62
N ALA B 72 21.22 -3.01 -15.99
CA ALA B 72 20.59 -1.70 -16.14
C ALA B 72 20.77 -1.28 -17.60
N THR B 73 19.73 -1.50 -18.41
CA THR B 73 19.80 -1.29 -19.85
C THR B 73 19.05 -0.04 -20.28
N GLY B 74 18.63 0.80 -19.34
CA GLY B 74 17.96 2.03 -19.67
C GLY B 74 18.66 3.21 -19.04
N GLU B 75 18.48 4.38 -19.66
CA GLU B 75 19.07 5.60 -19.14
C GLU B 75 18.52 5.88 -17.75
N PHE B 76 19.38 6.46 -16.89
CA PHE B 76 18.98 6.88 -15.54
C PHE B 76 18.28 5.77 -14.77
N SER B 77 18.59 4.53 -15.10
CA SER B 77 17.96 3.37 -14.46
C SER B 77 18.92 2.71 -13.51
N SER B 78 18.37 2.16 -12.43
CA SER B 78 19.17 1.56 -11.37
C SER B 78 18.59 0.21 -11.00
N ALA B 79 19.45 -0.80 -10.91
CA ALA B 79 19.08 -2.14 -10.47
C ALA B 79 19.97 -2.50 -9.29
N PHE B 80 19.39 -2.54 -8.10
CA PHE B 80 20.12 -2.80 -6.87
C PHE B 80 19.61 -4.08 -6.24
N GLY B 81 20.50 -5.04 -6.02
CA GLY B 81 20.11 -6.28 -5.38
C GLY B 81 20.67 -7.52 -6.06
N PHE B 82 19.81 -8.46 -6.40
CA PHE B 82 20.21 -9.75 -6.95
C PHE B 82 19.42 -10.02 -8.21
N HIS B 83 20.12 -10.12 -9.35
CA HIS B 83 19.52 -10.49 -10.63
C HIS B 83 18.35 -9.58 -11.00
N ASN B 84 18.58 -8.27 -10.90
CA ASN B 84 17.55 -7.28 -11.19
C ASN B 84 17.76 -6.71 -12.59
N ILE B 85 16.66 -6.33 -13.23
CA ILE B 85 16.68 -5.80 -14.59
C ILE B 85 15.88 -4.51 -14.62
N ALA B 86 16.51 -3.43 -15.08
CA ALA B 86 15.84 -2.16 -15.34
C ALA B 86 16.10 -1.77 -16.78
N SER B 87 15.04 -1.39 -17.50
CA SER B 87 15.12 -1.29 -18.95
C SER B 87 14.65 0.03 -19.55
N LYS B 88 14.17 0.98 -18.77
CA LYS B 88 13.57 2.18 -19.34
C LYS B 88 14.20 3.45 -18.75
N ILE B 89 13.62 4.58 -19.11
CA ILE B 89 14.28 5.88 -18.92
C ILE B 89 14.39 6.25 -17.43
N HIS B 90 13.47 5.78 -16.60
CA HIS B 90 13.62 5.92 -15.15
C HIS B 90 13.04 4.65 -14.52
N SER B 91 13.89 3.64 -14.32
CA SER B 91 13.44 2.37 -13.81
C SER B 91 14.22 1.99 -12.57
N SER B 92 13.52 1.46 -11.57
CA SER B 92 14.13 1.03 -10.33
C SER B 92 13.70 -0.39 -10.05
N ALA B 93 14.66 -1.30 -9.96
CA ALA B 93 14.43 -2.70 -9.62
C ALA B 93 15.27 -3.01 -8.40
N PHE B 94 14.68 -2.90 -7.21
CA PHE B 94 15.38 -3.08 -5.95
C PHE B 94 14.85 -4.35 -5.28
N GLY B 95 15.75 -5.27 -4.97
CA GLY B 95 15.35 -6.53 -4.37
C GLY B 95 15.96 -7.73 -5.05
N SER B 96 15.15 -8.76 -5.29
CA SER B 96 15.62 -10.00 -5.90
C SER B 96 14.78 -10.32 -7.12
N ASN B 97 15.45 -10.47 -8.27
CA ASN B 97 14.82 -10.91 -9.52
C ASN B 97 13.67 -10.00 -9.94
N ASN B 98 13.78 -8.71 -9.68
CA ASN B 98 12.77 -7.76 -10.14
C ASN B 98 13.11 -7.29 -11.54
N ALA B 99 12.07 -7.12 -12.36
CA ALA B 99 12.22 -6.64 -13.73
C ALA B 99 11.29 -5.45 -13.91
N ALA B 100 11.86 -4.25 -13.97
CA ALA B 100 11.11 -3.01 -14.15
C ALA B 100 11.31 -2.54 -15.58
N ASP B 101 10.40 -2.96 -16.46
CA ASP B 101 10.45 -2.58 -17.87
C ASP B 101 9.26 -1.66 -18.13
N GLY B 102 9.45 -0.38 -17.84
CA GLY B 102 8.41 0.61 -18.00
C GLY B 102 8.91 1.98 -17.62
N VAL B 103 8.44 3.01 -18.33
CA VAL B 103 8.91 4.37 -18.07
C VAL B 103 8.43 4.81 -16.69
N ASN B 104 9.37 5.31 -15.88
CA ASN B 104 9.07 5.77 -14.53
C ASN B 104 8.39 4.69 -13.69
N SER B 105 8.83 3.44 -13.89
CA SER B 105 8.26 2.30 -13.20
C SER B 105 9.23 1.80 -12.13
N SER B 106 8.66 1.22 -11.07
CA SER B 106 9.43 0.74 -9.94
C SER B 106 8.97 -0.65 -9.55
N ALA B 107 9.91 -1.58 -9.40
CA ALA B 107 9.64 -2.94 -8.95
C ALA B 107 10.49 -3.20 -7.72
N PHE B 108 9.83 -3.30 -6.56
CA PHE B 108 10.51 -3.49 -5.29
C PHE B 108 10.00 -4.76 -4.64
N GLY B 109 10.91 -5.56 -4.10
CA GLY B 109 10.56 -6.81 -3.43
C GLY B 109 11.24 -8.00 -4.11
N PHE B 110 10.49 -9.08 -4.26
CA PHE B 110 11.01 -10.33 -4.81
C PHE B 110 10.22 -10.69 -6.07
N LYS B 111 10.93 -10.84 -7.18
CA LYS B 111 10.37 -11.26 -8.46
C LYS B 111 9.10 -10.49 -8.80
N ASN B 112 9.27 -9.18 -8.99
CA ASN B 112 8.19 -8.31 -9.43
C ASN B 112 8.49 -7.81 -10.83
N THR B 113 7.52 -7.91 -11.72
CA THR B 113 7.65 -7.44 -13.10
C THR B 113 6.65 -6.33 -13.33
N VAL B 114 7.15 -5.15 -13.68
CA VAL B 114 6.30 -4.01 -13.99
C VAL B 114 6.54 -3.63 -15.44
N SER B 115 5.49 -3.73 -16.25
CA SER B 115 5.58 -3.47 -17.68
C SER B 115 4.82 -2.24 -18.12
N GLY B 116 4.20 -1.50 -17.19
CA GLY B 116 3.37 -0.36 -17.53
C GLY B 116 4.11 0.95 -17.41
N PHE B 117 3.37 2.03 -17.66
CA PHE B 117 3.88 3.39 -17.63
C PHE B 117 3.54 4.02 -16.29
N ASN B 118 4.57 4.47 -15.56
CA ASN B 118 4.42 5.07 -14.24
C ASN B 118 3.75 4.14 -13.25
N SER B 119 3.95 2.83 -13.40
CA SER B 119 3.35 1.84 -12.52
C SER B 119 4.37 1.30 -11.53
N SER B 120 3.88 0.84 -10.39
CA SER B 120 4.72 0.38 -9.30
C SER B 120 4.22 -0.96 -8.78
N ALA B 121 5.11 -1.69 -8.13
CA ALA B 121 4.75 -2.97 -7.54
C ALA B 121 5.68 -3.26 -6.37
N PHE B 122 5.10 -3.60 -5.22
CA PHE B 122 5.86 -3.96 -4.04
C PHE B 122 5.29 -5.26 -3.47
N GLY B 123 6.18 -6.22 -3.19
CA GLY B 123 5.73 -7.51 -2.68
C GLY B 123 6.50 -8.66 -3.27
N SER B 124 5.83 -9.77 -3.56
CA SER B 124 6.47 -10.94 -4.11
C SER B 124 5.64 -11.53 -5.23
N GLN B 125 6.29 -11.81 -6.36
CA GLN B 125 5.70 -12.56 -7.47
C GLN B 125 4.42 -11.91 -8.00
N TYR B 126 4.54 -10.63 -8.34
CA TYR B 126 3.41 -9.88 -8.88
C TYR B 126 3.83 -9.21 -10.18
N GLN B 127 2.91 -9.16 -11.13
CA GLN B 127 3.12 -8.51 -12.42
C GLN B 127 2.08 -7.41 -12.62
N VAL B 128 2.54 -6.26 -13.11
CA VAL B 128 1.68 -5.11 -13.35
C VAL B 128 1.94 -4.66 -14.78
N THR B 129 1.03 -5.03 -15.69
CA THR B 129 1.14 -4.62 -17.09
C THR B 129 0.28 -3.41 -17.43
N GLY B 130 -0.54 -2.94 -16.49
CA GLY B 130 -1.37 -1.78 -16.74
C GLY B 130 -0.62 -0.48 -16.61
N ASN B 131 -1.26 0.59 -17.06
CA ASN B 131 -0.68 1.91 -17.04
C ASN B 131 -1.17 2.66 -15.81
N PHE B 132 -0.25 3.31 -15.09
CA PHE B 132 -0.56 4.02 -13.86
C PHE B 132 -1.25 3.11 -12.85
N SER B 133 -0.78 1.88 -12.76
CA SER B 133 -1.36 0.87 -11.88
C SER B 133 -0.37 0.50 -10.80
N GLY B 134 -0.83 -0.31 -9.84
CA GLY B 134 0.02 -0.73 -8.75
C GLY B 134 -0.48 -2.00 -8.12
N ALA B 135 0.44 -2.68 -7.41
CA ALA B 135 0.12 -3.90 -6.71
C ALA B 135 0.97 -3.98 -5.46
N PHE B 136 0.35 -4.40 -4.35
CA PHE B 136 1.04 -4.52 -3.06
C PHE B 136 0.56 -5.81 -2.41
N GLY B 137 1.36 -6.86 -2.51
CA GLY B 137 0.98 -8.15 -1.96
C GLY B 137 1.81 -9.25 -2.59
N MET B 138 1.24 -10.46 -2.57
CA MET B 138 1.91 -11.64 -3.11
C MET B 138 1.03 -12.28 -4.18
N GLY B 139 1.64 -12.62 -5.31
CA GLY B 139 0.95 -13.36 -6.34
C GLY B 139 1.46 -14.78 -6.43
N GLU B 140 1.72 -15.26 -7.65
CA GLU B 140 2.25 -16.59 -7.84
C GLU B 140 3.04 -16.64 -9.15
N PHE B 141 4.16 -17.36 -9.13
CA PHE B 141 5.01 -17.49 -10.30
C PHE B 141 5.54 -18.92 -10.33
N ASN B 142 4.84 -19.80 -11.07
CA ASN B 142 5.34 -21.16 -11.25
C ASN B 142 6.38 -21.19 -12.37
N GLY B 143 5.98 -20.85 -13.59
CA GLY B 143 6.91 -20.57 -14.65
C GLY B 143 6.54 -19.28 -15.36
N GLN B 144 5.31 -18.83 -15.11
CA GLN B 144 4.80 -17.55 -15.60
C GLN B 144 3.95 -16.94 -14.49
N TYR B 145 3.79 -15.62 -14.57
CA TYR B 145 2.97 -14.92 -13.59
C TYR B 145 1.51 -15.32 -13.76
N GLN B 146 0.95 -15.96 -12.74
CA GLN B 146 -0.44 -16.41 -12.80
C GLN B 146 -1.43 -15.33 -12.39
N TYR B 147 -1.00 -14.35 -11.61
CA TYR B 147 -1.85 -13.25 -11.17
C TYR B 147 -1.18 -11.94 -11.55
N LYS B 148 -1.85 -11.14 -12.37
CA LYS B 148 -1.27 -9.91 -12.89
C LYS B 148 -2.30 -8.80 -12.88
N ASN B 149 -1.80 -7.56 -12.87
CA ASN B 149 -2.63 -6.37 -12.98
C ASN B 149 -2.54 -5.87 -14.41
N GLU B 150 -3.61 -6.08 -15.18
CA GLU B 150 -3.66 -5.67 -16.58
C GLU B 150 -4.54 -4.45 -16.80
N GLY B 151 -5.10 -3.87 -15.74
CA GLY B 151 -5.96 -2.72 -15.85
C GLY B 151 -5.22 -1.41 -15.64
N ASN B 152 -5.76 -0.35 -16.22
CA ASN B 152 -5.18 0.98 -16.07
C ASN B 152 -5.80 1.70 -14.88
N ASN B 153 -4.98 2.49 -14.19
CA ASN B 153 -5.42 3.27 -13.04
C ASN B 153 -6.08 2.38 -11.99
N SER B 154 -5.52 1.20 -11.78
CA SER B 154 -6.08 0.21 -10.88
C SER B 154 -5.03 -0.26 -9.88
N TYR B 155 -5.47 -0.54 -8.66
CA TYR B 155 -4.56 -0.90 -7.59
C TYR B 155 -5.09 -2.11 -6.83
N MET B 156 -4.17 -2.99 -6.45
CA MET B 156 -4.49 -4.23 -5.74
C MET B 156 -3.63 -4.30 -4.47
N ILE B 157 -4.28 -4.59 -3.34
CA ILE B 157 -3.60 -4.85 -2.09
C ILE B 157 -4.15 -6.15 -1.54
N GLY B 158 -3.35 -7.19 -1.56
CA GLY B 158 -3.79 -8.49 -1.10
C GLY B 158 -3.00 -9.59 -1.79
N ASN B 159 -3.49 -10.81 -1.64
CA ASN B 159 -2.83 -12.00 -2.14
C ASN B 159 -3.62 -12.62 -3.29
N LYS B 160 -2.92 -12.96 -4.37
CA LYS B 160 -3.48 -13.72 -5.49
C LYS B 160 -4.73 -13.03 -6.05
N ASN B 161 -4.54 -11.82 -6.53
CA ASN B 161 -5.61 -11.01 -7.09
C ASN B 161 -5.37 -10.81 -8.58
N LYS B 162 -6.45 -10.75 -9.34
CA LYS B 162 -6.38 -10.64 -10.79
C LYS B 162 -7.28 -9.52 -11.29
N ILE B 163 -6.78 -8.75 -12.25
CA ILE B 163 -7.55 -7.75 -12.96
C ILE B 163 -7.34 -7.97 -14.45
N ALA B 164 -8.42 -8.27 -15.17
CA ALA B 164 -8.32 -8.56 -16.59
C ALA B 164 -8.06 -7.29 -17.39
N SER B 165 -7.52 -7.47 -18.59
CA SER B 165 -7.26 -6.36 -19.48
C SER B 165 -8.57 -5.74 -19.95
N GLY B 166 -8.59 -4.41 -20.01
CA GLY B 166 -9.79 -3.66 -20.36
C GLY B 166 -10.66 -3.27 -19.19
N SER B 167 -10.34 -3.74 -17.98
CA SER B 167 -11.05 -3.36 -16.77
C SER B 167 -10.19 -2.35 -16.03
N ASP B 168 -10.64 -1.09 -16.00
CA ASP B 168 -9.84 0.00 -15.50
C ASP B 168 -10.53 0.67 -14.30
N ASP B 169 -9.74 1.45 -13.56
CA ASP B 169 -10.20 2.18 -12.38
C ASP B 169 -10.85 1.23 -11.37
N ASN B 170 -10.18 0.12 -11.11
CA ASN B 170 -10.65 -0.87 -10.15
C ASN B 170 -9.69 -0.94 -8.97
N PHE B 171 -10.25 -1.08 -7.77
CA PHE B 171 -9.44 -1.14 -6.56
C PHE B 171 -9.82 -2.38 -5.77
N ILE B 172 -8.81 -3.13 -5.33
CA ILE B 172 -9.00 -4.39 -4.62
C ILE B 172 -8.29 -4.30 -3.28
N LEU B 173 -9.02 -4.63 -2.20
CA LEU B 173 -8.45 -4.77 -0.87
C LEU B 173 -8.91 -6.12 -0.33
N GLY B 174 -8.19 -7.16 -0.69
CA GLY B 174 -8.58 -8.51 -0.32
C GLY B 174 -7.75 -9.53 -1.07
N ASN B 175 -8.08 -10.79 -0.83
CA ASN B 175 -7.39 -11.91 -1.44
C ASN B 175 -8.33 -12.67 -2.37
N ASN B 176 -7.73 -13.31 -3.37
CA ASN B 176 -8.46 -14.19 -4.30
C ASN B 176 -9.60 -13.45 -4.99
N VAL B 177 -9.36 -12.20 -5.36
CA VAL B 177 -10.36 -11.39 -6.05
C VAL B 177 -9.94 -11.31 -7.51
N HIS B 178 -10.75 -11.90 -8.39
CA HIS B 178 -10.51 -11.87 -9.82
C HIS B 178 -11.56 -11.00 -10.49
N ILE B 179 -11.11 -10.02 -11.27
CA ILE B 179 -12.00 -9.10 -11.97
C ILE B 179 -11.92 -9.44 -13.45
N GLY B 180 -13.07 -9.73 -14.05
CA GLY B 180 -13.15 -10.08 -15.45
C GLY B 180 -13.08 -8.87 -16.35
N GLY B 181 -13.43 -9.09 -17.61
CA GLY B 181 -13.40 -8.03 -18.59
C GLY B 181 -14.62 -7.12 -18.50
N GLY B 182 -14.42 -5.87 -18.88
CA GLY B 182 -15.50 -4.90 -18.90
C GLY B 182 -16.10 -4.57 -17.55
N ILE B 183 -15.26 -4.39 -16.53
CA ILE B 183 -15.71 -4.02 -15.19
C ILE B 183 -14.88 -2.83 -14.76
N ASN B 184 -15.47 -1.64 -14.81
CA ASN B 184 -14.79 -0.40 -14.48
C ASN B 184 -15.41 0.23 -13.24
N ASN B 185 -14.62 1.06 -12.56
CA ASN B 185 -15.07 1.84 -11.42
C ASN B 185 -15.65 0.97 -10.31
N SER B 186 -14.90 -0.05 -9.91
CA SER B 186 -15.36 -1.02 -8.94
C SER B 186 -14.36 -1.15 -7.81
N VAL B 187 -14.86 -1.43 -6.61
CA VAL B 187 -14.05 -1.64 -5.42
C VAL B 187 -14.42 -2.97 -4.79
N ALA B 188 -13.41 -3.78 -4.47
CA ALA B 188 -13.61 -5.06 -3.82
C ALA B 188 -12.91 -5.04 -2.46
N LEU B 189 -13.64 -5.42 -1.42
CA LEU B 189 -13.13 -5.40 -0.06
C LEU B 189 -13.25 -6.78 0.57
N GLY B 190 -12.17 -7.22 1.20
CA GLY B 190 -12.21 -8.42 2.02
C GLY B 190 -11.73 -9.66 1.30
N ASN B 191 -11.50 -10.70 2.10
CA ASN B 191 -11.07 -12.00 1.59
C ASN B 191 -12.15 -12.62 0.71
N ASN B 192 -11.74 -13.16 -0.44
CA ASN B 192 -12.61 -13.93 -1.33
C ASN B 192 -13.81 -13.11 -1.80
N SER B 193 -13.62 -11.81 -1.99
CA SER B 193 -14.69 -10.98 -2.51
C SER B 193 -14.86 -11.22 -4.01
N THR B 194 -15.99 -10.76 -4.54
CA THR B 194 -16.34 -10.98 -5.94
C THR B 194 -16.96 -9.72 -6.52
N VAL B 195 -16.47 -9.32 -7.69
CA VAL B 195 -17.01 -8.18 -8.44
C VAL B 195 -17.64 -8.71 -9.72
N SER B 196 -18.89 -8.31 -9.96
CA SER B 196 -19.63 -8.81 -11.12
C SER B 196 -20.21 -7.70 -11.98
N ALA B 197 -20.01 -6.43 -11.64
CA ALA B 197 -20.57 -5.33 -12.40
C ALA B 197 -19.74 -4.09 -12.18
N SER B 198 -20.02 -3.06 -12.97
CA SER B 198 -19.33 -1.79 -12.88
C SER B 198 -20.04 -0.84 -11.92
N ASN B 199 -19.29 0.14 -11.43
CA ASN B 199 -19.81 1.17 -10.52
C ASN B 199 -20.45 0.55 -9.28
N THR B 200 -19.78 -0.44 -8.70
CA THR B 200 -20.27 -1.10 -7.51
C THR B 200 -19.12 -1.28 -6.51
N VAL B 201 -19.49 -1.41 -5.24
CA VAL B 201 -18.56 -1.75 -4.17
C VAL B 201 -19.03 -3.07 -3.58
N SER B 202 -18.15 -4.06 -3.59
CA SER B 202 -18.50 -5.41 -3.15
C SER B 202 -17.78 -5.74 -1.86
N VAL B 203 -18.53 -6.26 -0.89
CA VAL B 203 -17.98 -6.66 0.41
C VAL B 203 -18.13 -8.17 0.63
N GLY B 204 -18.18 -8.94 -0.45
CA GLY B 204 -18.31 -10.38 -0.33
C GLY B 204 -18.71 -10.99 -1.67
N SER B 205 -18.93 -12.29 -1.63
CA SER B 205 -19.35 -13.06 -2.79
C SER B 205 -20.75 -13.60 -2.56
N SER B 206 -21.24 -14.39 -3.52
CA SER B 206 -22.57 -14.98 -3.39
C SER B 206 -22.64 -16.02 -2.29
N THR B 207 -21.49 -16.58 -1.88
CA THR B 207 -21.44 -17.58 -0.82
C THR B 207 -21.23 -16.96 0.55
N LEU B 208 -20.30 -16.02 0.67
CA LEU B 208 -20.01 -15.34 1.92
C LEU B 208 -20.37 -13.86 1.77
N LYS B 209 -21.29 -13.40 2.61
CA LYS B 209 -21.75 -12.01 2.58
C LYS B 209 -21.43 -11.37 3.93
N ARG B 210 -20.78 -10.23 3.88
CA ARG B 210 -20.33 -9.54 5.09
C ARG B 210 -21.36 -8.53 5.55
N LYS B 211 -21.41 -8.32 6.86
CA LYS B 211 -22.21 -7.25 7.44
C LYS B 211 -21.38 -5.98 7.54
N ILE B 212 -22.04 -4.84 7.47
CA ILE B 212 -21.41 -3.55 7.66
C ILE B 212 -21.88 -3.01 9.00
N VAL B 213 -20.97 -2.98 9.98
CA VAL B 213 -21.32 -2.63 11.34
C VAL B 213 -20.84 -1.21 11.63
N ASN B 214 -21.33 -0.64 12.72
CA ASN B 214 -20.93 0.68 13.19
C ASN B 214 -21.15 1.75 12.12
N VAL B 215 -22.35 1.76 11.55
CA VAL B 215 -22.73 2.74 10.55
C VAL B 215 -23.53 3.83 11.23
N GLY B 216 -23.19 5.09 10.94
CA GLY B 216 -23.95 6.20 11.46
C GLY B 216 -25.33 6.26 10.84
N ASP B 217 -26.24 6.96 11.54
CA ASP B 217 -27.60 7.07 11.08
C ASP B 217 -27.66 7.78 9.73
N GLY B 218 -28.56 7.33 8.87
CA GLY B 218 -28.72 7.92 7.56
C GLY B 218 -29.37 9.29 7.59
N ALA B 219 -29.91 9.71 6.45
CA ALA B 219 -30.46 11.05 6.27
C ALA B 219 -31.81 10.97 5.58
N ILE B 220 -32.72 10.15 6.11
CA ILE B 220 -33.99 9.83 5.46
C ILE B 220 -34.65 11.10 4.94
N SER B 221 -34.85 11.17 3.64
CA SER B 221 -35.34 12.38 2.96
C SER B 221 -35.65 12.01 1.52
N ALA B 222 -36.04 13.02 0.74
CA ALA B 222 -36.47 12.77 -0.63
C ALA B 222 -35.30 12.42 -1.54
N ASN B 223 -34.16 13.06 -1.35
CA ASN B 223 -33.04 12.94 -2.29
C ASN B 223 -31.75 12.43 -1.66
N SER B 224 -31.75 12.13 -0.37
CA SER B 224 -30.52 11.71 0.29
C SER B 224 -30.05 10.36 -0.23
N SER B 225 -28.75 10.24 -0.44
CA SER B 225 -28.11 8.97 -0.82
C SER B 225 -27.18 8.60 0.33
N ASP B 226 -27.74 7.91 1.32
CA ASP B 226 -27.00 7.47 2.49
C ASP B 226 -27.19 5.98 2.69
N ALA B 227 -26.76 5.45 3.83
CA ALA B 227 -26.98 4.06 4.19
C ALA B 227 -27.78 4.02 5.48
N VAL B 228 -29.02 3.53 5.39
CA VAL B 228 -29.84 3.43 6.60
C VAL B 228 -29.30 2.31 7.49
N THR B 229 -29.65 2.38 8.76
CA THR B 229 -29.18 1.42 9.74
C THR B 229 -30.34 0.59 10.26
N GLY B 230 -30.02 -0.36 11.13
CA GLY B 230 -31.05 -1.22 11.70
C GLY B 230 -32.06 -0.45 12.51
N ARG B 231 -31.59 0.49 13.33
CA ARG B 231 -32.51 1.28 14.15
C ARG B 231 -33.38 2.18 13.29
N GLN B 232 -32.84 2.68 12.18
CA GLN B 232 -33.61 3.58 11.31
C GLN B 232 -34.81 2.87 10.72
N LEU B 233 -34.62 1.66 10.20
CA LEU B 233 -35.74 0.92 9.64
C LEU B 233 -36.62 0.34 10.75
N TYR B 234 -36.03 0.01 11.91
CA TYR B 234 -36.81 -0.48 13.03
C TYR B 234 -37.83 0.55 13.49
N SER B 235 -37.39 1.80 13.68
CA SER B 235 -38.28 2.87 14.10
C SER B 235 -38.97 3.54 12.93
N GLY B 236 -38.28 3.68 11.79
CA GLY B 236 -38.88 4.29 10.63
C GLY B 236 -39.08 5.77 10.71
N ASN B 237 -38.29 6.47 11.53
CA ASN B 237 -38.46 7.90 11.70
C ASN B 237 -38.09 8.64 10.42
N GLY B 238 -38.93 9.61 10.05
CA GLY B 238 -38.69 10.43 8.89
C GLY B 238 -39.18 9.87 7.57
N ILE B 239 -39.90 8.76 7.58
CA ILE B 239 -40.44 8.22 6.33
C ILE B 239 -41.55 9.13 5.82
N ASP B 240 -41.83 8.98 4.52
CA ASP B 240 -42.94 9.71 3.90
C ASP B 240 -44.24 9.06 4.35
N THR B 241 -44.86 9.63 5.39
CA THR B 241 -46.09 9.07 5.93
C THR B 241 -47.24 9.10 4.94
N ALA B 242 -47.17 9.93 3.90
CA ALA B 242 -48.21 10.00 2.89
C ALA B 242 -47.98 9.05 1.72
N ALA B 243 -46.73 8.94 1.25
CA ALA B 243 -46.42 8.00 0.18
C ALA B 243 -46.62 6.56 0.63
N TRP B 244 -46.17 6.25 1.86
CA TRP B 244 -46.34 4.89 2.37
C TRP B 244 -47.80 4.53 2.58
N GLN B 245 -48.66 5.52 2.83
CA GLN B 245 -50.08 5.30 3.03
C GLN B 245 -50.84 5.11 1.72
N ASN B 246 -50.18 5.27 0.58
CA ASN B 246 -50.77 4.95 -0.72
C ASN B 246 -50.29 3.61 -1.26
N LYS B 247 -49.00 3.30 -1.07
CA LYS B 247 -48.48 2.01 -1.47
C LYS B 247 -49.14 0.89 -0.68
N LEU B 248 -49.30 1.09 0.63
CA LEU B 248 -50.15 0.25 1.46
C LEU B 248 -51.48 0.97 1.62
N ASN B 249 -52.56 0.32 1.23
CA ASN B 249 -53.86 0.96 1.36
C ASN B 249 -54.22 1.04 2.83
N VAL B 250 -53.88 2.15 3.47
CA VAL B 250 -54.03 2.31 4.91
C VAL B 250 -55.31 3.08 5.19
N THR B 251 -56.18 2.51 6.01
CA THR B 251 -57.36 3.21 6.51
C THR B 251 -56.93 4.00 7.73
N ARG B 252 -56.72 5.30 7.54
CA ARG B 252 -56.24 6.14 8.63
C ARG B 252 -57.25 6.17 9.77
N LYS B 253 -56.74 6.17 10.99
CA LYS B 253 -57.61 6.13 12.16
C LYS B 253 -58.51 7.35 12.23
N ASN B 254 -58.08 8.48 11.66
CA ASN B 254 -58.94 9.66 11.61
C ASN B 254 -60.19 9.41 10.78
N ASP B 255 -60.04 8.79 9.60
CA ASP B 255 -61.20 8.43 8.80
C ASP B 255 -62.01 7.32 9.46
N TYR B 256 -61.32 6.34 10.05
CA TYR B 256 -62.00 5.26 10.77
C TYR B 256 -62.77 5.79 11.97
N LYS B 257 -62.45 7.00 12.42
CA LYS B 257 -63.16 7.66 13.50
C LYS B 257 -64.25 8.61 13.00
N ASP B 258 -64.07 9.20 11.81
CA ASP B 258 -64.98 10.21 11.31
C ASP B 258 -65.84 9.72 10.15
N ALA B 259 -65.79 8.43 9.82
CA ALA B 259 -66.65 7.82 8.79
C ALA B 259 -66.42 8.43 7.41
N ASN B 260 -65.20 8.91 7.15
CA ASN B 260 -64.88 9.44 5.84
C ASN B 260 -64.68 8.31 4.83
N ASP B 261 -65.13 8.55 3.61
CA ASP B 261 -64.85 7.70 2.45
C ASP B 261 -65.36 6.27 2.71
N ILE B 262 -66.68 6.17 2.79
CA ILE B 262 -67.37 4.88 2.80
C ILE B 262 -68.56 4.96 1.86
N ASP B 263 -69.01 3.79 1.41
CA ASP B 263 -70.25 3.72 0.65
C ASP B 263 -71.45 3.72 1.59
N VAL B 264 -72.51 4.40 1.18
CA VAL B 264 -73.75 4.42 1.95
C VAL B 264 -74.80 3.46 1.38
N ASN B 265 -74.79 3.20 0.08
CA ASN B 265 -75.69 2.23 -0.50
C ASN B 265 -75.22 0.79 -0.29
N LYS B 266 -74.01 0.60 0.19
CA LYS B 266 -73.45 -0.73 0.44
C LYS B 266 -73.35 -1.05 1.93
N TRP B 267 -72.89 -0.11 2.75
CA TRP B 267 -72.85 -0.33 4.19
C TRP B 267 -74.24 -0.56 4.74
N LYS B 268 -75.23 0.19 4.24
CA LYS B 268 -76.61 0.01 4.66
C LYS B 268 -77.14 -1.39 4.32
N ALA B 269 -76.54 -2.07 3.35
CA ALA B 269 -77.01 -3.40 2.98
C ALA B 269 -76.67 -4.43 4.05
N LYS B 270 -75.38 -4.60 4.34
CA LYS B 270 -74.96 -5.60 5.31
C LYS B 270 -75.37 -5.21 6.73
N LEU B 271 -75.37 -3.91 7.02
CA LEU B 271 -75.67 -3.42 8.36
C LEU B 271 -77.13 -2.99 8.53
N GLY B 272 -77.97 -3.20 7.52
CA GLY B 272 -79.36 -2.85 7.61
C GLY B 272 -79.61 -1.36 7.60
N ALA C 24 40.60 8.02 -14.22
CA ALA C 24 40.26 6.63 -13.94
C ALA C 24 39.68 6.49 -12.54
N PRO C 25 38.75 5.55 -12.37
CA PRO C 25 38.17 5.32 -11.04
C PRO C 25 39.25 4.90 -10.04
N VAL C 26 39.07 5.32 -8.79
CA VAL C 26 40.04 5.06 -7.74
C VAL C 26 39.30 4.73 -6.45
N ILE C 27 39.99 3.99 -5.58
CA ILE C 27 39.52 3.71 -4.22
C ILE C 27 40.45 4.45 -3.27
N LYS C 28 39.86 5.23 -2.36
CA LYS C 28 40.66 6.07 -1.49
C LYS C 28 39.84 6.45 -0.27
N ALA C 29 40.54 6.94 0.75
CA ALA C 29 39.89 7.41 1.97
C ALA C 29 39.30 8.80 1.75
N GLY C 30 38.20 9.06 2.44
CA GLY C 30 37.58 10.37 2.39
C GLY C 30 38.30 11.37 3.27
N THR C 31 37.57 12.36 3.78
CA THR C 31 38.14 13.37 4.65
C THR C 31 37.94 13.08 6.13
N ALA C 32 37.36 11.93 6.46
CA ALA C 32 37.11 11.54 7.84
C ALA C 32 37.60 10.12 8.07
N THR C 33 37.65 9.73 9.34
CA THR C 33 38.11 8.40 9.71
C THR C 33 37.17 7.33 9.14
N ASP C 34 37.75 6.31 8.53
CA ASP C 34 37.00 5.18 7.98
C ASP C 34 35.97 5.64 6.95
N SER C 35 36.32 6.65 6.17
CA SER C 35 35.48 7.15 5.10
C SER C 35 36.02 6.67 3.76
N THR C 36 35.14 6.17 2.91
CA THR C 36 35.53 5.51 1.67
C THR C 36 34.95 6.26 0.48
N GLU C 37 35.76 6.44 -0.56
CA GLU C 37 35.31 6.98 -1.84
C GLU C 37 35.67 5.99 -2.93
N ALA C 38 34.66 5.47 -3.61
CA ALA C 38 34.85 4.48 -4.67
C ALA C 38 34.22 5.02 -5.94
N GLY C 39 35.00 5.04 -7.02
CA GLY C 39 34.54 5.56 -8.30
C GLY C 39 35.31 6.80 -8.70
N VAL C 40 34.62 7.68 -9.42
CA VAL C 40 35.22 8.92 -9.93
C VAL C 40 34.40 10.09 -9.42
N ASP C 41 35.10 11.12 -8.93
CA ASP C 41 34.50 12.37 -8.46
C ASP C 41 33.51 12.13 -7.31
N ASN C 42 34.02 11.52 -6.25
CA ASN C 42 33.21 11.24 -5.07
C ASN C 42 33.73 12.05 -3.89
N VAL C 43 32.84 12.31 -2.94
CA VAL C 43 33.16 13.04 -1.72
C VAL C 43 32.54 12.32 -0.54
N ALA C 44 33.35 12.00 0.47
CA ALA C 44 32.89 11.39 1.71
C ALA C 44 33.49 12.17 2.87
N ASN C 45 32.64 12.80 3.67
CA ASN C 45 33.10 13.67 4.74
C ASN C 45 32.73 13.21 6.14
N GLY C 46 31.73 12.34 6.28
CA GLY C 46 31.36 11.85 7.59
C GLY C 46 32.22 10.69 8.06
N VAL C 47 32.27 10.50 9.37
CA VAL C 47 32.99 9.38 9.95
C VAL C 47 32.23 8.10 9.63
N LYS C 48 32.95 7.07 9.18
CA LYS C 48 32.38 5.80 8.78
C LYS C 48 31.35 5.96 7.66
N SER C 49 31.55 6.95 6.81
CA SER C 49 30.69 7.19 5.66
C SER C 49 31.33 6.63 4.40
N SER C 50 30.53 6.49 3.35
CA SER C 50 31.02 5.93 2.10
C SER C 50 30.19 6.47 0.94
N ALA C 51 30.88 6.73 -0.17
CA ALA C 51 30.25 7.20 -1.41
C ALA C 51 30.78 6.34 -2.55
N PHE C 52 29.90 5.53 -3.13
CA PHE C 52 30.26 4.59 -4.18
C PHE C 52 29.51 4.95 -5.46
N GLY C 53 30.24 5.10 -6.55
CA GLY C 53 29.63 5.44 -7.83
C GLY C 53 30.22 6.67 -8.47
N TYR C 54 29.38 7.52 -9.05
CA TYR C 54 29.82 8.73 -9.72
C TYR C 54 29.12 9.93 -9.11
N ASP C 55 29.91 10.93 -8.70
CA ASP C 55 29.39 12.21 -8.20
C ASP C 55 28.51 12.01 -6.96
N ASN C 56 28.95 11.16 -6.05
CA ASN C 56 28.20 10.89 -4.82
C ASN C 56 28.84 11.64 -3.66
N LYS C 57 27.99 12.19 -2.80
CA LYS C 57 28.43 12.92 -1.61
C LYS C 57 27.78 12.32 -0.37
N ALA C 58 28.61 11.89 0.57
CA ALA C 58 28.17 11.42 1.89
C ALA C 58 28.86 12.29 2.93
N ILE C 59 28.11 13.21 3.52
CA ILE C 59 28.70 14.29 4.31
C ILE C 59 28.48 14.12 5.81
N GLU C 60 27.62 13.19 6.24
CA GLU C 60 27.33 13.01 7.65
C GLU C 60 27.82 11.66 8.13
N LYS C 61 27.83 11.50 9.45
CA LYS C 61 28.33 10.28 10.08
C LYS C 61 27.51 9.07 9.66
N GLU C 62 28.20 8.00 9.28
CA GLU C 62 27.56 6.73 8.90
C GLU C 62 26.49 6.94 7.83
N SER C 63 26.79 7.78 6.85
CA SER C 63 25.89 8.04 5.74
C SER C 63 26.44 7.40 4.47
N SER C 64 25.54 6.82 3.69
CA SER C 64 25.93 6.08 2.49
C SER C 64 25.23 6.68 1.27
N ALA C 65 26.00 6.84 0.19
CA ALA C 65 25.46 7.34 -1.08
C ALA C 65 26.00 6.43 -2.18
N PHE C 66 25.17 5.53 -2.66
CA PHE C 66 25.54 4.55 -3.68
C PHE C 66 24.74 4.80 -4.94
N GLY C 67 25.42 4.93 -6.07
CA GLY C 67 24.75 5.15 -7.32
C GLY C 67 25.34 6.26 -8.15
N THR C 68 24.51 7.16 -8.67
CA THR C 68 24.95 8.27 -9.50
C THR C 68 24.35 9.56 -8.99
N GLY C 69 25.21 10.47 -8.55
CA GLY C 69 24.76 11.79 -8.12
C GLY C 69 23.88 11.81 -6.90
N ASN C 70 24.14 10.93 -5.94
CA ASN C 70 23.36 10.88 -4.72
C ASN C 70 23.97 11.77 -3.65
N ARG C 71 23.11 12.29 -2.77
CA ARG C 71 23.54 13.13 -1.66
C ARG C 71 22.93 12.60 -0.37
N ALA C 72 23.77 12.31 0.61
CA ALA C 72 23.35 11.87 1.94
C ALA C 72 23.89 12.88 2.95
N THR C 73 23.04 13.84 3.33
CA THR C 73 23.45 14.95 4.17
C THR C 73 22.97 14.79 5.61
N GLY C 74 22.44 13.62 5.97
CA GLY C 74 21.99 13.38 7.32
C GLY C 74 22.66 12.15 7.90
N GLU C 75 22.74 12.13 9.23
CA GLU C 75 23.33 10.99 9.91
C GLU C 75 22.53 9.74 9.60
N PHE C 76 23.23 8.60 9.53
CA PHE C 76 22.61 7.28 9.35
C PHE C 76 21.64 7.27 8.17
N SER C 77 21.86 8.15 7.19
CA SER C 77 20.98 8.26 6.04
C SER C 77 21.63 7.62 4.81
N SER C 78 20.79 7.07 3.95
CA SER C 78 21.25 6.35 2.77
C SER C 78 20.46 6.81 1.55
N ALA C 79 21.18 7.11 0.48
CA ALA C 79 20.58 7.47 -0.80
C ALA C 79 21.14 6.52 -1.85
N PHE C 80 20.30 5.62 -2.35
CA PHE C 80 20.70 4.59 -3.29
C PHE C 80 19.93 4.77 -4.58
N GLY C 81 20.64 4.90 -5.69
CA GLY C 81 19.99 5.03 -6.97
C GLY C 81 20.54 6.14 -7.84
N PHE C 82 19.66 7.04 -8.29
CA PHE C 82 20.02 8.10 -9.22
C PHE C 82 19.50 9.44 -8.69
N HIS C 83 20.43 10.34 -8.37
CA HIS C 83 20.10 11.70 -7.94
C HIS C 83 19.15 11.71 -6.74
N ASN C 84 19.49 10.92 -5.73
CA ASN C 84 18.68 10.81 -4.53
C ASN C 84 19.25 11.69 -3.43
N ILE C 85 18.37 12.20 -2.57
CA ILE C 85 18.75 13.09 -1.50
C ILE C 85 18.12 12.60 -0.20
N ALA C 86 18.95 12.39 0.82
CA ALA C 86 18.50 12.07 2.17
C ALA C 86 19.12 13.08 3.13
N SER C 87 18.31 13.65 4.00
CA SER C 87 18.73 14.83 4.76
C SER C 87 18.54 14.75 6.26
N LYS C 88 18.01 13.66 6.81
CA LYS C 88 17.69 13.64 8.24
C LYS C 88 18.30 12.41 8.91
N ILE C 89 17.95 12.22 10.18
CA ILE C 89 18.68 11.31 11.06
C ILE C 89 18.51 9.85 10.65
N HIS C 90 17.38 9.49 10.05
CA HIS C 90 17.23 8.16 9.46
C HIS C 90 16.39 8.33 8.20
N SER C 91 17.05 8.56 7.07
CA SER C 91 16.35 8.83 5.83
C SER C 91 16.80 7.87 4.75
N SER C 92 15.83 7.35 3.99
CA SER C 92 16.10 6.42 2.90
C SER C 92 15.47 6.98 1.64
N ALA C 93 16.29 7.16 0.60
CA ALA C 93 15.82 7.61 -0.71
C ALA C 93 16.34 6.60 -1.73
N PHE C 94 15.51 5.62 -2.06
CA PHE C 94 15.90 4.53 -2.96
C PHE C 94 15.09 4.66 -4.24
N GLY C 95 15.78 4.78 -5.36
CA GLY C 95 15.11 4.94 -6.65
C GLY C 95 15.72 6.02 -7.51
N SER C 96 14.88 6.88 -8.07
CA SER C 96 15.33 7.94 -8.97
C SER C 96 14.76 9.27 -8.51
N ASN C 97 15.66 10.22 -8.24
CA ASN C 97 15.28 11.61 -7.89
C ASN C 97 14.35 11.67 -6.69
N ASN C 98 14.54 10.80 -5.71
CA ASN C 98 13.77 10.86 -4.48
C ASN C 98 14.45 11.80 -3.49
N ALA C 99 13.63 12.49 -2.70
CA ALA C 99 14.13 13.43 -1.69
C ALA C 99 13.41 13.12 -0.37
N ALA C 100 14.10 12.44 0.52
CA ALA C 100 13.55 12.09 1.84
C ALA C 100 14.12 13.06 2.85
N ASP C 101 13.40 14.14 3.11
CA ASP C 101 13.80 15.16 4.07
C ASP C 101 12.82 15.10 5.23
N GLY C 102 13.08 14.19 6.16
CA GLY C 102 12.21 13.98 7.30
C GLY C 102 12.78 12.91 8.21
N VAL C 103 12.58 13.07 9.52
CA VAL C 103 13.13 12.10 10.47
C VAL C 103 12.42 10.77 10.31
N ASN C 104 13.19 9.69 10.15
CA ASN C 104 12.66 8.34 9.97
C ASN C 104 11.70 8.28 8.78
N SER C 105 12.02 9.00 7.72
CA SER C 105 11.19 9.08 6.53
C SER C 105 11.84 8.29 5.39
N SER C 106 10.99 7.71 4.54
CA SER C 106 11.43 6.87 3.44
C SER C 106 10.73 7.30 2.16
N ALA C 107 11.51 7.50 1.10
CA ALA C 107 11.00 7.85 -0.23
C ALA C 107 11.51 6.82 -1.21
N PHE C 108 10.61 5.96 -1.70
CA PHE C 108 10.98 4.88 -2.60
C PHE C 108 10.20 5.02 -3.89
N GLY C 109 10.89 4.87 -5.03
CA GLY C 109 10.27 4.97 -6.33
C GLY C 109 10.94 6.06 -7.17
N PHE C 110 10.12 6.78 -7.92
CA PHE C 110 10.59 7.82 -8.84
C PHE C 110 10.07 9.18 -8.39
N LYS C 111 10.98 10.10 -8.12
CA LYS C 111 10.67 11.49 -7.76
C LYS C 111 9.59 11.55 -6.68
N ASN C 112 9.93 11.02 -5.52
CA ASN C 112 9.09 11.10 -4.34
C ASN C 112 9.75 12.00 -3.31
N THR C 113 9.00 12.97 -2.79
CA THR C 113 9.49 13.89 -1.78
C THR C 113 8.70 13.67 -0.50
N VAL C 114 9.39 13.32 0.58
CA VAL C 114 8.77 13.13 1.89
C VAL C 114 9.36 14.16 2.83
N SER C 115 8.52 15.06 3.33
CA SER C 115 8.96 16.14 4.19
C SER C 115 8.44 16.00 5.62
N GLY C 116 7.72 14.93 5.91
CA GLY C 116 7.11 14.75 7.21
C GLY C 116 7.95 13.87 8.15
N PHE C 117 7.40 13.68 9.35
CA PHE C 117 8.04 12.92 10.40
C PHE C 117 7.49 11.50 10.39
N ASN C 118 8.38 10.52 10.21
CA ASN C 118 8.02 9.11 10.17
C ASN C 118 7.04 8.79 9.04
N SER C 119 7.10 9.56 7.95
CA SER C 119 6.22 9.36 6.82
C SER C 119 6.94 8.63 5.69
N SER C 120 6.15 7.98 4.84
CA SER C 120 6.67 7.15 3.77
C SER C 120 5.94 7.46 2.47
N ALA C 121 6.56 7.11 1.36
CA ALA C 121 5.95 7.29 0.05
C ALA C 121 6.56 6.29 -0.92
N PHE C 122 5.70 5.58 -1.65
CA PHE C 122 6.13 4.64 -2.68
C PHE C 122 5.31 4.89 -3.94
N GLY C 123 5.99 5.00 -5.08
CA GLY C 123 5.31 5.27 -6.32
C GLY C 123 6.07 6.24 -7.20
N SER C 124 5.36 7.20 -7.80
CA SER C 124 5.98 8.17 -8.69
C SER C 124 5.35 9.53 -8.51
N GLN C 125 6.19 10.56 -8.38
CA GLN C 125 5.76 11.96 -8.41
C GLN C 125 4.73 12.27 -7.34
N TYR C 126 5.03 11.85 -6.11
CA TYR C 126 4.15 12.10 -4.97
C TYR C 126 4.92 12.81 -3.88
N GLN C 127 4.26 13.74 -3.20
CA GLN C 127 4.86 14.47 -2.09
C GLN C 127 4.02 14.26 -0.83
N VAL C 128 4.69 13.98 0.28
CA VAL C 128 4.05 13.77 1.56
C VAL C 128 4.69 14.74 2.55
N THR C 129 3.96 15.78 2.94
CA THR C 129 4.45 16.75 3.91
C THR C 129 3.78 16.60 5.27
N GLY C 130 2.79 15.70 5.40
CA GLY C 130 2.18 15.46 6.68
C GLY C 130 3.03 14.59 7.57
N ASN C 131 2.63 14.54 8.85
CA ASN C 131 3.34 13.76 9.86
C ASN C 131 2.67 12.41 10.02
N PHE C 132 3.47 11.35 10.04
CA PHE C 132 2.98 9.98 10.14
C PHE C 132 1.98 9.66 9.03
N SER C 133 2.27 10.15 7.82
CA SER C 133 1.41 9.98 6.67
C SER C 133 2.08 9.08 5.65
N GLY C 134 1.37 8.79 4.57
CA GLY C 134 1.90 7.94 3.52
C GLY C 134 1.13 8.09 2.23
N ALA C 135 1.79 7.70 1.14
CA ALA C 135 1.17 7.75 -0.17
C ALA C 135 1.72 6.59 -1.01
N PHE C 136 0.82 5.91 -1.72
CA PHE C 136 1.19 4.78 -2.57
C PHE C 136 0.44 4.93 -3.88
N GLY C 137 1.12 5.43 -4.90
CA GLY C 137 0.49 5.65 -6.19
C GLY C 137 1.32 6.63 -7.02
N MET C 138 0.64 7.30 -7.94
CA MET C 138 1.26 8.26 -8.82
C MET C 138 0.58 9.61 -8.71
N GLY C 139 1.37 10.67 -8.63
CA GLY C 139 0.85 12.02 -8.65
C GLY C 139 1.21 12.74 -9.94
N GLU C 140 1.68 13.98 -9.82
CA GLU C 140 2.10 14.73 -10.99
C GLU C 140 3.13 15.76 -10.57
N PHE C 141 4.13 15.96 -11.43
CA PHE C 141 5.20 16.93 -11.16
C PHE C 141 5.56 17.59 -12.49
N ASN C 142 4.97 18.75 -12.77
CA ASN C 142 5.35 19.52 -13.95
C ASN C 142 6.60 20.34 -13.66
N GLY C 143 6.50 21.28 -12.72
CA GLY C 143 7.67 21.93 -12.16
C GLY C 143 7.58 21.94 -10.66
N GLN C 144 6.38 21.68 -10.16
CA GLN C 144 6.11 21.55 -8.73
C GLN C 144 5.16 20.39 -8.53
N TYR C 145 5.14 19.86 -7.31
CA TYR C 145 4.22 18.77 -6.99
C TYR C 145 2.80 19.29 -6.96
N GLN C 146 1.97 18.81 -7.88
CA GLN C 146 0.59 19.25 -7.97
C GLN C 146 -0.33 18.51 -7.01
N TYR C 147 0.03 17.29 -6.60
CA TYR C 147 -0.78 16.49 -5.69
C TYR C 147 0.10 16.07 -4.53
N LYS C 148 -0.28 16.47 -3.32
CA LYS C 148 0.54 16.23 -2.14
C LYS C 148 -0.35 15.82 -0.98
N ASN C 149 0.27 15.12 -0.02
CA ASN C 149 -0.38 14.72 1.22
C ASN C 149 0.05 15.70 2.32
N GLU C 150 -0.84 16.62 2.67
CA GLU C 150 -0.55 17.63 3.68
C GLU C 150 -1.19 17.31 5.02
N GLY C 151 -1.85 16.17 5.15
CA GLY C 151 -2.54 15.80 6.37
C GLY C 151 -1.73 14.88 7.25
N ASN C 152 -2.00 14.92 8.55
CA ASN C 152 -1.33 14.06 9.51
C ASN C 152 -2.12 12.77 9.70
N ASN C 153 -1.38 11.67 9.87
CA ASN C 153 -1.98 10.36 10.09
C ASN C 153 -2.95 10.00 8.98
N SER C 154 -2.58 10.31 7.75
CA SER C 154 -3.44 10.09 6.59
C SER C 154 -2.68 9.32 5.52
N TYR C 155 -3.41 8.47 4.80
CA TYR C 155 -2.81 7.60 3.80
C TYR C 155 -3.61 7.63 2.51
N MET C 156 -2.90 7.63 1.38
CA MET C 156 -3.48 7.71 0.05
C MET C 156 -2.97 6.54 -0.78
N ILE C 157 -3.89 5.84 -1.43
CA ILE C 157 -3.54 4.80 -2.39
C ILE C 157 -4.36 5.08 -3.65
N GLY C 158 -3.69 5.46 -4.72
CA GLY C 158 -4.37 5.78 -5.96
C GLY C 158 -3.56 6.80 -6.75
N ASN C 159 -4.22 7.37 -7.75
CA ASN C 159 -3.59 8.30 -8.68
C ASN C 159 -4.17 9.69 -8.50
N LYS C 160 -3.30 10.69 -8.44
CA LYS C 160 -3.67 12.11 -8.46
C LYS C 160 -4.69 12.43 -7.36
N ASN C 161 -4.28 12.19 -6.13
CA ASN C 161 -5.12 12.42 -4.96
C ASN C 161 -4.52 13.55 -4.13
N LYS C 162 -5.39 14.31 -3.47
CA LYS C 162 -4.97 15.48 -2.71
C LYS C 162 -5.60 15.47 -1.32
N ILE C 163 -4.82 15.84 -0.32
CA ILE C 163 -5.31 16.05 1.04
C ILE C 163 -4.79 17.41 1.50
N ALA C 164 -5.71 18.33 1.80
CA ALA C 164 -5.34 19.67 2.20
C ALA C 164 -4.77 19.68 3.61
N SER C 165 -4.01 20.72 3.91
CA SER C 165 -3.44 20.88 5.24
C SER C 165 -4.53 21.15 6.26
N GLY C 166 -4.38 20.56 7.44
CA GLY C 166 -5.38 20.66 8.49
C GLY C 166 -6.43 19.57 8.46
N SER C 167 -6.45 18.74 7.42
CA SER C 167 -7.37 17.61 7.33
C SER C 167 -6.57 16.35 7.68
N ASP C 168 -6.88 15.76 8.83
CA ASP C 168 -6.09 14.66 9.38
C ASP C 168 -6.94 13.41 9.54
N ASP C 169 -6.25 12.28 9.70
CA ASP C 169 -6.89 10.97 9.86
C ASP C 169 -7.85 10.66 8.71
N ASN C 170 -7.37 10.87 7.50
CA ASN C 170 -8.15 10.60 6.29
C ASN C 170 -7.49 9.46 5.51
N PHE C 171 -8.31 8.65 4.87
CA PHE C 171 -7.82 7.54 4.07
C PHE C 171 -8.50 7.54 2.72
N ILE C 172 -7.71 7.37 1.67
CA ILE C 172 -8.18 7.42 0.29
C ILE C 172 -7.80 6.13 -0.41
N LEU C 173 -8.79 5.50 -1.05
CA LEU C 173 -8.57 4.34 -1.91
C LEU C 173 -9.28 4.63 -3.23
N GLY C 174 -8.60 5.35 -4.11
CA GLY C 174 -9.20 5.76 -5.36
C GLY C 174 -8.33 6.80 -6.05
N ASN C 175 -8.84 7.27 -7.18
CA ASN C 175 -8.15 8.26 -7.99
C ASN C 175 -8.95 9.56 -8.02
N ASN C 176 -8.22 10.67 -8.22
CA ASN C 176 -8.81 11.99 -8.40
C ASN C 176 -9.68 12.38 -7.21
N VAL C 177 -9.24 12.02 -6.00
CA VAL C 177 -9.94 12.35 -4.77
C VAL C 177 -9.22 13.49 -4.10
N HIS C 178 -9.85 14.65 -4.02
CA HIS C 178 -9.30 15.82 -3.38
C HIS C 178 -10.08 16.10 -2.10
N ILE C 179 -9.37 16.21 -0.99
CA ILE C 179 -9.98 16.47 0.31
C ILE C 179 -9.60 17.90 0.71
N GLY C 180 -10.62 18.71 0.97
CA GLY C 180 -10.41 20.10 1.34
C GLY C 180 -10.02 20.25 2.80
N GLY C 181 -10.07 21.49 3.27
CA GLY C 181 -9.72 21.79 4.64
C GLY C 181 -10.84 21.45 5.62
N GLY C 182 -10.44 21.13 6.85
CA GLY C 182 -11.39 20.81 7.90
C GLY C 182 -12.22 19.57 7.66
N ILE C 183 -11.61 18.50 7.19
CA ILE C 183 -12.31 17.23 6.95
C ILE C 183 -11.46 16.15 7.61
N ASN C 184 -11.88 15.69 8.78
CA ASN C 184 -11.15 14.69 9.55
C ASN C 184 -11.95 13.40 9.63
N ASN C 185 -11.24 12.30 9.86
CA ASN C 185 -11.86 10.98 10.10
C ASN C 185 -12.76 10.57 8.95
N SER C 186 -12.22 10.60 7.73
CA SER C 186 -13.01 10.31 6.54
C SER C 186 -12.29 9.29 5.69
N VAL C 187 -13.08 8.48 4.98
CA VAL C 187 -12.56 7.45 4.07
C VAL C 187 -13.22 7.65 2.70
N ALA C 188 -12.41 7.64 1.66
CA ALA C 188 -12.89 7.75 0.29
C ALA C 188 -12.51 6.48 -0.47
N LEU C 189 -13.49 5.87 -1.12
CA LEU C 189 -13.30 4.62 -1.84
C LEU C 189 -13.72 4.80 -3.29
N GLY C 190 -12.88 4.34 -4.22
CA GLY C 190 -13.23 4.24 -5.61
C GLY C 190 -12.73 5.41 -6.44
N ASN C 191 -12.79 5.20 -7.75
CA ASN C 191 -12.40 6.23 -8.71
C ASN C 191 -13.33 7.44 -8.61
N ASN C 192 -12.72 8.63 -8.63
CA ASN C 192 -13.46 9.89 -8.69
C ASN C 192 -14.42 10.06 -7.51
N SER C 193 -14.05 9.54 -6.35
CA SER C 193 -14.88 9.72 -5.17
C SER C 193 -14.75 11.15 -4.63
N THR C 194 -15.68 11.52 -3.76
CA THR C 194 -15.74 12.88 -3.24
C THR C 194 -16.07 12.85 -1.75
N VAL C 195 -15.29 13.57 -0.96
CA VAL C 195 -15.51 13.71 0.48
C VAL C 195 -15.89 15.15 0.76
N SER C 196 -17.00 15.33 1.49
CA SER C 196 -17.50 16.67 1.76
C SER C 196 -17.76 16.94 3.25
N ALA C 197 -17.51 15.97 4.13
CA ALA C 197 -17.77 16.16 5.54
C ALA C 197 -16.87 15.22 6.34
N SER C 198 -16.85 15.44 7.65
CA SER C 198 -16.06 14.64 8.56
C SER C 198 -16.87 13.43 9.05
N ASN C 199 -16.14 12.42 9.52
CA ASN C 199 -16.75 11.20 10.07
C ASN C 199 -17.71 10.54 9.08
N THR C 200 -17.29 10.46 7.81
CA THR C 200 -18.09 9.84 6.78
C THR C 200 -17.22 8.93 5.92
N VAL C 201 -17.87 7.97 5.28
CA VAL C 201 -17.23 7.10 4.28
C VAL C 201 -17.97 7.31 2.97
N SER C 202 -17.24 7.73 1.95
CA SER C 202 -17.83 8.06 0.66
C SER C 202 -17.47 7.00 -0.37
N VAL C 203 -18.47 6.51 -1.10
CA VAL C 203 -18.27 5.53 -2.15
C VAL C 203 -18.60 6.11 -3.52
N GLY C 204 -18.50 7.42 -3.67
CA GLY C 204 -18.80 8.06 -4.93
C GLY C 204 -18.96 9.55 -4.74
N SER C 205 -19.33 10.20 -5.84
CA SER C 205 -19.58 11.64 -5.87
C SER C 205 -21.05 11.91 -6.15
N SER C 206 -21.39 13.20 -6.26
CA SER C 206 -22.76 13.58 -6.56
C SER C 206 -23.18 13.17 -7.97
N THR C 207 -22.24 12.92 -8.86
CA THR C 207 -22.53 12.51 -10.22
C THR C 207 -22.58 10.98 -10.38
N LEU C 208 -21.59 10.28 -9.86
CA LEU C 208 -21.54 8.83 -9.91
C LEU C 208 -21.68 8.29 -8.49
N LYS C 209 -22.71 7.45 -8.28
CA LYS C 209 -22.98 6.84 -6.99
C LYS C 209 -22.89 5.33 -7.13
N ARG C 210 -22.12 4.70 -6.26
CA ARG C 210 -21.87 3.26 -6.33
C ARG C 210 -22.85 2.50 -5.45
N LYS C 211 -23.21 1.31 -5.90
CA LYS C 211 -23.99 0.38 -5.09
C LYS C 211 -23.06 -0.45 -4.22
N ILE C 212 -23.56 -0.89 -3.08
CA ILE C 212 -22.84 -1.79 -2.20
C ILE C 212 -23.53 -3.14 -2.27
N VAL C 213 -22.86 -4.11 -2.87
CA VAL C 213 -23.45 -5.40 -3.14
C VAL C 213 -22.89 -6.43 -2.16
N ASN C 214 -23.55 -7.58 -2.09
CA ASN C 214 -23.10 -8.70 -1.27
C ASN C 214 -22.98 -8.31 0.21
N VAL C 215 -24.00 -7.62 0.71
CA VAL C 215 -24.04 -7.19 2.09
C VAL C 215 -24.84 -8.20 2.90
N GLY C 216 -24.29 -8.63 4.03
CA GLY C 216 -25.02 -9.52 4.90
C GLY C 216 -26.21 -8.84 5.54
N ASP C 217 -27.15 -9.66 6.01
CA ASP C 217 -28.36 -9.14 6.62
C ASP C 217 -28.03 -8.33 7.86
N GLY C 218 -28.78 -7.25 8.07
CA GLY C 218 -28.57 -6.41 9.23
C GLY C 218 -29.07 -7.05 10.51
N ALA C 219 -29.27 -6.22 11.54
CA ALA C 219 -29.64 -6.68 12.87
C ALA C 219 -30.79 -5.85 13.41
N ILE C 220 -31.85 -5.72 12.62
CA ILE C 220 -32.96 -4.78 12.90
C ILE C 220 -33.39 -4.91 14.36
N SER C 221 -33.28 -3.81 15.10
CA SER C 221 -33.50 -3.80 16.53
C SER C 221 -33.52 -2.34 16.98
N ALA C 222 -33.61 -2.14 18.31
CA ALA C 222 -33.75 -0.79 18.84
C ALA C 222 -32.46 0.01 18.72
N ASN C 223 -31.31 -0.63 18.92
CA ASN C 223 -30.05 0.08 19.02
C ASN C 223 -29.00 -0.39 18.03
N SER C 224 -29.31 -1.33 17.15
CA SER C 224 -28.31 -1.86 16.25
C SER C 224 -27.89 -0.81 15.23
N SER C 225 -26.58 -0.75 14.97
CA SER C 225 -26.02 0.12 13.94
C SER C 225 -25.43 -0.79 12.87
N ASP C 226 -26.27 -1.19 11.93
CA ASP C 226 -25.86 -2.08 10.85
C ASP C 226 -26.25 -1.47 9.51
N ALA C 227 -26.18 -2.25 8.44
CA ALA C 227 -26.63 -1.81 7.12
C ALA C 227 -27.70 -2.78 6.65
N VAL C 228 -28.95 -2.30 6.57
CA VAL C 228 -30.02 -3.15 6.09
C VAL C 228 -29.84 -3.41 4.61
N THR C 229 -30.42 -4.51 4.13
CA THR C 229 -30.26 -4.94 2.76
C THR C 229 -31.59 -4.82 2.02
N GLY C 230 -31.56 -5.16 0.73
CA GLY C 230 -32.76 -5.07 -0.07
C GLY C 230 -33.85 -6.01 0.40
N ARG C 231 -33.48 -7.24 0.76
CA ARG C 231 -34.47 -8.20 1.24
C ARG C 231 -35.05 -7.78 2.59
N GLN C 232 -34.22 -7.20 3.45
CA GLN C 232 -34.70 -6.77 4.76
C GLN C 232 -35.76 -5.69 4.64
N LEU C 233 -35.53 -4.70 3.76
CA LEU C 233 -36.52 -3.66 3.56
C LEU C 233 -37.70 -4.16 2.75
N TYR C 234 -37.48 -5.17 1.90
CA TYR C 234 -38.56 -5.74 1.11
C TYR C 234 -39.56 -6.47 2.00
N SER C 235 -39.07 -7.36 2.86
CA SER C 235 -39.94 -8.15 3.71
C SER C 235 -40.33 -7.41 4.99
N GLY C 236 -39.44 -6.58 5.53
CA GLY C 236 -39.76 -5.82 6.72
C GLY C 236 -39.77 -6.61 8.00
N ASN C 237 -39.14 -7.78 8.02
CA ASN C 237 -39.12 -8.61 9.22
C ASN C 237 -38.36 -7.91 10.34
N GLY C 238 -38.91 -7.98 11.55
CA GLY C 238 -38.25 -7.45 12.73
C GLY C 238 -38.49 -5.98 13.00
N ILE C 239 -39.31 -5.29 12.20
CA ILE C 239 -39.58 -3.89 12.45
C ILE C 239 -40.46 -3.76 13.69
N ASP C 240 -40.48 -2.55 14.24
CA ASP C 240 -41.33 -2.23 15.38
C ASP C 240 -42.78 -2.13 14.89
N THR C 241 -43.53 -3.23 15.03
CA THR C 241 -44.91 -3.25 14.56
C THR C 241 -45.81 -2.29 15.30
N ALA C 242 -45.40 -1.79 16.46
CA ALA C 242 -46.20 -0.83 17.22
C ALA C 242 -45.82 0.62 16.93
N ALA C 243 -44.52 0.91 16.79
CA ALA C 243 -44.11 2.27 16.45
C ALA C 243 -44.57 2.65 15.04
N TRP C 244 -44.45 1.71 14.10
CA TRP C 244 -44.87 1.97 12.73
C TRP C 244 -46.38 2.18 12.63
N GLN C 245 -47.16 1.59 13.53
CA GLN C 245 -48.61 1.70 13.53
C GLN C 245 -49.11 3.00 14.13
N ASN C 246 -48.22 3.83 14.64
CA ASN C 246 -48.58 5.17 15.11
C ASN C 246 -48.20 6.24 14.10
N LYS C 247 -47.02 6.11 13.50
CA LYS C 247 -46.59 7.03 12.45
C LYS C 247 -47.50 6.93 11.23
N LEU C 248 -47.83 5.71 10.83
CA LEU C 248 -48.93 5.46 9.90
C LEU C 248 -50.15 5.10 10.73
N ASN C 249 -51.21 5.90 10.61
CA ASN C 249 -52.39 5.75 11.47
C ASN C 249 -53.23 4.56 10.99
N VAL C 250 -52.62 3.38 11.02
CA VAL C 250 -53.28 2.19 10.51
C VAL C 250 -54.47 1.84 11.39
N THR C 251 -55.43 1.15 10.80
CA THR C 251 -56.61 0.64 11.50
C THR C 251 -56.47 -0.88 11.54
N ARG C 252 -56.10 -1.41 12.71
CA ARG C 252 -55.87 -2.83 12.83
C ARG C 252 -57.15 -3.62 12.60
N LYS C 253 -57.02 -4.74 11.87
CA LYS C 253 -58.16 -5.59 11.60
C LYS C 253 -58.76 -6.13 12.90
N ASN C 254 -57.93 -6.27 13.94
CA ASN C 254 -58.44 -6.69 15.24
C ASN C 254 -59.45 -5.71 15.81
N ASP C 255 -59.35 -4.43 15.43
CA ASP C 255 -60.32 -3.42 15.85
C ASP C 255 -61.40 -3.17 14.79
N TYR C 256 -61.01 -3.13 13.52
CA TYR C 256 -61.97 -2.88 12.45
C TYR C 256 -63.04 -3.95 12.42
N LYS C 257 -62.64 -5.22 12.50
CA LYS C 257 -63.60 -6.31 12.58
C LYS C 257 -64.39 -6.30 13.88
N ASP C 258 -63.79 -5.80 14.96
CA ASP C 258 -64.41 -5.84 16.28
C ASP C 258 -65.08 -4.52 16.66
N ALA C 259 -65.11 -3.54 15.75
CA ALA C 259 -65.76 -2.25 15.95
C ALA C 259 -65.15 -1.47 17.12
N ASN C 260 -63.90 -1.75 17.49
CA ASN C 260 -63.26 -1.00 18.56
C ASN C 260 -62.92 0.41 18.10
N ASP C 261 -62.99 1.36 19.04
CA ASP C 261 -62.49 2.72 18.87
C ASP C 261 -63.20 3.40 17.68
N ILE C 262 -64.49 3.63 17.88
CA ILE C 262 -65.33 4.33 16.90
C ILE C 262 -66.24 5.29 17.63
N ASP C 263 -66.59 6.39 16.95
CA ASP C 263 -67.69 7.22 17.43
C ASP C 263 -69.02 6.54 17.17
N VAL C 264 -69.99 6.78 18.05
CA VAL C 264 -71.31 6.21 17.93
C VAL C 264 -72.35 7.27 17.58
N ASN C 265 -72.24 8.47 18.15
CA ASN C 265 -73.17 9.55 17.83
C ASN C 265 -73.04 10.03 16.39
N LYS C 266 -71.91 9.77 15.74
CA LYS C 266 -71.64 10.22 14.38
C LYS C 266 -71.76 9.12 13.34
N TRP C 267 -71.36 7.89 13.67
CA TRP C 267 -71.66 6.77 12.78
C TRP C 267 -73.16 6.59 12.62
N LYS C 268 -73.91 6.66 13.73
CA LYS C 268 -75.36 6.53 13.64
C LYS C 268 -75.99 7.66 12.84
N ALA C 269 -75.29 8.78 12.66
CA ALA C 269 -75.82 9.87 11.86
C ALA C 269 -75.80 9.53 10.38
N LYS C 270 -74.62 9.24 9.84
CA LYS C 270 -74.51 8.94 8.42
C LYS C 270 -75.11 7.58 8.09
N LEU C 271 -74.91 6.59 8.96
CA LEU C 271 -75.44 5.26 8.73
C LEU C 271 -76.88 5.09 9.20
N GLY C 272 -77.48 6.12 9.78
CA GLY C 272 -78.86 6.04 10.24
C GLY C 272 -79.00 5.19 11.48
N GLN D 1 29.61 4.77 30.99
CA GLN D 1 29.01 3.55 31.49
C GLN D 1 27.64 3.77 32.13
N LEU D 2 26.70 2.89 31.82
CA LEU D 2 25.34 3.04 32.33
C LEU D 2 25.16 2.28 33.63
N THR D 3 24.74 2.99 34.67
CA THR D 3 24.53 2.40 35.98
C THR D 3 23.16 2.80 36.50
N THR D 4 22.51 1.86 37.18
CA THR D 4 21.22 2.10 37.81
C THR D 4 21.37 1.91 39.32
N GLU D 5 20.58 2.67 40.07
CA GLU D 5 20.65 2.65 41.53
C GLU D 5 19.25 2.65 42.11
N SER D 6 18.95 1.66 42.93
CA SER D 6 17.67 1.57 43.63
C SER D 6 17.65 2.62 44.73
N MET D 7 16.46 3.07 45.09
CA MET D 7 16.30 4.12 46.10
C MET D 7 14.96 3.98 46.80
N PRO D 8 14.91 3.39 48.00
CA PRO D 8 16.03 2.80 48.76
C PRO D 8 16.33 1.38 48.31
N PHE D 9 17.44 0.80 48.77
CA PHE D 9 17.77 -0.57 48.39
C PHE D 9 16.81 -1.57 49.02
N ASN D 10 16.43 -1.34 50.27
CA ASN D 10 15.47 -2.19 50.97
C ASN D 10 14.18 -1.43 51.20
N VAL D 11 13.08 -1.99 50.73
CA VAL D 11 11.78 -1.33 50.77
C VAL D 11 10.83 -2.15 51.62
N ALA D 12 10.10 -1.47 52.50
CA ALA D 12 9.02 -2.10 53.24
C ALA D 12 7.89 -2.48 52.29
N GLU D 13 7.19 -3.57 52.62
CA GLU D 13 6.08 -4.00 51.79
C GLU D 13 5.00 -2.94 51.73
N GLY D 14 4.45 -2.73 50.53
CA GLY D 14 3.43 -1.74 50.31
C GLY D 14 3.94 -0.34 50.06
N LYS D 15 5.24 -0.11 50.17
CA LYS D 15 5.84 1.18 49.88
C LYS D 15 6.21 1.24 48.40
N GLU D 16 6.97 2.27 48.01
CA GLU D 16 7.40 2.44 46.63
C GLU D 16 8.91 2.48 46.56
N VAL D 17 9.44 2.11 45.39
CA VAL D 17 10.87 2.12 45.11
C VAL D 17 11.10 2.84 43.79
N LEU D 18 12.17 3.62 43.73
CA LEU D 18 12.52 4.40 42.54
C LEU D 18 13.93 4.03 42.10
N LEU D 19 14.05 3.63 40.84
CA LEU D 19 15.34 3.25 40.27
C LEU D 19 15.89 4.41 39.47
N LEU D 20 17.00 4.98 39.92
CA LEU D 20 17.66 6.08 39.25
C LEU D 20 18.58 5.57 38.15
N VAL D 21 18.81 6.42 37.14
CA VAL D 21 19.68 6.11 36.02
C VAL D 21 20.74 7.21 35.93
N HIS D 22 22.00 6.80 35.81
CA HIS D 22 23.11 7.74 35.74
C HIS D 22 23.88 7.54 34.44
N ASN D 23 24.56 8.61 34.02
CA ASN D 23 25.39 8.60 32.82
C ASN D 23 24.60 8.14 31.59
N LEU D 24 23.37 8.62 31.48
CA LEU D 24 22.54 8.29 30.33
C LEU D 24 23.15 8.87 29.06
N PRO D 25 23.29 8.09 27.99
CA PRO D 25 23.94 8.59 26.77
C PRO D 25 23.30 9.86 26.22
N GLN D 26 24.07 10.62 25.43
CA GLN D 26 23.59 11.90 24.91
C GLN D 26 22.40 11.72 23.98
N GLN D 27 22.59 11.03 22.85
CA GLN D 27 21.56 10.85 21.85
C GLN D 27 20.88 9.50 22.07
N LEU D 28 19.56 9.52 22.24
CA LEU D 28 18.80 8.34 22.59
C LEU D 28 17.59 8.19 21.68
N PHE D 29 17.16 6.94 21.54
CA PHE D 29 15.95 6.60 20.81
C PHE D 29 14.81 6.12 21.69
N GLY D 30 15.12 5.58 22.87
CA GLY D 30 14.07 5.12 23.77
C GLY D 30 14.66 4.20 24.81
N TYR D 31 13.83 3.90 25.81
CA TYR D 31 14.22 3.04 26.92
C TYR D 31 13.26 1.86 27.04
N SER D 32 13.62 0.92 27.90
CA SER D 32 12.76 -0.21 28.20
C SER D 32 13.27 -0.87 29.48
N TRP D 33 12.35 -1.25 30.36
CA TRP D 33 12.68 -1.91 31.61
C TRP D 33 12.17 -3.34 31.58
N TYR D 34 13.05 -4.30 31.84
CA TYR D 34 12.71 -5.71 31.81
C TYR D 34 12.90 -6.33 33.19
N LYS D 35 12.00 -7.23 33.56
CA LYS D 35 12.10 -7.95 34.82
C LYS D 35 13.08 -9.11 34.65
N GLY D 36 14.02 -9.24 35.57
CA GLY D 36 15.04 -10.27 35.50
C GLY D 36 16.31 -9.76 34.85
N GLU D 37 17.33 -10.62 34.88
CA GLU D 37 18.64 -10.28 34.35
C GLU D 37 18.69 -10.30 32.83
N ARG D 38 17.66 -10.82 32.17
CA ARG D 38 17.63 -10.97 30.73
C ARG D 38 16.78 -9.88 30.10
N VAL D 39 17.01 -9.62 28.82
CA VAL D 39 16.16 -8.73 28.03
C VAL D 39 15.33 -9.60 27.10
N ASP D 40 14.10 -9.89 27.50
CA ASP D 40 13.19 -10.72 26.72
C ASP D 40 11.88 -9.98 26.54
N GLY D 41 11.28 -10.13 25.36
CA GLY D 41 10.07 -9.39 25.05
C GLY D 41 8.92 -9.74 25.97
N ASN D 42 8.94 -10.95 26.54
CA ASN D 42 7.89 -11.35 27.46
C ASN D 42 8.04 -10.71 28.84
N ARG D 43 9.24 -10.23 29.17
CA ARG D 43 9.50 -9.63 30.47
C ARG D 43 9.48 -8.11 30.47
N GLN D 44 9.11 -7.48 29.35
CA GLN D 44 9.11 -6.03 29.29
C GLN D 44 8.06 -5.45 30.22
N ILE D 45 8.48 -4.59 31.13
CA ILE D 45 7.59 -3.92 32.06
C ILE D 45 6.98 -2.68 31.44
N VAL D 46 7.83 -1.79 30.90
CA VAL D 46 7.37 -0.54 30.31
C VAL D 46 8.43 -0.08 29.33
N GLY D 47 8.04 0.77 28.40
CA GLY D 47 8.97 1.28 27.41
C GLY D 47 8.61 2.70 27.02
N TYR D 48 9.64 3.49 26.76
CA TYR D 48 9.47 4.88 26.38
C TYR D 48 10.09 5.11 25.01
N ALA D 49 9.43 5.93 24.20
CA ALA D 49 9.91 6.29 22.86
C ALA D 49 10.02 7.81 22.80
N ILE D 50 11.25 8.31 22.86
CA ILE D 50 11.47 9.76 22.94
C ILE D 50 10.93 10.46 21.71
N GLY D 51 11.06 9.84 20.53
CA GLY D 51 10.57 10.41 19.29
C GLY D 51 9.12 10.90 19.35
N THR D 52 8.19 9.98 19.58
CA THR D 52 6.79 10.33 19.71
C THR D 52 6.38 10.66 21.14
N GLN D 53 7.28 10.48 22.11
CA GLN D 53 7.02 10.77 23.52
C GLN D 53 5.83 9.97 24.04
N GLN D 54 5.91 8.66 23.89
CA GLN D 54 4.88 7.74 24.32
C GLN D 54 5.47 6.74 25.31
N ALA D 55 4.68 6.38 26.32
CA ALA D 55 5.09 5.41 27.33
C ALA D 55 4.09 4.26 27.29
N THR D 56 4.49 3.16 26.64
CA THR D 56 3.60 2.02 26.45
C THR D 56 3.92 0.91 27.44
N PRO D 57 2.97 0.50 28.27
CA PRO D 57 3.21 -0.63 29.17
C PRO D 57 3.46 -1.92 28.39
N GLY D 58 4.24 -2.80 29.00
CA GLY D 58 4.58 -4.07 28.39
C GLY D 58 3.76 -5.22 28.93
N PRO D 59 4.00 -6.42 28.39
CA PRO D 59 3.25 -7.60 28.87
C PRO D 59 3.44 -7.87 30.35
N ALA D 60 4.59 -7.56 30.91
CA ALA D 60 4.88 -7.79 32.32
C ALA D 60 4.34 -6.69 33.23
N ASN D 61 3.75 -5.63 32.66
CA ASN D 61 3.22 -4.55 33.47
C ASN D 61 2.05 -5.02 34.31
N SER D 62 1.92 -4.44 35.51
CA SER D 62 0.82 -4.75 36.40
C SER D 62 0.08 -3.50 36.87
N GLY D 63 0.32 -2.35 36.23
CA GLY D 63 -0.32 -1.11 36.60
C GLY D 63 0.34 -0.34 37.70
N ARG D 64 1.38 -0.89 38.34
CA ARG D 64 2.08 -0.23 39.43
C ARG D 64 3.38 0.43 38.98
N GLU D 65 3.71 0.36 37.70
CA GLU D 65 5.01 0.81 37.20
C GLU D 65 4.82 1.98 36.23
N THR D 66 5.60 3.04 36.44
CA THR D 66 5.59 4.21 35.57
C THR D 66 7.01 4.55 35.17
N ILE D 67 7.19 4.87 33.89
CA ILE D 67 8.48 5.30 33.36
C ILE D 67 8.50 6.82 33.29
N TYR D 68 9.67 7.41 33.43
CA TYR D 68 9.87 8.85 33.41
C TYR D 68 10.76 9.27 32.25
N PRO D 69 10.63 10.51 31.79
CA PRO D 69 11.48 10.97 30.68
C PRO D 69 12.97 10.88 30.96
N ASN D 70 13.40 11.04 32.22
CA ASN D 70 14.80 10.82 32.57
C ASN D 70 15.08 9.37 32.99
N ALA D 71 14.26 8.42 32.51
CA ALA D 71 14.49 6.98 32.48
C ALA D 71 14.32 6.30 33.83
N SER D 72 14.02 7.03 34.89
CA SER D 72 13.77 6.39 36.18
C SER D 72 12.49 5.57 36.13
N LEU D 73 12.47 4.46 36.84
CA LEU D 73 11.30 3.61 36.96
C LEU D 73 10.78 3.67 38.39
N LEU D 74 9.47 3.93 38.53
CA LEU D 74 8.83 4.02 39.83
C LEU D 74 7.86 2.87 39.98
N ILE D 75 8.02 2.08 41.04
CA ILE D 75 7.15 0.95 41.34
C ILE D 75 6.44 1.23 42.66
N GLN D 76 5.12 1.37 42.61
CA GLN D 76 4.31 1.60 43.80
C GLN D 76 3.65 0.28 44.20
N ASN D 77 3.15 0.24 45.43
CA ASN D 77 2.49 -0.95 45.96
C ASN D 77 3.39 -2.17 45.84
N VAL D 78 4.64 -2.01 46.27
CA VAL D 78 5.60 -3.10 46.12
C VAL D 78 5.22 -4.26 47.03
N THR D 79 5.48 -5.47 46.54
CA THR D 79 5.16 -6.69 47.25
C THR D 79 6.40 -7.56 47.30
N GLN D 80 6.35 -8.59 48.14
CA GLN D 80 7.52 -9.45 48.34
C GLN D 80 7.85 -10.24 47.08
N ASN D 81 6.90 -10.32 46.15
CA ASN D 81 7.15 -11.03 44.89
C ASN D 81 8.02 -10.23 43.95
N ASP D 82 8.17 -8.92 44.17
CA ASP D 82 8.93 -8.07 43.27
C ASP D 82 10.43 -8.15 43.48
N THR D 83 10.88 -8.80 44.56
CA THR D 83 12.31 -8.89 44.85
C THR D 83 13.04 -9.62 43.73
N GLY D 84 13.94 -8.92 43.06
CA GLY D 84 14.68 -9.53 41.96
C GLY D 84 15.51 -8.49 41.23
N PHE D 85 16.07 -8.92 40.11
CA PHE D 85 16.88 -8.07 39.27
C PHE D 85 16.03 -7.40 38.19
N TYR D 86 16.40 -6.17 37.85
CA TYR D 86 15.75 -5.43 36.78
C TYR D 86 16.82 -4.90 35.83
N THR D 87 16.58 -5.03 34.54
CA THR D 87 17.52 -4.58 33.52
C THR D 87 16.91 -3.44 32.72
N LEU D 88 17.72 -2.42 32.45
CA LEU D 88 17.31 -1.28 31.64
C LEU D 88 17.98 -1.37 30.28
N GLN D 89 17.19 -1.29 29.23
CA GLN D 89 17.69 -1.26 27.86
C GLN D 89 17.61 0.17 27.35
N VAL D 90 18.74 0.70 26.89
CA VAL D 90 18.82 2.04 26.33
C VAL D 90 19.20 1.91 24.86
N ILE D 91 18.38 2.45 23.98
CA ILE D 91 18.62 2.41 22.55
C ILE D 91 19.08 3.80 22.11
N LYS D 92 20.32 3.88 21.62
CA LYS D 92 20.91 5.14 21.23
C LYS D 92 20.35 5.58 19.88
N SER D 93 20.85 6.73 19.41
CA SER D 93 20.35 7.29 18.15
C SER D 93 20.62 6.36 16.97
N ASP D 94 21.80 5.76 16.92
CA ASP D 94 22.14 4.79 15.89
C ASP D 94 21.48 3.42 16.13
N LEU D 95 20.62 3.33 17.13
CA LEU D 95 19.83 2.14 17.46
C LEU D 95 20.69 0.97 17.92
N VAL D 96 21.86 1.24 18.50
CA VAL D 96 22.66 0.20 19.14
C VAL D 96 22.30 0.15 20.62
N ASN D 97 21.89 -1.02 21.09
CA ASN D 97 21.38 -1.15 22.45
C ASN D 97 22.50 -1.05 23.47
N GLU D 98 22.18 -0.44 24.61
CA GLU D 98 23.06 -0.40 25.77
C GLU D 98 22.28 -0.93 26.97
N GLU D 99 22.96 -1.67 27.84
CA GLU D 99 22.28 -2.43 28.87
C GLU D 99 22.86 -2.12 30.25
N ALA D 100 21.98 -2.15 31.25
CA ALA D 100 22.38 -1.99 32.64
C ALA D 100 21.50 -2.90 33.49
N THR D 101 21.72 -2.86 34.80
CA THR D 101 20.97 -3.71 35.71
C THR D 101 20.84 -3.03 37.06
N GLY D 102 19.87 -3.51 37.83
CA GLY D 102 19.63 -3.01 39.18
C GLY D 102 18.71 -3.94 39.93
N GLN D 103 18.77 -3.85 41.25
CA GLN D 103 18.02 -4.78 42.09
C GLN D 103 17.66 -4.10 43.40
N PHE D 104 16.65 -4.66 44.06
CA PHE D 104 16.25 -4.23 45.39
C PHE D 104 15.57 -5.39 46.09
N HIS D 105 15.58 -5.33 47.43
CA HIS D 105 14.99 -6.36 48.26
C HIS D 105 13.76 -5.81 48.98
N VAL D 106 12.70 -6.63 49.03
CA VAL D 106 11.46 -6.28 49.70
C VAL D 106 11.37 -7.11 50.98
N TYR D 107 11.07 -6.45 52.09
CA TYR D 107 11.00 -7.11 53.38
C TYR D 107 9.68 -6.78 54.05
N PRO D 108 9.16 -7.68 54.88
CA PRO D 108 7.84 -7.47 55.47
C PRO D 108 7.90 -6.58 56.70
N GLU D 109 6.73 -6.10 57.10
CA GLU D 109 6.57 -5.26 58.28
C GLU D 109 6.62 -6.17 59.50
N LEU D 110 7.80 -6.26 60.12
CA LEU D 110 8.00 -7.17 61.23
C LEU D 110 7.18 -6.72 62.44
N PRO D 111 6.40 -7.63 63.03
CA PRO D 111 5.42 -7.25 64.04
C PRO D 111 5.95 -7.32 65.48
N LYS D 112 5.00 -7.14 66.40
CA LYS D 112 5.27 -7.27 67.82
C LYS D 112 5.70 -8.70 68.14
N PRO D 113 6.91 -8.90 68.70
CA PRO D 113 7.30 -10.26 69.08
C PRO D 113 6.89 -10.61 70.51
N SER D 114 7.11 -11.86 70.90
CA SER D 114 6.76 -12.33 72.24
C SER D 114 7.76 -13.40 72.67
N ILE D 115 7.85 -13.60 73.99
CA ILE D 115 8.89 -14.41 74.60
C ILE D 115 8.24 -15.50 75.43
N SER D 116 8.96 -16.60 75.63
CA SER D 116 8.48 -17.74 76.40
C SER D 116 9.62 -18.38 77.18
N SER D 117 9.26 -19.03 78.28
CA SER D 117 10.18 -19.77 79.13
C SER D 117 9.57 -21.13 79.47
N ASN D 118 10.40 -22.18 79.51
CA ASN D 118 9.78 -23.47 79.80
C ASN D 118 9.75 -23.77 81.29
N ASN D 119 10.31 -22.88 82.11
CA ASN D 119 10.24 -22.98 83.57
C ASN D 119 9.77 -21.64 84.11
N SER D 120 8.57 -21.63 84.68
CA SER D 120 7.96 -20.39 85.18
C SER D 120 8.55 -19.93 86.50
N ASN D 121 9.03 -20.84 87.34
CA ASN D 121 9.58 -20.50 88.66
C ASN D 121 11.00 -21.03 88.75
N PRO D 122 11.99 -20.25 88.30
CA PRO D 122 13.38 -20.70 88.41
C PRO D 122 13.76 -20.98 89.87
N VAL D 123 14.56 -22.02 90.05
CA VAL D 123 15.08 -22.36 91.38
C VAL D 123 16.17 -21.35 91.73
N GLU D 124 16.08 -20.78 92.94
CA GLU D 124 16.92 -19.64 93.29
C GLU D 124 18.41 -20.00 93.30
N ASP D 125 18.76 -21.16 93.85
CA ASP D 125 20.18 -21.52 93.96
C ASP D 125 20.80 -21.74 92.59
N LYS D 126 20.10 -22.43 91.70
CA LYS D 126 20.60 -22.71 90.35
C LYS D 126 19.46 -23.25 89.51
N ASP D 127 19.49 -22.93 88.22
CA ASP D 127 18.52 -23.45 87.27
C ASP D 127 19.09 -23.25 85.86
N ALA D 128 18.50 -23.95 84.90
CA ALA D 128 18.95 -23.91 83.51
C ALA D 128 17.85 -23.37 82.60
N VAL D 129 17.14 -22.33 83.05
CA VAL D 129 15.95 -21.87 82.36
C VAL D 129 16.32 -21.30 80.99
N ALA D 130 15.43 -21.51 80.01
CA ALA D 130 15.65 -21.09 78.64
C ALA D 130 14.61 -20.05 78.23
N PHE D 131 15.03 -19.08 77.42
CA PHE D 131 14.18 -18.01 76.91
C PHE D 131 14.19 -18.04 75.39
N THR D 132 13.01 -17.87 74.79
CA THR D 132 12.88 -17.97 73.35
C THR D 132 11.78 -17.03 72.86
N CYS D 133 12.02 -16.39 71.72
CA CYS D 133 11.01 -15.59 71.05
C CYS D 133 10.30 -16.48 70.02
N GLU D 134 9.03 -16.78 70.28
CA GLU D 134 8.21 -17.70 69.50
C GLU D 134 7.94 -17.30 68.04
N PRO D 135 7.60 -16.02 67.72
CA PRO D 135 7.05 -15.74 66.38
C PRO D 135 8.08 -15.84 65.27
N GLU D 136 8.29 -17.05 64.76
CA GLU D 136 9.34 -17.30 63.78
C GLU D 136 8.99 -16.69 62.41
N THR D 137 9.88 -15.83 61.92
CA THR D 137 9.81 -15.30 60.57
C THR D 137 11.20 -15.36 59.96
N GLN D 138 11.28 -15.22 58.65
CA GLN D 138 12.51 -15.49 57.92
C GLN D 138 13.43 -14.27 57.89
N ASP D 139 14.72 -14.54 57.66
CA ASP D 139 15.80 -13.58 57.42
C ASP D 139 15.81 -12.38 58.36
N THR D 140 15.56 -12.61 59.65
CA THR D 140 15.63 -11.55 60.65
C THR D 140 16.97 -11.62 61.38
N THR D 141 17.16 -10.68 62.31
CA THR D 141 18.27 -10.70 63.24
C THR D 141 17.72 -10.60 64.65
N TYR D 142 18.27 -11.39 65.57
CA TYR D 142 17.80 -11.44 66.95
C TYR D 142 18.87 -10.91 67.88
N LEU D 143 18.45 -10.20 68.92
CA LEU D 143 19.33 -9.72 69.97
C LEU D 143 18.52 -9.58 71.26
N TRP D 144 19.19 -9.77 72.39
CA TRP D 144 18.54 -9.80 73.69
C TRP D 144 18.90 -8.56 74.49
N TRP D 145 17.96 -8.13 75.35
CA TRP D 145 18.16 -6.97 76.20
C TRP D 145 17.80 -7.33 77.63
N ILE D 146 18.76 -7.19 78.53
CA ILE D 146 18.57 -7.45 79.96
C ILE D 146 18.81 -6.15 80.69
N ASN D 147 18.11 -5.97 81.82
CA ASN D 147 18.13 -4.79 82.68
C ASN D 147 18.31 -3.50 81.88
N ASN D 148 17.59 -3.42 80.76
CA ASN D 148 17.64 -2.28 79.84
C ASN D 148 19.10 -2.03 79.41
N GLN D 149 19.74 -3.06 78.87
CA GLN D 149 21.14 -3.02 78.47
C GLN D 149 21.45 -4.28 77.67
N SER D 150 22.28 -4.13 76.65
CA SER D 150 22.61 -5.25 75.77
C SER D 150 23.29 -6.37 76.56
N LEU D 151 22.93 -7.60 76.21
CA LEU D 151 23.34 -8.75 77.01
C LEU D 151 24.86 -8.85 77.08
N PRO D 152 25.43 -9.10 78.27
CA PRO D 152 26.89 -9.24 78.39
C PRO D 152 27.35 -10.61 77.91
N VAL D 153 28.27 -10.61 76.95
CA VAL D 153 28.73 -11.86 76.35
C VAL D 153 29.43 -12.69 77.40
N SER D 154 29.00 -13.95 77.54
CA SER D 154 29.56 -14.88 78.51
C SER D 154 29.14 -16.28 78.13
N PRO D 155 29.97 -17.30 78.42
CA PRO D 155 29.52 -18.68 78.20
C PRO D 155 28.31 -19.05 79.02
N ARG D 156 28.08 -18.34 80.12
CA ARG D 156 26.88 -18.55 80.92
C ARG D 156 25.59 -18.29 80.14
N LEU D 157 25.64 -17.40 79.15
CA LEU D 157 24.49 -17.12 78.29
C LEU D 157 24.59 -17.99 77.04
N GLN D 158 23.89 -19.12 77.07
CA GLN D 158 23.89 -20.04 75.95
C GLN D 158 22.83 -19.65 74.92
N LEU D 159 23.15 -19.86 73.65
CA LEU D 159 22.24 -19.56 72.56
C LEU D 159 22.09 -20.78 71.66
N SER D 160 20.85 -21.04 71.26
CA SER D 160 20.54 -22.20 70.43
C SER D 160 19.49 -21.80 69.40
N ASN D 161 19.33 -22.65 68.38
CA ASN D 161 18.50 -22.35 67.21
C ASN D 161 18.96 -21.03 66.61
N GLY D 162 20.22 -21.04 66.17
CA GLY D 162 20.92 -19.80 65.91
C GLY D 162 21.13 -19.11 67.24
N ASN D 163 20.47 -17.97 67.45
CA ASN D 163 20.46 -17.32 68.75
C ASN D 163 19.12 -16.64 68.99
N ARG D 164 18.02 -17.27 68.53
CA ARG D 164 16.67 -16.92 68.96
C ARG D 164 16.33 -17.47 70.34
N THR D 165 16.98 -18.55 70.76
CA THR D 165 16.74 -19.17 72.06
C THR D 165 17.87 -18.79 73.01
N LEU D 166 17.53 -18.20 74.14
CA LEU D 166 18.50 -17.81 75.16
C LEU D 166 18.33 -18.73 76.37
N THR D 167 19.35 -19.54 76.64
CA THR D 167 19.34 -20.46 77.77
C THR D 167 20.30 -19.95 78.83
N LEU D 168 19.83 -19.86 80.06
CA LEU D 168 20.65 -19.42 81.19
C LEU D 168 21.14 -20.65 81.92
N LEU D 169 22.45 -20.93 81.83
CA LEU D 169 22.99 -22.18 82.35
C LEU D 169 22.82 -22.29 83.85
N SER D 170 23.10 -21.22 84.59
CA SER D 170 23.03 -21.24 86.05
C SER D 170 22.47 -19.90 86.53
N VAL D 171 21.21 -19.89 86.91
CA VAL D 171 20.55 -18.65 87.31
C VAL D 171 20.89 -18.34 88.76
N THR D 172 20.78 -17.06 89.12
CA THR D 172 20.94 -16.59 90.49
C THR D 172 19.85 -15.58 90.78
N ARG D 173 19.57 -15.37 92.08
CA ARG D 173 18.58 -14.38 92.46
C ARG D 173 19.00 -12.97 92.07
N ASN D 174 20.31 -12.73 91.92
CA ASN D 174 20.81 -11.43 91.52
C ASN D 174 20.56 -11.13 90.04
N ASP D 175 20.12 -12.12 89.26
CA ASP D 175 19.88 -11.92 87.83
C ASP D 175 18.46 -11.44 87.54
N THR D 176 17.66 -11.18 88.57
CA THR D 176 16.29 -10.76 88.36
C THR D 176 16.25 -9.43 87.60
N GLY D 177 15.56 -9.43 86.46
CA GLY D 177 15.44 -8.25 85.64
C GLY D 177 14.46 -8.44 84.50
N PRO D 178 14.26 -7.39 83.71
CA PRO D 178 13.31 -7.48 82.58
C PRO D 178 13.98 -8.10 81.36
N TYR D 179 13.44 -9.21 80.89
CA TYR D 179 13.92 -9.90 79.70
C TYR D 179 13.05 -9.50 78.52
N GLU D 180 13.70 -9.11 77.42
CA GLU D 180 13.03 -8.45 76.31
C GLU D 180 13.87 -8.65 75.05
N CYS D 181 13.23 -9.10 73.98
CA CYS D 181 13.96 -9.50 72.78
C CYS D 181 13.43 -8.79 71.55
N GLU D 182 14.30 -8.66 70.55
CA GLU D 182 14.04 -7.90 69.34
C GLU D 182 14.17 -8.80 68.12
N ILE D 183 13.31 -8.58 67.14
CA ILE D 183 13.40 -9.22 65.84
C ILE D 183 13.41 -8.12 64.77
N GLN D 184 14.42 -8.17 63.89
CA GLN D 184 14.92 -6.99 63.21
C GLN D 184 15.32 -7.35 61.78
N ASN D 185 14.84 -6.58 60.82
CA ASN D 185 15.23 -6.71 59.42
C ASN D 185 15.80 -5.40 58.88
N PRO D 186 16.42 -5.42 57.70
CA PRO D 186 16.98 -4.18 57.13
C PRO D 186 16.00 -3.00 57.03
N VAL D 187 14.70 -3.19 57.24
CA VAL D 187 13.76 -2.10 57.00
C VAL D 187 13.10 -1.62 58.29
N SER D 188 12.94 -2.50 59.28
CA SER D 188 12.19 -2.11 60.48
C SER D 188 12.54 -3.00 61.65
N ALA D 189 12.24 -2.49 62.86
CA ALA D 189 12.37 -3.22 64.10
C ALA D 189 11.67 -2.45 65.21
N ASN D 190 10.92 -3.17 66.04
CA ASN D 190 10.36 -2.60 67.26
C ASN D 190 10.11 -3.73 68.26
N ARG D 191 10.00 -3.35 69.53
CA ARG D 191 10.42 -4.18 70.65
C ARG D 191 9.25 -5.00 71.20
N SER D 192 9.59 -6.02 71.98
CA SER D 192 8.65 -6.91 72.65
C SER D 192 8.34 -6.40 74.05
N ASP D 193 7.66 -7.24 74.82
CA ASP D 193 7.25 -6.87 76.17
C ASP D 193 8.26 -7.40 77.18
N PRO D 194 8.73 -6.57 78.12
CA PRO D 194 9.71 -7.05 79.12
C PRO D 194 9.16 -8.22 79.91
N VAL D 195 10.01 -9.22 80.15
CA VAL D 195 9.66 -10.38 80.94
C VAL D 195 10.57 -10.44 82.16
N THR D 196 9.96 -10.62 83.33
CA THR D 196 10.67 -10.61 84.60
C THR D 196 11.00 -12.04 85.05
N LEU D 197 11.91 -12.12 86.02
CA LEU D 197 12.26 -13.38 86.67
C LEU D 197 11.53 -13.45 88.00
N ASN D 198 11.08 -14.64 88.38
CA ASN D 198 10.37 -14.85 89.64
C ASN D 198 11.28 -15.61 90.59
N VAL D 199 11.70 -14.95 91.67
CA VAL D 199 12.48 -15.55 92.74
C VAL D 199 11.93 -15.04 94.06
N THR D 200 12.41 -15.61 95.16
CA THR D 200 11.96 -15.20 96.48
C THR D 200 13.01 -15.53 97.54
N GLN E 1 22.33 -32.88 -16.51
CA GLN E 1 21.49 -32.69 -17.69
C GLN E 1 20.04 -33.16 -17.52
N LEU E 2 19.10 -32.31 -17.93
CA LEU E 2 17.69 -32.60 -17.74
C LEU E 2 17.13 -33.31 -18.96
N THR E 3 16.62 -34.52 -18.76
CA THR E 3 16.06 -35.33 -19.83
C THR E 3 14.66 -35.77 -19.44
N THR E 4 13.78 -35.81 -20.44
CA THR E 4 12.41 -36.29 -20.26
C THR E 4 12.19 -37.49 -21.16
N GLU E 5 11.35 -38.42 -20.71
CA GLU E 5 11.10 -39.66 -21.41
C GLU E 5 9.62 -39.97 -21.39
N SER E 6 9.02 -40.08 -22.57
CA SER E 6 7.61 -40.46 -22.71
C SER E 6 7.46 -41.93 -22.37
N MET E 7 6.32 -42.30 -21.81
CA MET E 7 6.06 -43.67 -21.38
C MET E 7 4.59 -44.01 -21.57
N PRO E 8 4.22 -44.75 -22.62
CA PRO E 8 5.07 -45.24 -23.71
C PRO E 8 5.29 -44.19 -24.79
N PHE E 9 6.22 -44.44 -25.72
CA PHE E 9 6.45 -43.48 -26.80
C PHE E 9 5.27 -43.39 -27.74
N ASN E 10 4.65 -44.53 -28.05
CA ASN E 10 3.48 -44.58 -28.91
C ASN E 10 2.26 -44.99 -28.10
N VAL E 11 1.22 -44.17 -28.15
CA VAL E 11 0.02 -44.35 -27.33
C VAL E 11 -1.18 -44.53 -28.24
N ALA E 12 -2.01 -45.53 -27.92
CA ALA E 12 -3.28 -45.70 -28.60
C ALA E 12 -4.20 -44.55 -28.24
N GLU E 13 -5.08 -44.20 -29.19
CA GLU E 13 -6.01 -43.10 -28.96
C GLU E 13 -6.94 -43.42 -27.77
N GLY E 14 -7.17 -42.42 -26.94
CA GLY E 14 -8.01 -42.57 -25.77
C GLY E 14 -7.31 -43.11 -24.54
N LYS E 15 -6.05 -43.48 -24.65
CA LYS E 15 -5.28 -43.96 -23.51
C LYS E 15 -4.56 -42.79 -22.85
N GLU E 16 -3.64 -43.08 -21.94
CA GLU E 16 -2.89 -42.05 -21.23
C GLU E 16 -1.40 -42.22 -21.49
N VAL E 17 -0.67 -41.12 -21.35
CA VAL E 17 0.78 -41.10 -21.51
C VAL E 17 1.38 -40.35 -20.33
N LEU E 18 2.51 -40.85 -19.83
CA LEU E 18 3.19 -40.27 -18.68
C LEU E 18 4.61 -39.88 -19.08
N LEU E 19 4.95 -38.62 -18.86
CA LEU E 19 6.29 -38.11 -19.16
C LEU E 19 7.12 -38.10 -17.89
N LEU E 20 8.19 -38.90 -17.88
CA LEU E 20 9.10 -38.97 -16.75
C LEU E 20 10.18 -37.90 -16.87
N VAL E 21 10.74 -37.53 -15.73
CA VAL E 21 11.82 -36.56 -15.65
C VAL E 21 12.97 -37.17 -14.87
N HIS E 22 14.18 -37.04 -15.41
CA HIS E 22 15.37 -37.60 -14.79
C HIS E 22 16.38 -36.50 -14.51
N ASN E 23 17.25 -36.75 -13.53
CA ASN E 23 18.34 -35.84 -13.18
C ASN E 23 17.81 -34.45 -12.82
N LEU E 24 16.69 -34.42 -12.10
CA LEU E 24 16.09 -33.16 -11.68
C LEU E 24 17.02 -32.46 -10.70
N PRO E 25 17.29 -31.16 -10.87
CA PRO E 25 18.20 -30.45 -9.96
C PRO E 25 17.76 -30.53 -8.51
N GLN E 26 18.73 -30.43 -7.58
CA GLN E 26 18.42 -30.60 -6.17
C GLN E 26 17.56 -29.47 -5.62
N GLN E 27 17.96 -28.22 -5.90
CA GLN E 27 17.27 -27.05 -5.38
C GLN E 27 16.39 -26.47 -6.48
N LEU E 28 15.08 -26.46 -6.24
CA LEU E 28 14.11 -26.07 -7.24
C LEU E 28 13.14 -25.03 -6.70
N PHE E 29 12.61 -24.23 -7.62
CA PHE E 29 11.57 -23.25 -7.32
C PHE E 29 10.22 -23.61 -7.91
N GLY E 30 10.18 -24.33 -9.02
CA GLY E 30 8.92 -24.71 -9.64
C GLY E 30 9.16 -25.25 -11.03
N TYR E 31 8.10 -25.85 -11.58
CA TYR E 31 8.12 -26.44 -12.90
C TYR E 31 7.06 -25.80 -13.78
N SER E 32 7.12 -26.12 -15.07
CA SER E 32 6.10 -25.68 -16.02
C SER E 32 6.24 -26.51 -17.29
N TRP E 33 5.11 -26.96 -17.82
CA TRP E 33 5.08 -27.75 -19.04
C TRP E 33 4.42 -26.94 -20.15
N TYR E 34 5.08 -26.85 -21.30
CA TYR E 34 4.60 -26.07 -22.43
C TYR E 34 4.39 -26.99 -23.63
N LYS E 35 3.35 -26.70 -24.40
CA LYS E 35 3.10 -27.42 -25.63
C LYS E 35 3.95 -26.82 -26.75
N GLY E 36 4.65 -27.67 -27.49
CA GLY E 36 5.55 -27.22 -28.54
C GLY E 36 6.99 -27.11 -28.05
N GLU E 37 7.87 -26.82 -29.00
CA GLU E 37 9.30 -26.74 -28.72
C GLU E 37 9.69 -25.44 -28.02
N ARG E 38 8.79 -24.46 -27.96
CA ARG E 38 9.09 -23.16 -27.40
C ARG E 38 8.53 -23.05 -25.99
N VAL E 39 9.06 -22.10 -25.22
CA VAL E 39 8.48 -21.75 -23.93
C VAL E 39 7.77 -20.40 -24.11
N ASP E 40 6.44 -20.45 -24.18
CA ASP E 40 5.63 -19.26 -24.38
C ASP E 40 4.48 -19.28 -23.38
N GLY E 41 4.13 -18.10 -22.88
CA GLY E 41 3.10 -18.02 -21.87
C GLY E 41 1.75 -18.52 -22.37
N ASN E 42 1.50 -18.38 -23.67
CA ASN E 42 0.23 -18.84 -24.24
C ASN E 42 0.17 -20.36 -24.34
N ARG E 43 1.32 -21.03 -24.34
CA ARG E 43 1.37 -22.48 -24.49
C ARG E 43 1.53 -23.23 -23.17
N GLN E 44 1.48 -22.54 -22.03
CA GLN E 44 1.67 -23.22 -20.76
C GLN E 44 0.51 -24.16 -20.47
N ILE E 45 0.84 -25.43 -20.22
CA ILE E 45 -0.17 -26.44 -19.89
C ILE E 45 -0.48 -26.45 -18.41
N VAL E 46 0.56 -26.52 -17.57
CA VAL E 46 0.39 -26.60 -16.13
C VAL E 46 1.69 -26.12 -15.49
N GLY E 47 1.60 -25.69 -14.24
CA GLY E 47 2.77 -25.23 -13.51
C GLY E 47 2.66 -25.58 -12.05
N TYR E 48 3.80 -25.89 -11.45
CA TYR E 48 3.87 -26.26 -10.04
C TYR E 48 4.80 -25.29 -9.34
N ALA E 49 4.46 -24.95 -8.09
CA ALA E 49 5.27 -24.08 -7.25
C ALA E 49 5.59 -24.82 -5.96
N ILE E 50 6.85 -25.22 -5.81
CA ILE E 50 7.25 -26.03 -4.66
C ILE E 50 7.05 -25.25 -3.37
N GLY E 51 7.30 -23.93 -3.40
CA GLY E 51 7.20 -23.14 -2.18
C GLY E 51 5.84 -23.27 -1.50
N THR E 52 4.78 -22.92 -2.21
CA THR E 52 3.42 -22.99 -1.68
C THR E 52 2.75 -24.33 -1.95
N GLN E 53 3.40 -25.21 -2.71
CA GLN E 53 2.87 -26.52 -3.06
C GLN E 53 1.50 -26.39 -3.73
N GLN E 54 1.48 -25.68 -4.85
CA GLN E 54 0.25 -25.44 -5.59
C GLN E 54 0.48 -25.73 -7.07
N ALA E 55 -0.49 -26.40 -7.69
CA ALA E 55 -0.46 -26.72 -9.11
C ALA E 55 -1.56 -25.91 -9.79
N THR E 56 -1.19 -25.05 -10.73
CA THR E 56 -2.11 -24.14 -11.38
C THR E 56 -2.18 -24.45 -12.88
N PRO E 57 -3.34 -24.80 -13.41
CA PRO E 57 -3.45 -25.02 -14.85
C PRO E 57 -3.17 -23.74 -15.64
N GLY E 58 -2.64 -23.93 -16.84
CA GLY E 58 -2.31 -22.82 -17.70
C GLY E 58 -3.36 -22.59 -18.77
N PRO E 59 -3.14 -21.57 -19.61
CA PRO E 59 -4.10 -21.31 -20.69
C PRO E 59 -4.28 -22.45 -21.66
N ALA E 60 -3.23 -23.25 -21.89
CA ALA E 60 -3.30 -24.38 -22.81
C ALA E 60 -3.90 -25.63 -22.17
N ASN E 61 -4.23 -25.58 -20.89
CA ASN E 61 -4.80 -26.74 -20.22
C ASN E 61 -6.17 -27.07 -20.79
N SER E 62 -6.49 -28.36 -20.82
CA SER E 62 -7.79 -28.83 -21.29
C SER E 62 -8.48 -29.74 -20.27
N GLY E 63 -7.98 -29.80 -19.04
CA GLY E 63 -8.55 -30.64 -18.01
C GLY E 63 -8.06 -32.06 -18.00
N ARG E 64 -7.28 -32.47 -18.99
CA ARG E 64 -6.77 -33.84 -19.08
C ARG E 64 -5.33 -33.96 -18.57
N GLU E 65 -4.73 -32.88 -18.10
CA GLU E 65 -3.32 -32.85 -17.75
C GLU E 65 -3.16 -32.58 -16.26
N THR E 66 -2.39 -33.44 -15.59
CA THR E 66 -2.07 -33.28 -14.18
C THR E 66 -0.57 -33.36 -14.00
N ILE E 67 -0.04 -32.47 -13.16
CA ILE E 67 1.39 -32.43 -12.85
C ILE E 67 1.59 -33.10 -11.50
N TYR E 68 2.76 -33.69 -11.31
CA TYR E 68 3.13 -34.40 -10.09
C TYR E 68 4.29 -33.71 -9.40
N PRO E 69 4.45 -33.93 -8.09
CA PRO E 69 5.59 -33.33 -7.38
C PRO E 69 6.96 -33.71 -7.96
N ASN E 70 7.15 -34.93 -8.47
CA ASN E 70 8.38 -35.24 -9.17
C ASN E 70 8.35 -34.83 -10.65
N ALA E 71 7.86 -33.61 -10.92
CA ALA E 71 7.90 -32.94 -12.21
C ALA E 71 7.28 -33.75 -13.36
N SER E 72 6.53 -34.80 -13.08
CA SER E 72 5.99 -35.64 -14.14
C SER E 72 4.65 -35.08 -14.61
N LEU E 73 4.36 -35.25 -15.90
CA LEU E 73 3.11 -34.81 -16.49
C LEU E 73 2.33 -36.02 -16.99
N LEU E 74 1.07 -36.11 -16.59
CA LEU E 74 0.17 -37.19 -17.01
C LEU E 74 -0.94 -36.61 -17.87
N ILE E 75 -1.11 -37.17 -19.06
CA ILE E 75 -2.14 -36.74 -19.99
C ILE E 75 -3.10 -37.90 -20.21
N GLN E 76 -4.35 -37.72 -19.82
CA GLN E 76 -5.41 -38.70 -19.99
C GLN E 76 -6.28 -38.30 -21.17
N ASN E 77 -7.02 -39.27 -21.71
CA ASN E 77 -7.80 -39.05 -22.93
C ASN E 77 -6.94 -38.46 -24.04
N VAL E 78 -5.82 -39.10 -24.33
CA VAL E 78 -4.98 -38.61 -25.41
C VAL E 78 -5.73 -38.75 -26.74
N THR E 79 -5.55 -37.76 -27.61
CA THR E 79 -6.16 -37.73 -28.92
C THR E 79 -5.08 -37.51 -29.95
N GLN E 80 -5.45 -37.70 -31.22
CA GLN E 80 -4.47 -37.61 -32.30
C GLN E 80 -3.96 -36.17 -32.47
N ASN E 81 -4.68 -35.20 -31.90
CA ASN E 81 -4.25 -33.81 -31.98
C ASN E 81 -3.10 -33.51 -31.02
N ASP E 82 -2.88 -34.38 -30.02
CA ASP E 82 -1.84 -34.14 -29.03
C ASP E 82 -0.44 -34.49 -29.51
N THR E 83 -0.31 -35.16 -30.65
CA THR E 83 1.01 -35.56 -31.15
C THR E 83 1.87 -34.34 -31.41
N GLY E 84 2.97 -34.23 -30.68
CA GLY E 84 3.87 -33.10 -30.84
C GLY E 84 4.93 -33.10 -29.77
N PHE E 85 5.68 -32.00 -29.73
CA PHE E 85 6.76 -31.82 -28.77
C PHE E 85 6.24 -31.11 -27.52
N TYR E 86 6.80 -31.48 -26.39
CA TYR E 86 6.50 -30.84 -25.10
C TYR E 86 7.81 -30.46 -24.42
N THR E 87 7.85 -29.26 -23.87
CA THR E 87 9.03 -28.74 -23.21
C THR E 87 8.75 -28.52 -21.73
N LEU E 88 9.71 -28.91 -20.89
CA LEU E 88 9.62 -28.73 -19.46
C LEU E 88 10.57 -27.62 -19.04
N GLN E 89 10.04 -26.64 -18.30
CA GLN E 89 10.84 -25.56 -17.74
C GLN E 89 11.02 -25.83 -16.25
N VAL E 90 12.27 -25.88 -15.82
CA VAL E 90 12.63 -26.07 -14.41
C VAL E 90 13.31 -24.81 -13.92
N ILE E 91 12.76 -24.21 -12.86
CA ILE E 91 13.32 -23.01 -12.28
C ILE E 91 14.02 -23.40 -10.98
N LYS E 92 15.33 -23.20 -10.95
CA LYS E 92 16.14 -23.58 -9.80
C LYS E 92 15.95 -22.56 -8.67
N SER E 93 16.68 -22.80 -7.56
CA SER E 93 16.53 -21.95 -6.39
C SER E 93 16.94 -20.52 -6.69
N ASP E 94 18.03 -20.32 -7.42
CA ASP E 94 18.47 -18.99 -7.84
C ASP E 94 17.64 -18.44 -8.98
N LEU E 95 16.58 -19.13 -9.38
CA LEU E 95 15.60 -18.71 -10.39
C LEU E 95 16.20 -18.64 -11.79
N VAL E 96 17.22 -19.44 -12.08
CA VAL E 96 17.73 -19.57 -13.44
C VAL E 96 17.04 -20.75 -14.09
N ASN E 97 16.41 -20.50 -15.24
CA ASN E 97 15.60 -21.52 -15.90
C ASN E 97 16.46 -22.61 -16.52
N GLU E 98 15.94 -23.83 -16.50
CA GLU E 98 16.56 -24.97 -17.18
C GLU E 98 15.50 -25.62 -18.05
N GLU E 99 15.89 -26.06 -19.24
CA GLU E 99 14.95 -26.51 -20.25
C GLU E 99 15.22 -27.94 -20.66
N ALA E 100 14.15 -28.63 -21.04
CA ALA E 100 14.22 -29.98 -21.59
C ALA E 100 13.05 -30.15 -22.56
N THR E 101 13.03 -31.30 -23.24
CA THR E 101 12.01 -31.55 -24.24
C THR E 101 11.66 -33.03 -24.26
N GLY E 102 10.47 -33.32 -24.81
CA GLY E 102 10.01 -34.68 -24.95
C GLY E 102 8.84 -34.72 -25.92
N GLN E 103 8.61 -35.90 -26.48
CA GLN E 103 7.59 -36.05 -27.50
C GLN E 103 7.03 -37.46 -27.47
N PHE E 104 5.84 -37.60 -28.05
CA PHE E 104 5.21 -38.91 -28.21
C PHE E 104 4.27 -38.84 -29.41
N HIS E 105 3.98 -40.01 -29.98
CA HIS E 105 3.10 -40.13 -31.14
C HIS E 105 1.82 -40.85 -30.76
N VAL E 106 0.71 -40.35 -31.27
CA VAL E 106 -0.62 -40.94 -31.03
C VAL E 106 -1.08 -41.59 -32.32
N TYR E 107 -1.56 -42.82 -32.21
CA TYR E 107 -1.97 -43.58 -33.38
C TYR E 107 -3.37 -44.16 -33.16
N PRO E 108 -4.13 -44.37 -34.24
CA PRO E 108 -5.52 -44.81 -34.07
C PRO E 108 -5.63 -46.31 -33.95
N GLU E 109 -6.83 -46.75 -33.58
CA GLU E 109 -7.14 -48.17 -33.38
C GLU E 109 -7.53 -48.77 -34.71
N LEU E 110 -6.57 -49.43 -35.37
CA LEU E 110 -6.82 -50.00 -36.68
C LEU E 110 -7.74 -51.21 -36.58
N PRO E 111 -8.81 -51.24 -37.38
CA PRO E 111 -9.79 -52.33 -37.31
C PRO E 111 -9.37 -53.55 -38.10
N LYS E 112 -10.30 -54.51 -38.21
CA LYS E 112 -10.16 -55.51 -39.27
C LYS E 112 -10.07 -54.82 -40.61
N PRO E 113 -9.12 -55.19 -41.46
CA PRO E 113 -9.17 -54.78 -42.86
C PRO E 113 -10.04 -55.74 -43.66
N SER E 114 -10.11 -55.54 -44.97
CA SER E 114 -10.83 -56.45 -45.85
C SER E 114 -10.13 -56.44 -47.21
N ILE E 115 -10.35 -57.51 -47.97
CA ILE E 115 -9.61 -57.76 -49.20
C ILE E 115 -10.60 -57.86 -50.36
N SER E 116 -10.13 -57.51 -51.54
CA SER E 116 -10.92 -57.56 -52.76
C SER E 116 -10.09 -58.12 -53.90
N SER E 117 -10.77 -58.76 -54.85
CA SER E 117 -10.15 -59.32 -56.04
C SER E 117 -10.82 -58.75 -57.28
N ASN E 118 -10.03 -58.40 -58.29
CA ASN E 118 -10.63 -57.86 -59.50
C ASN E 118 -10.97 -58.95 -60.50
N ASN E 119 -10.71 -60.21 -60.17
CA ASN E 119 -11.14 -61.36 -60.96
C ASN E 119 -11.61 -62.45 -60.00
N SER E 120 -12.90 -62.74 -60.01
CA SER E 120 -13.48 -63.70 -59.08
C SER E 120 -13.16 -65.14 -59.42
N ASN E 121 -12.99 -65.48 -60.70
CA ASN E 121 -12.72 -66.85 -61.14
C ASN E 121 -11.42 -66.86 -61.94
N PRO E 122 -10.28 -67.00 -61.26
CA PRO E 122 -9.00 -67.07 -61.98
C PRO E 122 -8.98 -68.21 -62.98
N VAL E 123 -8.35 -67.97 -64.13
CA VAL E 123 -8.18 -69.00 -65.14
C VAL E 123 -7.09 -69.95 -64.67
N GLU E 124 -7.38 -71.26 -64.73
CA GLU E 124 -6.51 -72.24 -64.10
C GLU E 124 -5.11 -72.26 -64.71
N ASP E 125 -5.02 -72.21 -66.04
CA ASP E 125 -3.72 -72.32 -66.68
C ASP E 125 -2.84 -71.12 -66.38
N LYS E 126 -3.40 -69.92 -66.41
CA LYS E 126 -2.66 -68.70 -66.12
C LYS E 126 -3.64 -67.55 -65.95
N ASP E 127 -3.29 -66.61 -65.08
CA ASP E 127 -4.08 -65.41 -64.87
C ASP E 127 -3.21 -64.38 -64.17
N ALA E 128 -3.67 -63.13 -64.18
CA ALA E 128 -2.95 -62.02 -63.58
C ALA E 128 -3.79 -61.33 -62.51
N VAL E 129 -4.50 -62.12 -61.70
CA VAL E 129 -5.42 -61.55 -60.72
C VAL E 129 -4.65 -60.75 -59.67
N ALA E 130 -5.26 -59.67 -59.21
CA ALA E 130 -4.65 -58.77 -58.23
C ALA E 130 -5.46 -58.80 -56.93
N PHE E 131 -4.76 -58.72 -55.80
CA PHE E 131 -5.35 -58.71 -54.48
C PHE E 131 -5.03 -57.39 -53.79
N THR E 132 -6.04 -56.79 -53.17
CA THR E 132 -5.89 -55.49 -52.54
C THR E 132 -6.71 -55.42 -51.27
N CYS E 133 -6.13 -54.84 -50.21
CA CYS E 133 -6.87 -54.53 -48.99
C CYS E 133 -7.41 -53.11 -49.11
N GLU E 134 -8.73 -52.99 -49.22
CA GLU E 134 -9.42 -51.72 -49.47
C GLU E 134 -9.29 -50.65 -48.38
N PRO E 135 -9.43 -50.95 -47.07
CA PRO E 135 -9.62 -49.87 -46.10
C PRO E 135 -8.37 -49.04 -45.85
N GLU E 136 -8.16 -48.02 -46.69
CA GLU E 136 -6.93 -47.23 -46.63
C GLU E 136 -6.85 -46.41 -45.34
N THR E 137 -5.72 -46.54 -44.66
CA THR E 137 -5.38 -45.72 -43.50
C THR E 137 -3.97 -45.20 -43.66
N GLN E 138 -3.67 -44.11 -42.97
CA GLN E 138 -2.35 -43.50 -43.08
C GLN E 138 -1.33 -44.24 -42.20
N ASP E 139 -0.05 -43.98 -42.50
CA ASP E 139 1.12 -44.39 -41.72
C ASP E 139 1.05 -45.81 -41.18
N THR E 140 0.43 -46.71 -41.94
CA THR E 140 0.30 -48.12 -41.56
C THR E 140 1.28 -48.96 -42.34
N THR E 141 1.47 -50.20 -41.88
CA THR E 141 2.30 -51.19 -42.55
C THR E 141 1.46 -52.41 -42.89
N TYR E 142 1.56 -52.86 -44.14
CA TYR E 142 0.80 -54.01 -44.63
C TYR E 142 1.73 -55.20 -44.77
N LEU E 143 1.17 -56.41 -44.67
CA LEU E 143 1.89 -57.64 -44.92
C LEU E 143 0.88 -58.75 -45.23
N TRP E 144 1.27 -59.65 -46.14
CA TRP E 144 0.37 -60.66 -46.68
C TRP E 144 0.72 -62.03 -46.10
N TRP E 145 -0.31 -62.84 -45.88
CA TRP E 145 -0.13 -64.16 -45.29
C TRP E 145 -0.83 -65.17 -46.20
N ILE E 146 -0.07 -66.15 -46.70
CA ILE E 146 -0.59 -67.14 -47.65
C ILE E 146 -0.35 -68.53 -47.08
N ASN E 147 -1.32 -69.44 -47.31
CA ASN E 147 -1.43 -70.73 -46.63
C ASN E 147 -1.01 -70.57 -45.17
N ASN E 148 -1.45 -69.46 -44.58
CA ASN E 148 -1.02 -68.94 -43.29
C ASN E 148 0.48 -69.15 -43.09
N GLN E 149 1.28 -68.60 -44.01
CA GLN E 149 2.72 -68.46 -43.86
C GLN E 149 3.14 -67.23 -44.66
N SER E 150 4.21 -66.59 -44.19
CA SER E 150 4.62 -65.32 -44.78
C SER E 150 4.94 -65.49 -46.25
N LEU E 151 4.56 -64.49 -47.04
CA LEU E 151 4.60 -64.61 -48.50
C LEU E 151 6.03 -64.86 -48.97
N PRO E 152 6.26 -65.84 -49.85
CA PRO E 152 7.61 -66.11 -50.36
C PRO E 152 8.02 -65.06 -51.38
N VAL E 153 9.11 -64.34 -51.08
CA VAL E 153 9.56 -63.26 -51.95
C VAL E 153 9.93 -63.82 -53.31
N SER E 154 9.31 -63.27 -54.36
CA SER E 154 9.53 -63.72 -55.73
C SER E 154 9.05 -62.62 -56.66
N PRO E 155 9.68 -62.48 -57.84
CA PRO E 155 9.14 -61.53 -58.83
C PRO E 155 7.73 -61.88 -59.28
N ARG E 156 7.34 -63.15 -59.14
CA ARG E 156 5.98 -63.57 -59.44
C ARG E 156 4.95 -62.86 -58.58
N LEU E 157 5.31 -62.47 -57.35
CA LEU E 157 4.43 -61.72 -56.47
C LEU E 157 4.70 -60.24 -56.65
N GLN E 158 3.88 -59.60 -57.49
CA GLN E 158 4.02 -58.18 -57.76
C GLN E 158 3.27 -57.37 -56.71
N LEU E 159 3.85 -56.23 -56.32
CA LEU E 159 3.24 -55.32 -55.37
C LEU E 159 3.15 -53.93 -55.98
N SER E 160 1.96 -53.34 -55.87
CA SER E 160 1.71 -52.01 -56.41
C SER E 160 1.00 -51.17 -55.35
N ASN E 161 1.03 -49.85 -55.54
CA ASN E 161 0.53 -48.90 -54.57
C ASN E 161 1.20 -49.15 -53.22
N GLY E 162 2.51 -48.93 -53.21
CA GLY E 162 3.36 -49.43 -52.16
C GLY E 162 3.35 -50.95 -52.22
N ASN E 163 2.81 -51.59 -51.18
CA ASN E 163 2.52 -53.02 -51.26
C ASN E 163 1.15 -53.34 -50.66
N ARG E 164 0.22 -52.38 -50.74
CA ARG E 164 -1.17 -52.65 -50.36
C ARG E 164 -1.89 -53.50 -51.40
N THR E 165 -1.43 -53.49 -52.64
CA THR E 165 -1.99 -54.31 -53.70
C THR E 165 -1.01 -55.42 -54.05
N LEU E 166 -1.49 -56.66 -54.01
CA LEU E 166 -0.71 -57.83 -54.37
C LEU E 166 -1.26 -58.41 -55.67
N THR E 167 -0.44 -58.40 -56.72
CA THR E 167 -0.84 -58.90 -58.03
C THR E 167 -0.08 -60.19 -58.30
N LEU E 168 -0.80 -61.23 -58.68
CA LEU E 168 -0.21 -62.52 -59.00
C LEU E 168 -0.04 -62.60 -60.52
N LEU E 169 1.22 -62.56 -60.97
CA LEU E 169 1.49 -62.45 -62.41
C LEU E 169 0.98 -63.66 -63.18
N SER E 170 1.19 -64.86 -62.65
CA SER E 170 0.81 -66.10 -63.35
C SER E 170 0.32 -67.09 -62.31
N VAL E 171 -1.00 -67.24 -62.19
CA VAL E 171 -1.58 -68.11 -61.19
C VAL E 171 -1.53 -69.55 -61.68
N THR E 172 -1.57 -70.48 -60.72
CA THR E 172 -1.66 -71.91 -61.00
C THR E 172 -2.67 -72.52 -60.04
N ARG E 173 -3.20 -73.69 -60.41
CA ARG E 173 -4.14 -74.38 -59.54
C ARG E 173 -3.47 -74.82 -58.23
N ASN E 174 -2.15 -74.99 -58.24
CA ASN E 174 -1.42 -75.36 -57.03
C ASN E 174 -1.30 -74.21 -56.03
N ASP E 175 -1.66 -72.99 -56.43
CA ASP E 175 -1.57 -71.84 -55.54
C ASP E 175 -2.82 -71.64 -54.69
N THR E 176 -3.80 -72.54 -54.79
CA THR E 176 -5.04 -72.39 -54.04
C THR E 176 -4.76 -72.41 -52.54
N GLY E 177 -5.18 -71.35 -51.85
CA GLY E 177 -4.99 -71.24 -50.43
C GLY E 177 -5.70 -70.04 -49.85
N PRO E 178 -5.62 -69.87 -48.53
CA PRO E 178 -6.27 -68.72 -47.89
C PRO E 178 -5.40 -67.47 -47.97
N TYR E 179 -5.92 -66.44 -48.63
CA TYR E 179 -5.25 -65.16 -48.76
C TYR E 179 -5.79 -64.23 -47.69
N GLU E 180 -4.89 -63.54 -46.99
CA GLU E 180 -5.23 -62.85 -45.76
C GLU E 180 -4.17 -61.80 -45.48
N CYS E 181 -4.60 -60.56 -45.28
CA CYS E 181 -3.68 -59.44 -45.15
C CYS E 181 -3.88 -58.70 -43.84
N GLU E 182 -2.82 -58.04 -43.38
CA GLU E 182 -2.74 -57.38 -42.08
C GLU E 182 -2.44 -55.90 -42.28
N ILE E 183 -2.85 -55.11 -41.29
CA ILE E 183 -2.43 -53.73 -41.15
C ILE E 183 -1.86 -53.54 -39.75
N GLN E 184 -0.70 -52.90 -39.66
CA GLN E 184 -0.03 -52.77 -38.36
C GLN E 184 0.58 -51.39 -38.24
N ASN E 185 0.29 -50.73 -37.13
CA ASN E 185 0.90 -49.49 -36.70
C ASN E 185 1.71 -49.73 -35.43
N PRO E 186 2.52 -48.76 -35.01
CA PRO E 186 3.32 -48.95 -33.79
C PRO E 186 2.55 -49.39 -32.56
N VAL E 187 1.22 -49.32 -32.55
CA VAL E 187 0.48 -49.54 -31.32
C VAL E 187 -0.41 -50.78 -31.37
N SER E 188 -0.85 -51.18 -32.56
CA SER E 188 -1.80 -52.29 -32.63
C SER E 188 -1.75 -52.95 -34.00
N ALA E 189 -2.32 -54.17 -34.07
CA ALA E 189 -2.42 -54.94 -35.29
C ALA E 189 -3.35 -56.12 -35.09
N ASN E 190 -4.25 -56.34 -36.05
CA ASN E 190 -5.23 -57.42 -36.00
C ASN E 190 -5.88 -57.59 -37.37
N ARG E 191 -6.50 -58.76 -37.57
CA ARG E 191 -6.49 -59.42 -38.86
C ARG E 191 -7.81 -59.23 -39.62
N SER E 192 -7.75 -59.51 -40.92
CA SER E 192 -8.90 -59.56 -41.82
C SER E 192 -9.42 -61.00 -41.94
N ASP E 193 -10.29 -61.20 -42.93
CA ASP E 193 -10.87 -62.52 -43.15
C ASP E 193 -10.11 -63.25 -44.24
N PRO E 194 -9.73 -64.52 -44.03
CA PRO E 194 -9.02 -65.27 -45.08
C PRO E 194 -9.83 -65.36 -46.37
N VAL E 195 -9.16 -65.23 -47.51
CA VAL E 195 -9.78 -65.30 -48.82
C VAL E 195 -9.17 -66.45 -49.61
N THR E 196 -10.03 -67.27 -50.21
CA THR E 196 -9.61 -68.46 -50.95
C THR E 196 -9.56 -68.16 -52.44
N LEU E 197 -8.90 -69.07 -53.17
CA LEU E 197 -8.87 -69.05 -54.62
C LEU E 197 -9.90 -70.05 -55.15
N ASN E 198 -10.52 -69.72 -56.28
CA ASN E 198 -11.50 -70.60 -56.91
C ASN E 198 -10.91 -71.15 -58.19
N VAL E 199 -10.68 -72.47 -58.21
CA VAL E 199 -10.23 -73.19 -59.39
C VAL E 199 -11.01 -74.51 -59.46
N THR E 200 -10.83 -75.23 -60.56
CA THR E 200 -11.52 -76.51 -60.74
C THR E 200 -10.78 -77.39 -61.72
N GLN F 1 21.59 27.50 -25.01
CA GLN F 1 21.12 28.52 -24.08
C GLN F 1 19.62 28.81 -24.26
N LEU F 2 18.89 28.83 -23.14
CA LEU F 2 17.45 29.03 -23.20
C LEU F 2 17.13 30.52 -23.13
N THR F 3 16.44 31.01 -24.16
CA THR F 3 16.05 32.41 -24.22
C THR F 3 14.56 32.51 -24.52
N THR F 4 13.92 33.50 -23.91
CA THR F 4 12.51 33.77 -24.12
C THR F 4 12.36 35.17 -24.70
N GLU F 5 11.33 35.35 -25.54
CA GLU F 5 11.11 36.61 -26.24
C GLU F 5 9.63 36.94 -26.21
N SER F 6 9.29 38.11 -25.67
CA SER F 6 7.92 38.60 -25.64
C SER F 6 7.54 39.06 -27.04
N MET F 7 6.26 38.88 -27.39
CA MET F 7 5.77 39.26 -28.71
C MET F 7 4.33 39.76 -28.60
N PRO F 8 4.09 41.08 -28.66
CA PRO F 8 5.08 42.16 -28.75
C PRO F 8 5.66 42.53 -27.39
N PHE F 9 6.71 43.36 -27.37
CA PHE F 9 7.29 43.78 -26.09
C PHE F 9 6.36 44.70 -25.32
N ASN F 10 5.69 45.61 -26.02
CA ASN F 10 4.75 46.53 -25.42
C ASN F 10 3.33 46.20 -25.89
N VAL F 11 2.43 46.00 -24.93
CA VAL F 11 1.08 45.55 -25.22
C VAL F 11 0.08 46.58 -24.68
N ALA F 12 -0.91 46.91 -25.50
CA ALA F 12 -2.02 47.72 -25.04
C ALA F 12 -2.87 46.93 -24.06
N GLU F 13 -3.53 47.64 -23.15
CA GLU F 13 -4.35 46.98 -22.14
C GLU F 13 -5.50 46.22 -22.80
N GLY F 14 -5.76 45.02 -22.28
CA GLY F 14 -6.83 44.19 -22.79
C GLY F 14 -6.47 43.35 -24.01
N LYS F 15 -5.27 43.52 -24.54
CA LYS F 15 -4.80 42.71 -25.66
C LYS F 15 -4.11 41.46 -25.11
N GLU F 16 -3.44 40.72 -25.98
CA GLU F 16 -2.75 39.50 -25.60
C GLU F 16 -1.26 39.61 -25.92
N VAL F 17 -0.46 38.89 -25.14
CA VAL F 17 0.99 38.83 -25.34
C VAL F 17 1.40 37.36 -25.36
N LEU F 18 2.31 37.02 -26.27
CA LEU F 18 2.78 35.66 -26.44
C LEU F 18 4.29 35.61 -26.22
N LEU F 19 4.73 34.76 -25.30
CA LEU F 19 6.14 34.60 -24.98
C LEU F 19 6.67 33.39 -25.73
N LEU F 20 7.63 33.63 -26.63
CA LEU F 20 8.24 32.56 -27.42
C LEU F 20 9.43 31.98 -26.67
N VAL F 21 9.74 30.72 -26.98
CA VAL F 21 10.86 30.01 -26.38
C VAL F 21 11.76 29.50 -27.50
N HIS F 22 13.06 29.73 -27.37
CA HIS F 22 14.03 29.33 -28.38
C HIS F 22 15.07 28.41 -27.76
N ASN F 23 15.69 27.59 -28.62
CA ASN F 23 16.76 26.67 -28.23
C ASN F 23 16.31 25.74 -27.11
N LEU F 24 15.07 25.27 -27.20
CA LEU F 24 14.54 24.36 -26.19
C LEU F 24 15.29 23.04 -26.24
N PRO F 25 15.73 22.52 -25.08
CA PRO F 25 16.49 21.25 -25.08
C PRO F 25 15.75 20.10 -25.74
N GLN F 26 16.50 19.12 -26.25
CA GLN F 26 15.89 18.03 -27.00
C GLN F 26 15.06 17.12 -26.10
N GLN F 27 15.63 16.69 -24.97
CA GLN F 27 14.97 15.76 -24.06
C GLN F 27 14.40 16.53 -22.88
N LEU F 28 13.08 16.51 -22.74
CA LEU F 28 12.39 17.33 -21.75
C LEU F 28 11.44 16.47 -20.93
N PHE F 29 11.21 16.91 -19.69
CA PHE F 29 10.24 16.31 -18.79
C PHE F 29 9.03 17.19 -18.54
N GLY F 30 9.14 18.50 -18.71
CA GLY F 30 8.02 19.39 -18.51
C GLY F 30 8.50 20.81 -18.36
N TYR F 31 7.54 21.73 -18.38
CA TYR F 31 7.81 23.16 -18.24
C TYR F 31 7.04 23.73 -17.07
N SER F 32 7.33 25.00 -16.77
CA SER F 32 6.60 25.75 -15.75
C SER F 32 6.91 27.22 -15.93
N TRP F 33 5.90 28.06 -15.77
CA TRP F 33 6.06 29.51 -15.87
C TRP F 33 5.76 30.14 -14.52
N TYR F 34 6.67 30.97 -14.05
CA TYR F 34 6.55 31.62 -12.75
C TYR F 34 6.53 33.13 -12.93
N LYS F 35 5.70 33.80 -12.14
CA LYS F 35 5.65 35.26 -12.15
C LYS F 35 6.78 35.80 -11.29
N GLY F 36 7.51 36.78 -11.81
CA GLY F 36 8.64 37.36 -11.13
C GLY F 36 9.95 36.68 -11.52
N GLU F 37 11.04 37.30 -11.09
CA GLU F 37 12.39 36.81 -11.41
C GLU F 37 12.74 35.53 -10.68
N ARG F 38 11.96 35.14 -9.68
CA ARG F 38 12.28 33.98 -8.85
C ARG F 38 11.49 32.77 -9.32
N VAL F 39 11.92 31.58 -8.88
CA VAL F 39 11.18 30.36 -9.12
C VAL F 39 10.64 29.88 -7.77
N ASP F 40 9.40 30.24 -7.48
CA ASP F 40 8.77 29.91 -6.21
C ASP F 40 7.45 29.19 -6.48
N GLY F 41 7.14 28.22 -5.63
CA GLY F 41 5.94 27.43 -5.84
C GLY F 41 4.68 28.25 -5.72
N ASN F 42 4.73 29.34 -4.95
CA ASN F 42 3.56 30.20 -4.81
C ASN F 42 3.35 31.08 -6.04
N ARG F 43 4.37 31.26 -6.87
CA ARG F 43 4.28 32.10 -8.05
C ARG F 43 4.06 31.32 -9.34
N GLN F 44 3.84 30.01 -9.27
CA GLN F 44 3.66 29.23 -10.47
C GLN F 44 2.37 29.62 -11.18
N ILE F 45 2.47 29.98 -12.44
CA ILE F 45 1.33 30.35 -13.26
C ILE F 45 0.69 29.12 -13.89
N VAL F 46 1.49 28.30 -14.56
CA VAL F 46 0.99 27.11 -15.24
C VAL F 46 2.15 26.15 -15.42
N GLY F 47 1.86 24.88 -15.59
CA GLY F 47 2.88 23.88 -15.80
C GLY F 47 2.41 22.82 -16.78
N TYR F 48 3.36 22.31 -17.56
CA TYR F 48 3.09 21.28 -18.54
C TYR F 48 3.93 20.05 -18.22
N ALA F 49 3.34 18.87 -18.41
CA ALA F 49 4.01 17.60 -18.18
C ALA F 49 3.96 16.81 -19.48
N ILE F 50 5.10 16.73 -20.17
CA ILE F 50 5.13 16.10 -21.48
C ILE F 50 4.75 14.63 -21.40
N GLY F 51 5.17 13.94 -20.33
CA GLY F 51 4.87 12.53 -20.19
C GLY F 51 3.40 12.20 -20.32
N THR F 52 2.58 12.72 -19.41
CA THR F 52 1.14 12.51 -19.43
C THR F 52 0.41 13.52 -20.30
N GLN F 53 1.09 14.55 -20.81
CA GLN F 53 0.52 15.56 -21.68
C GLN F 53 -0.65 16.28 -21.00
N GLN F 54 -0.36 16.81 -19.81
CA GLN F 54 -1.34 17.53 -19.02
C GLN F 54 -0.84 18.94 -18.74
N ALA F 55 -1.75 19.91 -18.82
CA ALA F 55 -1.46 21.32 -18.54
C ALA F 55 -2.25 21.71 -17.31
N THR F 56 -1.56 21.86 -16.17
CA THR F 56 -2.20 22.13 -14.90
C THR F 56 -1.94 23.56 -14.47
N PRO F 57 -2.99 24.35 -14.23
CA PRO F 57 -2.80 25.71 -13.72
C PRO F 57 -2.19 25.71 -12.33
N GLY F 58 -1.50 26.79 -12.01
CA GLY F 58 -0.85 26.94 -10.73
C GLY F 58 -1.59 27.90 -9.82
N PRO F 59 -1.09 28.08 -8.60
CA PRO F 59 -1.74 29.01 -7.65
C PRO F 59 -1.82 30.43 -8.17
N ALA F 60 -0.87 30.87 -8.97
CA ALA F 60 -0.86 32.24 -9.50
C ALA F 60 -1.72 32.38 -10.75
N ASN F 61 -2.30 31.29 -11.24
CA ASN F 61 -3.13 31.37 -12.43
C ASN F 61 -4.38 32.20 -12.17
N SER F 62 -4.84 32.90 -13.21
CA SER F 62 -6.05 33.71 -13.14
C SER F 62 -7.04 33.37 -14.25
N GLY F 63 -6.83 32.26 -14.96
CA GLY F 63 -7.70 31.87 -16.05
C GLY F 63 -7.38 32.50 -17.39
N ARG F 64 -6.42 33.42 -17.45
CA ARG F 64 -6.07 34.10 -18.68
C ARG F 64 -4.80 33.56 -19.33
N GLU F 65 -4.20 32.51 -18.76
CA GLU F 65 -2.90 32.02 -19.20
C GLU F 65 -3.03 30.59 -19.71
N THR F 66 -2.44 30.33 -20.88
CA THR F 66 -2.42 29.01 -21.47
C THR F 66 -0.99 28.66 -21.86
N ILE F 67 -0.63 27.39 -21.67
CA ILE F 67 0.70 26.89 -21.99
C ILE F 67 0.58 26.01 -23.24
N TYR F 68 1.44 26.25 -24.20
CA TYR F 68 1.41 25.48 -25.43
C TYR F 68 2.40 24.33 -25.36
N PRO F 69 2.21 23.29 -26.17
CA PRO F 69 3.15 22.15 -26.14
C PRO F 69 4.60 22.53 -26.41
N ASN F 70 4.83 23.57 -27.22
CA ASN F 70 6.16 24.12 -27.46
C ASN F 70 6.52 25.23 -26.47
N ALA F 71 6.03 25.14 -25.23
CA ALA F 71 6.46 25.89 -24.06
C ALA F 71 6.11 27.37 -24.10
N SER F 72 5.52 27.86 -25.19
CA SER F 72 5.12 29.26 -25.26
C SER F 72 3.97 29.52 -24.30
N LEU F 73 3.95 30.71 -23.71
CA LEU F 73 2.90 31.12 -22.79
C LEU F 73 2.09 32.24 -23.43
N LEU F 74 0.77 32.08 -23.43
CA LEU F 74 -0.14 33.07 -23.97
C LEU F 74 -0.96 33.67 -22.84
N ILE F 75 -0.95 34.99 -22.73
CA ILE F 75 -1.69 35.71 -21.71
C ILE F 75 -2.69 36.62 -22.42
N GLN F 76 -3.98 36.34 -22.25
CA GLN F 76 -5.03 37.13 -22.86
C GLN F 76 -5.58 38.14 -21.86
N ASN F 77 -6.19 39.19 -22.40
CA ASN F 77 -6.83 40.22 -21.60
C ASN F 77 -5.84 40.82 -20.59
N VAL F 78 -4.70 41.27 -21.11
CA VAL F 78 -3.64 41.75 -20.24
C VAL F 78 -4.05 43.05 -19.56
N THR F 79 -3.53 43.25 -18.35
CA THR F 79 -3.82 44.44 -17.57
C THR F 79 -2.51 45.08 -17.12
N GLN F 80 -2.61 46.32 -16.64
CA GLN F 80 -1.41 47.06 -16.24
C GLN F 80 -0.74 46.42 -15.04
N ASN F 81 -1.45 45.57 -14.31
CA ASN F 81 -0.85 44.89 -13.17
C ASN F 81 0.09 43.76 -13.60
N ASP F 82 0.00 43.30 -14.85
CA ASP F 82 0.81 42.20 -15.32
C ASP F 82 2.24 42.60 -15.67
N THR F 83 2.53 43.90 -15.73
CA THR F 83 3.87 44.36 -16.09
C THR F 83 4.90 43.84 -15.10
N GLY F 84 5.83 43.02 -15.59
CA GLY F 84 6.85 42.47 -14.72
C GLY F 84 7.66 41.41 -15.44
N PHE F 85 8.50 40.73 -14.67
CA PHE F 85 9.35 39.68 -15.19
C PHE F 85 8.66 38.32 -15.05
N TYR F 86 8.92 37.45 -16.01
CA TYR F 86 8.43 36.07 -15.99
C TYR F 86 9.59 35.12 -16.24
N THR F 87 9.62 34.04 -15.48
CA THR F 87 10.68 33.04 -15.58
C THR F 87 10.10 31.72 -16.06
N LEU F 88 10.83 31.06 -16.95
CA LEU F 88 10.44 29.76 -17.49
C LEU F 88 11.35 28.69 -16.90
N GLN F 89 10.76 27.65 -16.34
CA GLN F 89 11.49 26.52 -15.80
C GLN F 89 11.35 25.35 -16.77
N VAL F 90 12.48 24.83 -17.23
CA VAL F 90 12.51 23.67 -18.13
C VAL F 90 13.22 22.54 -17.41
N ILE F 91 12.54 21.41 -17.29
CA ILE F 91 13.08 20.22 -16.64
C ILE F 91 13.43 19.20 -17.72
N LYS F 92 14.72 18.91 -17.84
CA LYS F 92 15.21 17.99 -18.85
C LYS F 92 14.90 16.55 -18.46
N SER F 93 15.32 15.62 -19.33
CA SER F 93 15.01 14.20 -19.09
C SER F 93 15.65 13.70 -17.81
N ASP F 94 16.90 14.07 -17.55
CA ASP F 94 17.58 13.72 -16.30
C ASP F 94 17.08 14.53 -15.12
N LEU F 95 16.10 15.40 -15.33
CA LEU F 95 15.43 16.20 -14.31
C LEU F 95 16.33 17.29 -13.72
N VAL F 96 17.30 17.77 -14.47
CA VAL F 96 18.09 18.93 -14.06
C VAL F 96 17.41 20.18 -14.59
N ASN F 97 17.11 21.12 -13.69
CA ASN F 97 16.32 22.28 -14.04
C ASN F 97 17.12 23.27 -14.87
N GLU F 98 16.44 23.93 -15.81
CA GLU F 98 17.02 24.99 -16.61
C GLU F 98 16.08 26.19 -16.59
N GLU F 99 16.63 27.38 -16.35
CA GLU F 99 15.85 28.58 -16.13
C GLU F 99 16.13 29.62 -17.21
N ALA F 100 15.11 30.42 -17.51
CA ALA F 100 15.22 31.54 -18.42
C ALA F 100 14.17 32.57 -18.03
N THR F 101 14.38 33.80 -18.49
CA THR F 101 13.54 34.91 -18.07
C THR F 101 13.05 35.69 -19.27
N GLY F 102 11.98 36.46 -19.04
CA GLY F 102 11.41 37.32 -20.06
C GLY F 102 10.48 38.32 -19.42
N GLN F 103 10.24 39.42 -20.13
CA GLN F 103 9.45 40.50 -19.58
C GLN F 103 8.73 41.25 -20.68
N PHE F 104 7.69 41.98 -20.29
CA PHE F 104 6.97 42.86 -21.20
C PHE F 104 6.34 43.97 -20.39
N HIS F 105 6.03 45.07 -21.07
CA HIS F 105 5.44 46.25 -20.45
C HIS F 105 4.02 46.44 -20.97
N VAL F 106 3.10 46.77 -20.07
CA VAL F 106 1.71 47.03 -20.41
C VAL F 106 1.48 48.53 -20.30
N TYR F 107 0.86 49.11 -21.32
CA TYR F 107 0.64 50.54 -21.39
C TYR F 107 -0.82 50.83 -21.71
N PRO F 108 -1.36 51.95 -21.24
CA PRO F 108 -2.77 52.26 -21.51
C PRO F 108 -2.94 52.97 -22.84
N GLU F 109 -4.16 52.83 -23.38
CA GLU F 109 -4.52 53.44 -24.65
C GLU F 109 -4.91 54.90 -24.39
N LEU F 110 -4.04 55.82 -24.76
CA LEU F 110 -4.24 57.23 -24.46
C LEU F 110 -5.26 57.85 -25.41
N PRO F 111 -6.12 58.73 -24.91
CA PRO F 111 -7.21 59.30 -25.72
C PRO F 111 -6.78 60.51 -26.54
N LYS F 112 -7.78 61.17 -27.13
CA LYS F 112 -7.61 62.56 -27.56
C LYS F 112 -7.10 63.38 -26.38
N PRO F 113 -6.02 64.13 -26.54
CA PRO F 113 -5.68 65.13 -25.54
C PRO F 113 -6.43 66.43 -25.80
N SER F 114 -6.18 67.45 -25.00
CA SER F 114 -6.79 68.76 -25.19
C SER F 114 -5.82 69.82 -24.74
N ILE F 115 -6.01 71.03 -25.25
CA ILE F 115 -5.05 72.12 -25.10
C ILE F 115 -5.73 73.28 -24.40
N SER F 116 -4.96 74.05 -23.63
CA SER F 116 -5.45 75.21 -22.91
C SER F 116 -4.47 76.35 -23.05
N SER F 117 -4.99 77.58 -22.99
CA SER F 117 -4.22 78.80 -23.06
C SER F 117 -4.65 79.72 -21.93
N ASN F 118 -3.69 80.43 -21.31
CA ASN F 118 -4.10 81.32 -20.24
C ASN F 118 -4.64 82.65 -20.76
N ASN F 119 -4.39 82.96 -22.03
CA ASN F 119 -4.78 84.22 -22.64
C ASN F 119 -5.53 83.95 -23.93
N SER F 120 -6.81 84.29 -23.95
CA SER F 120 -7.65 84.06 -25.12
C SER F 120 -7.38 85.05 -26.26
N ASN F 121 -6.91 86.26 -25.95
CA ASN F 121 -6.69 87.29 -26.96
C ASN F 121 -5.24 87.77 -26.84
N PRO F 122 -4.30 87.10 -27.50
CA PRO F 122 -2.91 87.56 -27.48
C PRO F 122 -2.79 88.99 -28.01
N VAL F 123 -1.92 89.76 -27.39
CA VAL F 123 -1.65 91.13 -27.84
C VAL F 123 -0.79 91.05 -29.09
N GLU F 124 -1.21 91.79 -30.13
CA GLU F 124 -0.61 91.60 -31.46
C GLU F 124 0.87 91.97 -31.47
N ASP F 125 1.24 93.08 -30.83
CA ASP F 125 2.63 93.53 -30.88
C ASP F 125 3.56 92.55 -30.16
N LYS F 126 3.14 92.06 -28.99
CA LYS F 126 3.93 91.13 -28.20
C LYS F 126 3.07 90.57 -27.07
N ASP F 127 3.32 89.31 -26.73
CA ASP F 127 2.65 88.67 -25.61
C ASP F 127 3.45 87.42 -25.24
N ALA F 128 3.20 86.90 -24.05
CA ALA F 128 3.90 85.73 -23.53
C ALA F 128 2.93 84.59 -23.26
N VAL F 129 1.99 84.37 -24.19
CA VAL F 129 0.96 83.37 -23.97
C VAL F 129 1.57 81.97 -23.89
N ALA F 130 0.97 81.12 -23.07
CA ALA F 130 1.47 79.78 -22.82
C ALA F 130 0.40 78.75 -23.19
N PHE F 131 0.83 77.69 -23.89
CA PHE F 131 -0.02 76.58 -24.25
C PHE F 131 0.34 75.36 -23.41
N THR F 132 -0.67 74.59 -23.02
CA THR F 132 -0.46 73.41 -22.20
C THR F 132 -1.49 72.35 -22.57
N CYS F 133 -1.04 71.10 -22.67
CA CYS F 133 -1.93 69.96 -22.87
C CYS F 133 -2.31 69.41 -21.51
N GLU F 134 -3.54 69.70 -21.09
CA GLU F 134 -4.03 69.40 -19.73
C GLU F 134 -4.05 67.92 -19.35
N PRO F 135 -4.50 66.97 -20.20
CA PRO F 135 -4.77 65.62 -19.69
C PRO F 135 -3.49 64.87 -19.33
N GLU F 136 -2.98 65.13 -18.13
CA GLU F 136 -1.71 64.55 -17.70
C GLU F 136 -1.79 63.03 -17.59
N THR F 137 -0.77 62.36 -18.12
CA THR F 137 -0.64 60.91 -18.04
C THR F 137 0.83 60.56 -17.82
N GLN F 138 1.06 59.37 -17.26
CA GLN F 138 2.40 58.94 -16.96
C GLN F 138 3.09 58.35 -18.19
N ASP F 139 4.40 58.19 -18.09
CA ASP F 139 5.31 57.53 -19.04
C ASP F 139 4.89 57.71 -20.49
N THR F 140 4.74 58.95 -20.94
CA THR F 140 4.35 59.25 -22.31
C THR F 140 5.20 60.40 -22.87
N THR F 141 5.18 60.55 -24.19
CA THR F 141 5.99 61.52 -24.90
C THR F 141 5.09 62.59 -25.53
N TYR F 142 5.49 63.85 -25.39
CA TYR F 142 4.69 65.00 -25.77
C TYR F 142 5.28 65.67 -27.00
N LEU F 143 4.43 65.96 -27.98
CA LEU F 143 4.85 66.50 -29.27
C LEU F 143 3.90 67.60 -29.70
N TRP F 144 4.45 68.72 -30.16
CA TRP F 144 3.67 69.88 -30.57
C TRP F 144 3.71 70.02 -32.09
N TRP F 145 2.69 70.68 -32.64
CA TRP F 145 2.53 70.78 -34.08
C TRP F 145 1.96 72.17 -34.42
N ILE F 146 2.66 72.89 -35.28
CA ILE F 146 2.28 74.25 -35.68
C ILE F 146 2.18 74.29 -37.20
N ASN F 147 1.15 74.97 -37.70
CA ASN F 147 0.75 75.07 -39.11
C ASN F 147 1.04 73.75 -39.83
N ASN F 148 0.63 72.67 -39.16
CA ASN F 148 0.90 71.28 -39.55
C ASN F 148 2.34 71.10 -40.03
N GLN F 149 3.30 71.48 -39.21
CA GLN F 149 4.71 71.14 -39.41
C GLN F 149 5.39 71.21 -38.05
N SER F 150 6.37 70.34 -37.85
CA SER F 150 6.97 70.18 -36.53
C SER F 150 7.58 71.49 -36.04
N LEU F 151 7.45 71.74 -34.75
CA LEU F 151 7.80 73.04 -34.20
C LEU F 151 9.27 73.35 -34.47
N PRO F 152 9.59 74.52 -35.02
CA PRO F 152 11.00 74.87 -35.30
C PRO F 152 11.72 75.24 -34.02
N VAL F 153 12.77 74.47 -33.71
CA VAL F 153 13.48 74.65 -32.45
C VAL F 153 14.07 76.04 -32.37
N SER F 154 13.80 76.73 -31.27
CA SER F 154 14.25 78.10 -31.06
C SER F 154 14.09 78.43 -29.59
N PRO F 155 14.94 79.31 -29.04
CA PRO F 155 14.71 79.76 -27.66
C PRO F 155 13.39 80.48 -27.49
N ARG F 156 12.83 80.99 -28.60
CA ARG F 156 11.49 81.56 -28.62
C ARG F 156 10.46 80.56 -28.10
N LEU F 157 10.61 79.27 -28.43
CA LEU F 157 9.64 78.26 -28.02
C LEU F 157 10.07 77.68 -26.67
N GLN F 158 9.59 78.30 -25.61
CA GLN F 158 9.87 77.84 -24.26
C GLN F 158 9.02 76.62 -23.92
N LEU F 159 9.58 75.73 -23.12
CA LEU F 159 8.89 74.52 -22.68
C LEU F 159 8.99 74.41 -21.17
N SER F 160 7.88 74.04 -20.53
CA SER F 160 7.81 73.96 -19.08
C SER F 160 7.08 72.69 -18.69
N ASN F 161 7.26 72.27 -17.44
CA ASN F 161 6.77 70.99 -16.94
C ASN F 161 7.23 69.87 -17.87
N GLY F 162 8.55 69.73 -17.95
CA GLY F 162 9.12 68.96 -19.04
C GLY F 162 8.87 69.73 -20.31
N ASN F 163 8.06 69.19 -21.21
CA ASN F 163 7.57 69.94 -22.37
C ASN F 163 6.11 69.62 -22.66
N ARG F 164 5.27 69.73 -21.63
CA ARG F 164 3.82 69.77 -21.80
C ARG F 164 3.28 71.19 -21.83
N THR F 165 4.05 72.16 -21.35
CA THR F 165 3.65 73.56 -21.35
C THR F 165 4.52 74.31 -22.36
N LEU F 166 3.87 74.85 -23.39
CA LEU F 166 4.57 75.60 -24.45
C LEU F 166 4.26 77.08 -24.26
N THR F 167 5.30 77.86 -23.98
CA THR F 167 5.16 79.29 -23.74
C THR F 167 5.75 80.05 -24.92
N LEU F 168 4.96 80.95 -25.50
CA LEU F 168 5.37 81.73 -26.66
C LEU F 168 5.84 83.09 -26.15
N LEU F 169 7.16 83.33 -26.21
CA LEU F 169 7.75 84.44 -25.47
C LEU F 169 7.26 85.80 -25.95
N SER F 170 7.27 86.04 -27.26
CA SER F 170 6.91 87.35 -27.80
C SER F 170 6.11 87.16 -29.08
N VAL F 171 4.79 86.99 -28.95
CA VAL F 171 3.95 86.60 -30.07
C VAL F 171 3.88 87.70 -31.11
N THR F 172 3.63 87.31 -32.35
CA THR F 172 3.43 88.23 -33.46
C THR F 172 2.20 87.79 -34.25
N ARG F 173 1.65 88.72 -35.03
CA ARG F 173 0.49 88.39 -35.84
C ARG F 173 0.82 87.37 -36.92
N ASN F 174 2.09 87.26 -37.29
CA ASN F 174 2.50 86.25 -38.28
C ASN F 174 2.55 84.85 -37.71
N ASP F 175 2.42 84.69 -36.40
CA ASP F 175 2.44 83.37 -35.77
C ASP F 175 1.08 82.68 -35.79
N THR F 176 0.06 83.32 -36.35
CA THR F 176 -1.28 82.73 -36.38
C THR F 176 -1.29 81.44 -37.18
N GLY F 177 -1.93 80.41 -36.63
CA GLY F 177 -2.06 79.13 -37.29
C GLY F 177 -2.76 78.11 -36.41
N PRO F 178 -2.79 76.86 -36.86
CA PRO F 178 -3.34 75.79 -36.03
C PRO F 178 -2.30 75.24 -35.07
N TYR F 179 -2.67 75.14 -33.80
CA TYR F 179 -1.81 74.59 -32.75
C TYR F 179 -2.44 73.30 -32.25
N GLU F 180 -1.65 72.23 -32.23
CA GLU F 180 -2.15 70.89 -32.05
C GLU F 180 -1.15 70.09 -31.22
N CYS F 181 -1.67 69.28 -30.30
CA CYS F 181 -0.85 68.59 -29.31
C CYS F 181 -0.98 67.09 -29.50
N GLU F 182 0.15 66.39 -29.35
CA GLU F 182 0.24 64.95 -29.56
C GLU F 182 0.77 64.27 -28.31
N ILE F 183 -0.01 63.33 -27.78
CA ILE F 183 0.37 62.51 -26.64
C ILE F 183 0.59 61.09 -27.15
N GLN F 184 1.81 60.60 -27.04
CA GLN F 184 2.17 59.30 -27.60
C GLN F 184 2.86 58.45 -26.55
N ASN F 185 2.62 57.15 -26.60
CA ASN F 185 3.28 56.15 -25.78
C ASN F 185 3.83 55.04 -26.67
N PRO F 186 4.62 54.11 -26.10
CA PRO F 186 5.14 53.01 -26.92
C PRO F 186 4.10 52.20 -27.67
N VAL F 187 2.82 52.26 -27.30
CA VAL F 187 1.84 51.34 -27.88
C VAL F 187 0.83 52.06 -28.77
N SER F 188 0.60 53.36 -28.53
CA SER F 188 -0.44 54.04 -29.28
C SER F 188 -0.18 55.54 -29.30
N ALA F 189 -0.90 56.23 -30.19
CA ALA F 189 -0.80 57.68 -30.30
C ALA F 189 -1.95 58.18 -31.18
N ASN F 190 -2.66 59.20 -30.70
CA ASN F 190 -3.60 59.93 -31.53
C ASN F 190 -3.79 61.32 -30.96
N ARG F 191 -4.29 62.21 -31.81
CA ARG F 191 -4.06 63.65 -31.69
C ARG F 191 -5.28 64.37 -31.11
N SER F 192 -5.09 65.66 -30.83
CA SER F 192 -6.09 66.55 -30.27
C SER F 192 -6.70 67.42 -31.37
N ASP F 193 -7.53 68.37 -30.95
CA ASP F 193 -8.17 69.28 -31.89
C ASP F 193 -7.33 70.54 -32.09
N PRO F 194 -7.05 70.95 -33.32
CA PRO F 194 -6.21 72.13 -33.55
C PRO F 194 -6.79 73.38 -32.89
N VAL F 195 -5.90 74.20 -32.32
CA VAL F 195 -6.26 75.46 -31.69
C VAL F 195 -5.60 76.60 -32.46
N THR F 196 -6.29 77.74 -32.53
CA THR F 196 -5.82 78.91 -33.26
C THR F 196 -5.68 80.11 -32.34
N LEU F 197 -5.00 81.14 -32.84
CA LEU F 197 -4.85 82.42 -32.15
C LEU F 197 -5.85 83.42 -32.69
N ASN F 198 -6.19 84.41 -31.88
CA ASN F 198 -7.07 85.50 -32.27
C ASN F 198 -6.28 86.80 -32.32
N VAL F 199 -6.11 87.32 -33.53
CA VAL F 199 -5.43 88.60 -33.76
C VAL F 199 -6.26 89.40 -34.75
N THR F 200 -5.99 90.70 -34.82
CA THR F 200 -6.72 91.58 -35.73
C THR F 200 -5.86 92.77 -36.15
#